data_5LOS
# 
_entry.id   5LOS 
# 
_audit_conform.dict_name       mmcif_pdbx.dic 
_audit_conform.dict_version    5.391 
_audit_conform.dict_location   http://mmcif.pdb.org/dictionaries/ascii/mmcif_pdbx.dic 
# 
loop_
_database_2.database_id 
_database_2.database_code 
_database_2.pdbx_database_accession 
_database_2.pdbx_DOI 
PDB   5LOS         pdb_00005los 10.2210/pdb5los/pdb 
WWPDB D_1200001115 ?            ?                   
# 
loop_
_pdbx_audit_revision_history.ordinal 
_pdbx_audit_revision_history.data_content_type 
_pdbx_audit_revision_history.major_revision 
_pdbx_audit_revision_history.minor_revision 
_pdbx_audit_revision_history.revision_date 
1 'Structure model' 1 0 2018-05-02 
2 'Structure model' 1 1 2021-03-31 
3 'Structure model' 1 2 2024-05-08 
# 
_pdbx_audit_revision_details.ordinal             1 
_pdbx_audit_revision_details.revision_ordinal    1 
_pdbx_audit_revision_details.data_content_type   'Structure model' 
_pdbx_audit_revision_details.provider            repository 
_pdbx_audit_revision_details.type                'Initial release' 
_pdbx_audit_revision_details.description         ? 
_pdbx_audit_revision_details.details             ? 
# 
loop_
_pdbx_audit_revision_group.ordinal 
_pdbx_audit_revision_group.revision_ordinal 
_pdbx_audit_revision_group.data_content_type 
_pdbx_audit_revision_group.group 
1 2 'Structure model' 'Database references'  
2 2 'Structure model' 'Derived calculations' 
3 3 'Structure model' 'Data collection'      
4 3 'Structure model' 'Database references'  
# 
loop_
_pdbx_audit_revision_category.ordinal 
_pdbx_audit_revision_category.revision_ordinal 
_pdbx_audit_revision_category.data_content_type 
_pdbx_audit_revision_category.category 
1 2 'Structure model' citation               
2 2 'Structure model' citation_author        
3 2 'Structure model' pdbx_struct_conn_angle 
4 2 'Structure model' struct_conn            
5 3 'Structure model' chem_comp_atom         
6 3 'Structure model' chem_comp_bond         
7 3 'Structure model' database_2             
# 
loop_
_pdbx_audit_revision_item.ordinal 
_pdbx_audit_revision_item.revision_ordinal 
_pdbx_audit_revision_item.data_content_type 
_pdbx_audit_revision_item.item 
1  2 'Structure model' '_citation.country'                         
2  2 'Structure model' '_citation.journal_abbrev'                  
3  2 'Structure model' '_citation.journal_id_CSD'                  
4  2 'Structure model' '_citation.journal_id_ISSN'                 
5  2 'Structure model' '_citation.journal_volume'                  
6  2 'Structure model' '_citation.page_first'                      
7  2 'Structure model' '_citation.page_last'                       
8  2 'Structure model' '_citation.pdbx_database_id_DOI'            
9  2 'Structure model' '_citation.pdbx_database_id_PubMed'         
10 2 'Structure model' '_citation.title'                           
11 2 'Structure model' '_citation.year'                            
12 2 'Structure model' '_pdbx_struct_conn_angle.ptnr1_auth_seq_id' 
13 2 'Structure model' '_pdbx_struct_conn_angle.ptnr3_auth_seq_id' 
14 2 'Structure model' '_pdbx_struct_conn_angle.value'             
15 2 'Structure model' '_struct_conn.pdbx_dist_value'              
16 2 'Structure model' '_struct_conn.ptnr2_auth_seq_id'            
17 3 'Structure model' '_database_2.pdbx_DOI'                      
18 3 'Structure model' '_database_2.pdbx_database_accession'       
# 
_pdbx_database_status.status_code                     REL 
_pdbx_database_status.status_code_sf                  REL 
_pdbx_database_status.status_code_mr                  ? 
_pdbx_database_status.entry_id                        5LOS 
_pdbx_database_status.recvd_initial_deposition_date   2016-08-09 
_pdbx_database_status.SG_entry                        N 
_pdbx_database_status.deposit_site                    PDBE 
_pdbx_database_status.process_site                    PDBE 
_pdbx_database_status.status_code_cs                  ? 
_pdbx_database_status.methods_development_category    ? 
_pdbx_database_status.pdb_format_compatible           Y 
_pdbx_database_status.status_code_nmr_data            ? 
# 
loop_
_audit_author.name 
_audit_author.pdbx_ordinal 
_audit_author.identifier_ORCID 
'Hartmann, M.D.' 1 ? 
'Albrecht, R.'   2 ? 
'Martin, J.'     3 ? 
'Lupas, A.N.'    4 ? 
# 
_citation.abstract                  ? 
_citation.abstract_id_CAS           ? 
_citation.book_id_ISBN              ? 
_citation.book_publisher            ? 
_citation.book_publisher_city       ? 
_citation.book_title                ? 
_citation.coordinate_linkage        ? 
_citation.country                   UK 
_citation.database_id_Medline       ? 
_citation.details                   ? 
_citation.id                        primary 
_citation.journal_abbrev            'New Phytol.' 
_citation.journal_id_ASTM           ? 
_citation.journal_id_CSD            ? 
_citation.journal_id_ISSN           1469-8137 
_citation.journal_full              ? 
_citation.journal_issue             ? 
_citation.journal_volume            227 
_citation.language                  ? 
_citation.page_first                1174 
_citation.page_last                 1188 
_citation.title                     
'A secreted fungal histidine- and alanine-rich protein regulates metal ion homeostasis and oxidative stress.' 
_citation.year                      2020 
_citation.database_id_CSD           ? 
_citation.pdbx_database_id_DOI      10.1111/nph.16606 
_citation.pdbx_database_id_PubMed   32285459 
_citation.unpublished_flag          ? 
# 
loop_
_citation_author.citation_id 
_citation_author.name 
_citation_author.ordinal 
_citation_author.identifier_ORCID 
primary 'Nostadt, R.'      1  ?                   
primary 'Hilbert, M.'      2  ?                   
primary 'Nizam, S.'        3  0000-0002-9767-4882 
primary 'Rovenich, H.'     4  ?                   
primary 'Wawra, S.'        5  0000-0001-8555-1618 
primary 'Martin, J.'       6  0000-0003-1398-0274 
primary 'Kupper, H.'       7  0000-0003-0712-7023 
primary 'Mijovilovich, A.' 8  0000-0002-7889-3211 
primary 'Ursinus, A.'      9  ?                   
primary 'Langen, G.'       10 0000-0002-8321-1756 
primary 'Hartmann, M.D.'   11 0000-0001-6937-5677 
primary 'Lupas, A.N.'      12 0000-0002-1959-4836 
primary 'Zuccaro, A.'      13 0000-0002-8026-0114 
# 
loop_
_entity.id 
_entity.type 
_entity.src_method 
_entity.pdbx_description 
_entity.formula_weight 
_entity.pdbx_number_of_molecules 
_entity.pdbx_ec 
_entity.pdbx_mutation 
_entity.pdbx_fragment 
_entity.details 
1 polymer     man PIIN_05872    13003.274 1  ? ? ? ? 
2 non-polymer syn 'ZINC ION'    65.409    1  ? ? ? ? 
3 non-polymer syn 'SULFATE ION' 96.063    1  ? ? ? ? 
4 water       nat water         18.015    84 ? ? ? ? 
# 
_entity_poly.entity_id                      1 
_entity_poly.type                           'polypeptide(L)' 
_entity_poly.nstd_linkage                   no 
_entity_poly.nstd_monomer                   no 
_entity_poly.pdbx_seq_one_letter_code       
;GPGSAPLPNPPMTPAQHYAQAIHHEGLARHHTTVAEDHRQTANLHDNRIKAAKARYNAGLDPNGLTSAQKHQIERDHHLS
LAAQAERHAATHNREAAYHRLHSQTPAPGTKRSIDELD
;
_entity_poly.pdbx_seq_one_letter_code_can   
;GPGSAPLPNPPMTPAQHYAQAIHHEGLARHHTTVAEDHRQTANLHDNRIKAAKARYNAGLDPNGLTSAQKHQIERDHHLS
LAAQAERHAATHNREAAYHRLHSQTPAPGTKRSIDELD
;
_entity_poly.pdbx_strand_id                 A 
_entity_poly.pdbx_target_identifier         ? 
# 
loop_
_pdbx_entity_nonpoly.entity_id 
_pdbx_entity_nonpoly.name 
_pdbx_entity_nonpoly.comp_id 
2 'ZINC ION'    ZN  
3 'SULFATE ION' SO4 
4 water         HOH 
# 
loop_
_entity_poly_seq.entity_id 
_entity_poly_seq.num 
_entity_poly_seq.mon_id 
_entity_poly_seq.hetero 
1 1   GLY n 
1 2   PRO n 
1 3   GLY n 
1 4   SER n 
1 5   ALA n 
1 6   PRO n 
1 7   LEU n 
1 8   PRO n 
1 9   ASN n 
1 10  PRO n 
1 11  PRO n 
1 12  MET n 
1 13  THR n 
1 14  PRO n 
1 15  ALA n 
1 16  GLN n 
1 17  HIS n 
1 18  TYR n 
1 19  ALA n 
1 20  GLN n 
1 21  ALA n 
1 22  ILE n 
1 23  HIS n 
1 24  HIS n 
1 25  GLU n 
1 26  GLY n 
1 27  LEU n 
1 28  ALA n 
1 29  ARG n 
1 30  HIS n 
1 31  HIS n 
1 32  THR n 
1 33  THR n 
1 34  VAL n 
1 35  ALA n 
1 36  GLU n 
1 37  ASP n 
1 38  HIS n 
1 39  ARG n 
1 40  GLN n 
1 41  THR n 
1 42  ALA n 
1 43  ASN n 
1 44  LEU n 
1 45  HIS n 
1 46  ASP n 
1 47  ASN n 
1 48  ARG n 
1 49  ILE n 
1 50  LYS n 
1 51  ALA n 
1 52  ALA n 
1 53  LYS n 
1 54  ALA n 
1 55  ARG n 
1 56  TYR n 
1 57  ASN n 
1 58  ALA n 
1 59  GLY n 
1 60  LEU n 
1 61  ASP n 
1 62  PRO n 
1 63  ASN n 
1 64  GLY n 
1 65  LEU n 
1 66  THR n 
1 67  SER n 
1 68  ALA n 
1 69  GLN n 
1 70  LYS n 
1 71  HIS n 
1 72  GLN n 
1 73  ILE n 
1 74  GLU n 
1 75  ARG n 
1 76  ASP n 
1 77  HIS n 
1 78  HIS n 
1 79  LEU n 
1 80  SER n 
1 81  LEU n 
1 82  ALA n 
1 83  ALA n 
1 84  GLN n 
1 85  ALA n 
1 86  GLU n 
1 87  ARG n 
1 88  HIS n 
1 89  ALA n 
1 90  ALA n 
1 91  THR n 
1 92  HIS n 
1 93  ASN n 
1 94  ARG n 
1 95  GLU n 
1 96  ALA n 
1 97  ALA n 
1 98  TYR n 
1 99  HIS n 
1 100 ARG n 
1 101 LEU n 
1 102 HIS n 
1 103 SER n 
1 104 GLN n 
1 105 THR n 
1 106 PRO n 
1 107 ALA n 
1 108 PRO n 
1 109 GLY n 
1 110 THR n 
1 111 LYS n 
1 112 ARG n 
1 113 SER n 
1 114 ILE n 
1 115 ASP n 
1 116 GLU n 
1 117 LEU n 
1 118 ASP n 
# 
_entity_src_gen.entity_id                          1 
_entity_src_gen.pdbx_src_id                        1 
_entity_src_gen.pdbx_alt_source_flag               sample 
_entity_src_gen.pdbx_seq_type                      'Biological sequence' 
_entity_src_gen.pdbx_beg_seq_num                   1 
_entity_src_gen.pdbx_end_seq_num                   118 
_entity_src_gen.gene_src_common_name               ? 
_entity_src_gen.gene_src_genus                     ? 
_entity_src_gen.pdbx_gene_src_gene                 PIIN_05872 
_entity_src_gen.gene_src_species                   ? 
_entity_src_gen.gene_src_strain                    'DSM 11827' 
_entity_src_gen.gene_src_tissue                    ? 
_entity_src_gen.gene_src_tissue_fraction           ? 
_entity_src_gen.gene_src_details                   ? 
_entity_src_gen.pdbx_gene_src_fragment             ? 
_entity_src_gen.pdbx_gene_src_scientific_name      'Piriformospora indica' 
_entity_src_gen.pdbx_gene_src_ncbi_taxonomy_id     1109443 
_entity_src_gen.pdbx_gene_src_variant              ? 
_entity_src_gen.pdbx_gene_src_cell_line            ? 
_entity_src_gen.pdbx_gene_src_atcc                 ? 
_entity_src_gen.pdbx_gene_src_organ                ? 
_entity_src_gen.pdbx_gene_src_organelle            ? 
_entity_src_gen.pdbx_gene_src_cell                 ? 
_entity_src_gen.pdbx_gene_src_cellular_location    ? 
_entity_src_gen.host_org_common_name               ? 
_entity_src_gen.pdbx_host_org_scientific_name      'Escherichia coli' 
_entity_src_gen.pdbx_host_org_ncbi_taxonomy_id     562 
_entity_src_gen.host_org_genus                     ? 
_entity_src_gen.pdbx_host_org_gene                 ? 
_entity_src_gen.pdbx_host_org_organ                ? 
_entity_src_gen.host_org_species                   ? 
_entity_src_gen.pdbx_host_org_tissue               ? 
_entity_src_gen.pdbx_host_org_tissue_fraction      ? 
_entity_src_gen.pdbx_host_org_strain               ? 
_entity_src_gen.pdbx_host_org_variant              ? 
_entity_src_gen.pdbx_host_org_cell_line            ? 
_entity_src_gen.pdbx_host_org_atcc                 ? 
_entity_src_gen.pdbx_host_org_culture_collection   ? 
_entity_src_gen.pdbx_host_org_cell                 ? 
_entity_src_gen.pdbx_host_org_organelle            ? 
_entity_src_gen.pdbx_host_org_cellular_location    ? 
_entity_src_gen.pdbx_host_org_vector_type          ? 
_entity_src_gen.pdbx_host_org_vector               ? 
_entity_src_gen.host_org_details                   ? 
_entity_src_gen.expression_system_id               ? 
_entity_src_gen.plasmid_name                       ? 
_entity_src_gen.plasmid_details                    ? 
_entity_src_gen.pdbx_description                   ? 
# 
loop_
_chem_comp.id 
_chem_comp.type 
_chem_comp.mon_nstd_flag 
_chem_comp.name 
_chem_comp.pdbx_synonyms 
_chem_comp.formula 
_chem_comp.formula_weight 
ALA 'L-peptide linking' y ALANINE         ? 'C3 H7 N O2'     89.093  
ARG 'L-peptide linking' y ARGININE        ? 'C6 H15 N4 O2 1' 175.209 
ASN 'L-peptide linking' y ASPARAGINE      ? 'C4 H8 N2 O3'    132.118 
ASP 'L-peptide linking' y 'ASPARTIC ACID' ? 'C4 H7 N O4'     133.103 
GLN 'L-peptide linking' y GLUTAMINE       ? 'C5 H10 N2 O3'   146.144 
GLU 'L-peptide linking' y 'GLUTAMIC ACID' ? 'C5 H9 N O4'     147.129 
GLY 'peptide linking'   y GLYCINE         ? 'C2 H5 N O2'     75.067  
HIS 'L-peptide linking' y HISTIDINE       ? 'C6 H10 N3 O2 1' 156.162 
HOH non-polymer         . WATER           ? 'H2 O'           18.015  
ILE 'L-peptide linking' y ISOLEUCINE      ? 'C6 H13 N O2'    131.173 
LEU 'L-peptide linking' y LEUCINE         ? 'C6 H13 N O2'    131.173 
LYS 'L-peptide linking' y LYSINE          ? 'C6 H15 N2 O2 1' 147.195 
MET 'L-peptide linking' y METHIONINE      ? 'C5 H11 N O2 S'  149.211 
PRO 'L-peptide linking' y PROLINE         ? 'C5 H9 N O2'     115.130 
SER 'L-peptide linking' y SERINE          ? 'C3 H7 N O3'     105.093 
SO4 non-polymer         . 'SULFATE ION'   ? 'O4 S -2'        96.063  
THR 'L-peptide linking' y THREONINE       ? 'C4 H9 N O3'     119.119 
TYR 'L-peptide linking' y TYROSINE        ? 'C9 H11 N O3'    181.189 
VAL 'L-peptide linking' y VALINE          ? 'C5 H11 N O2'    117.146 
ZN  non-polymer         . 'ZINC ION'      ? 'Zn 2'           65.409  
# 
loop_
_pdbx_poly_seq_scheme.asym_id 
_pdbx_poly_seq_scheme.entity_id 
_pdbx_poly_seq_scheme.seq_id 
_pdbx_poly_seq_scheme.mon_id 
_pdbx_poly_seq_scheme.ndb_seq_num 
_pdbx_poly_seq_scheme.pdb_seq_num 
_pdbx_poly_seq_scheme.auth_seq_num 
_pdbx_poly_seq_scheme.pdb_mon_id 
_pdbx_poly_seq_scheme.auth_mon_id 
_pdbx_poly_seq_scheme.pdb_strand_id 
_pdbx_poly_seq_scheme.pdb_ins_code 
_pdbx_poly_seq_scheme.hetero 
A 1 1   GLY 1   1   ?   ?   ?   A . n 
A 1 2   PRO 2   2   ?   ?   ?   A . n 
A 1 3   GLY 3   3   ?   ?   ?   A . n 
A 1 4   SER 4   4   ?   ?   ?   A . n 
A 1 5   ALA 5   5   ?   ?   ?   A . n 
A 1 6   PRO 6   6   ?   ?   ?   A . n 
A 1 7   LEU 7   7   ?   ?   ?   A . n 
A 1 8   PRO 8   8   ?   ?   ?   A . n 
A 1 9   ASN 9   9   ?   ?   ?   A . n 
A 1 10  PRO 10  10  ?   ?   ?   A . n 
A 1 11  PRO 11  11  ?   ?   ?   A . n 
A 1 12  MET 12  12  ?   ?   ?   A . n 
A 1 13  THR 13  13  ?   ?   ?   A . n 
A 1 14  PRO 14  14  ?   ?   ?   A . n 
A 1 15  ALA 15  15  15  ALA ALA A . n 
A 1 16  GLN 16  16  16  GLN GLN A . n 
A 1 17  HIS 17  17  17  HIS HIS A . n 
A 1 18  TYR 18  18  18  TYR TYR A . n 
A 1 19  ALA 19  19  19  ALA ALA A . n 
A 1 20  GLN 20  20  20  GLN GLN A . n 
A 1 21  ALA 21  21  21  ALA ALA A . n 
A 1 22  ILE 22  22  22  ILE ILE A . n 
A 1 23  HIS 23  23  23  HIS HIS A . n 
A 1 24  HIS 24  24  24  HIS HIS A . n 
A 1 25  GLU 25  25  25  GLU GLU A . n 
A 1 26  GLY 26  26  26  GLY GLY A . n 
A 1 27  LEU 27  27  27  LEU LEU A . n 
A 1 28  ALA 28  28  28  ALA ALA A . n 
A 1 29  ARG 29  29  29  ARG ARG A . n 
A 1 30  HIS 30  30  30  HIS HIS A . n 
A 1 31  HIS 31  31  31  HIS HIS A . n 
A 1 32  THR 32  32  32  THR THR A . n 
A 1 33  THR 33  33  33  THR THR A . n 
A 1 34  VAL 34  34  34  VAL VAL A . n 
A 1 35  ALA 35  35  35  ALA ALA A . n 
A 1 36  GLU 36  36  36  GLU GLU A . n 
A 1 37  ASP 37  37  37  ASP ASP A . n 
A 1 38  HIS 38  38  38  HIS HIS A . n 
A 1 39  ARG 39  39  39  ARG ARG A . n 
A 1 40  GLN 40  40  40  GLN GLN A . n 
A 1 41  THR 41  41  41  THR THR A . n 
A 1 42  ALA 42  42  42  ALA ALA A . n 
A 1 43  ASN 43  43  43  ASN ASN A . n 
A 1 44  LEU 44  44  44  LEU LEU A . n 
A 1 45  HIS 45  45  45  HIS HIS A . n 
A 1 46  ASP 46  46  46  ASP ASP A . n 
A 1 47  ASN 47  47  47  ASN ASN A . n 
A 1 48  ARG 48  48  48  ARG ARG A . n 
A 1 49  ILE 49  49  49  ILE ILE A . n 
A 1 50  LYS 50  50  50  LYS LYS A . n 
A 1 51  ALA 51  51  51  ALA ALA A . n 
A 1 52  ALA 52  52  52  ALA ALA A . n 
A 1 53  LYS 53  53  53  LYS LYS A . n 
A 1 54  ALA 54  54  54  ALA ALA A . n 
A 1 55  ARG 55  55  55  ARG ARG A . n 
A 1 56  TYR 56  56  56  TYR TYR A . n 
A 1 57  ASN 57  57  57  ASN ASN A . n 
A 1 58  ALA 58  58  58  ALA ALA A . n 
A 1 59  GLY 59  59  59  GLY GLY A . n 
A 1 60  LEU 60  60  60  LEU LEU A . n 
A 1 61  ASP 61  61  61  ASP ASP A . n 
A 1 62  PRO 62  62  62  PRO PRO A . n 
A 1 63  ASN 63  63  63  ASN ASN A . n 
A 1 64  GLY 64  64  64  GLY GLY A . n 
A 1 65  LEU 65  65  65  LEU LEU A . n 
A 1 66  THR 66  66  66  THR THR A . n 
A 1 67  SER 67  67  67  SER SER A . n 
A 1 68  ALA 68  68  68  ALA ALA A . n 
A 1 69  GLN 69  69  69  GLN GLN A . n 
A 1 70  LYS 70  70  70  LYS LYS A . n 
A 1 71  HIS 71  71  71  HIS HIS A . n 
A 1 72  GLN 72  72  72  GLN GLN A . n 
A 1 73  ILE 73  73  73  ILE ILE A . n 
A 1 74  GLU 74  74  74  GLU GLU A . n 
A 1 75  ARG 75  75  75  ARG ARG A . n 
A 1 76  ASP 76  76  76  ASP ASP A . n 
A 1 77  HIS 77  77  77  HIS HIS A . n 
A 1 78  HIS 78  78  78  HIS HIS A . n 
A 1 79  LEU 79  79  79  LEU LEU A . n 
A 1 80  SER 80  80  80  SER SER A . n 
A 1 81  LEU 81  81  81  LEU LEU A . n 
A 1 82  ALA 82  82  82  ALA ALA A . n 
A 1 83  ALA 83  83  83  ALA ALA A . n 
A 1 84  GLN 84  84  84  GLN GLN A . n 
A 1 85  ALA 85  85  85  ALA ALA A . n 
A 1 86  GLU 86  86  86  GLU GLU A . n 
A 1 87  ARG 87  87  87  ARG ARG A . n 
A 1 88  HIS 88  88  88  HIS HIS A . n 
A 1 89  ALA 89  89  89  ALA ALA A . n 
A 1 90  ALA 90  90  90  ALA ALA A . n 
A 1 91  THR 91  91  91  THR THR A . n 
A 1 92  HIS 92  92  92  HIS HIS A . n 
A 1 93  ASN 93  93  93  ASN ASN A . n 
A 1 94  ARG 94  94  94  ARG ARG A . n 
A 1 95  GLU 95  95  95  GLU GLU A . n 
A 1 96  ALA 96  96  96  ALA ALA A . n 
A 1 97  ALA 97  97  97  ALA ALA A . n 
A 1 98  TYR 98  98  98  TYR TYR A . n 
A 1 99  HIS 99  99  99  HIS HIS A . n 
A 1 100 ARG 100 100 100 ARG ARG A . n 
A 1 101 LEU 101 101 101 LEU LEU A . n 
A 1 102 HIS 102 102 102 HIS HIS A . n 
A 1 103 SER 103 103 103 SER SER A . n 
A 1 104 GLN 104 104 ?   ?   ?   A . n 
A 1 105 THR 105 105 ?   ?   ?   A . n 
A 1 106 PRO 106 106 ?   ?   ?   A . n 
A 1 107 ALA 107 107 ?   ?   ?   A . n 
A 1 108 PRO 108 108 ?   ?   ?   A . n 
A 1 109 GLY 109 109 ?   ?   ?   A . n 
A 1 110 THR 110 110 ?   ?   ?   A . n 
A 1 111 LYS 111 111 ?   ?   ?   A . n 
A 1 112 ARG 112 112 ?   ?   ?   A . n 
A 1 113 SER 113 113 ?   ?   ?   A . n 
A 1 114 ILE 114 114 ?   ?   ?   A . n 
A 1 115 ASP 115 115 ?   ?   ?   A . n 
A 1 116 GLU 116 116 ?   ?   ?   A . n 
A 1 117 LEU 117 117 ?   ?   ?   A . n 
A 1 118 ASP 118 118 ?   ?   ?   A . n 
# 
loop_
_pdbx_nonpoly_scheme.asym_id 
_pdbx_nonpoly_scheme.entity_id 
_pdbx_nonpoly_scheme.mon_id 
_pdbx_nonpoly_scheme.ndb_seq_num 
_pdbx_nonpoly_scheme.pdb_seq_num 
_pdbx_nonpoly_scheme.auth_seq_num 
_pdbx_nonpoly_scheme.pdb_mon_id 
_pdbx_nonpoly_scheme.auth_mon_id 
_pdbx_nonpoly_scheme.pdb_strand_id 
_pdbx_nonpoly_scheme.pdb_ins_code 
B 2 ZN  1  201 1   ZN  ZN  A . 
C 3 SO4 1  202 1   SO4 SO4 A . 
D 4 HOH 1  301 147 HOH HOH A . 
D 4 HOH 2  302 156 HOH HOH A . 
D 4 HOH 3  303 36  HOH HOH A . 
D 4 HOH 4  304 18  HOH HOH A . 
D 4 HOH 5  305 28  HOH HOH A . 
D 4 HOH 6  306 157 HOH HOH A . 
D 4 HOH 7  307 163 HOH HOH A . 
D 4 HOH 8  308 24  HOH HOH A . 
D 4 HOH 9  309 132 HOH HOH A . 
D 4 HOH 10 310 125 HOH HOH A . 
D 4 HOH 11 311 21  HOH HOH A . 
D 4 HOH 12 312 139 HOH HOH A . 
D 4 HOH 13 313 158 HOH HOH A . 
D 4 HOH 14 314 46  HOH HOH A . 
D 4 HOH 15 315 14  HOH HOH A . 
D 4 HOH 16 316 44  HOH HOH A . 
D 4 HOH 17 317 40  HOH HOH A . 
D 4 HOH 18 318 153 HOH HOH A . 
D 4 HOH 19 319 22  HOH HOH A . 
D 4 HOH 20 320 126 HOH HOH A . 
D 4 HOH 21 321 23  HOH HOH A . 
D 4 HOH 22 322 7   HOH HOH A . 
D 4 HOH 23 323 150 HOH HOH A . 
D 4 HOH 24 324 32  HOH HOH A . 
D 4 HOH 25 325 80  HOH HOH A . 
D 4 HOH 26 326 8   HOH HOH A . 
D 4 HOH 27 327 10  HOH HOH A . 
D 4 HOH 28 328 146 HOH HOH A . 
D 4 HOH 29 329 11  HOH HOH A . 
D 4 HOH 30 330 19  HOH HOH A . 
D 4 HOH 31 331 33  HOH HOH A . 
D 4 HOH 32 332 72  HOH HOH A . 
D 4 HOH 33 333 16  HOH HOH A . 
D 4 HOH 34 334 26  HOH HOH A . 
D 4 HOH 35 335 136 HOH HOH A . 
D 4 HOH 36 336 38  HOH HOH A . 
D 4 HOH 37 337 56  HOH HOH A . 
D 4 HOH 38 338 135 HOH HOH A . 
D 4 HOH 39 339 165 HOH HOH A . 
D 4 HOH 40 340 109 HOH HOH A . 
D 4 HOH 41 341 164 HOH HOH A . 
D 4 HOH 42 342 64  HOH HOH A . 
D 4 HOH 43 343 27  HOH HOH A . 
D 4 HOH 44 344 67  HOH HOH A . 
D 4 HOH 45 345 31  HOH HOH A . 
D 4 HOH 46 346 161 HOH HOH A . 
D 4 HOH 47 347 149 HOH HOH A . 
D 4 HOH 48 348 48  HOH HOH A . 
D 4 HOH 49 349 162 HOH HOH A . 
D 4 HOH 50 350 34  HOH HOH A . 
D 4 HOH 51 351 29  HOH HOH A . 
D 4 HOH 52 352 43  HOH HOH A . 
D 4 HOH 53 353 154 HOH HOH A . 
D 4 HOH 54 354 74  HOH HOH A . 
D 4 HOH 55 355 159 HOH HOH A . 
D 4 HOH 56 356 1   HOH HOH A . 
D 4 HOH 57 357 81  HOH HOH A . 
D 4 HOH 58 358 5   HOH HOH A . 
D 4 HOH 59 359 108 HOH HOH A . 
D 4 HOH 60 360 35  HOH HOH A . 
D 4 HOH 61 361 25  HOH HOH A . 
D 4 HOH 62 362 160 HOH HOH A . 
D 4 HOH 63 363 141 HOH HOH A . 
D 4 HOH 64 364 60  HOH HOH A . 
D 4 HOH 65 365 148 HOH HOH A . 
D 4 HOH 66 366 138 HOH HOH A . 
D 4 HOH 67 367 45  HOH HOH A . 
D 4 HOH 68 368 6   HOH HOH A . 
D 4 HOH 69 369 145 HOH HOH A . 
D 4 HOH 70 370 91  HOH HOH A . 
D 4 HOH 71 371 100 HOH HOH A . 
D 4 HOH 72 372 143 HOH HOH A . 
D 4 HOH 73 373 142 HOH HOH A . 
D 4 HOH 74 374 61  HOH HOH A . 
D 4 HOH 75 375 57  HOH HOH A . 
D 4 HOH 76 376 114 HOH HOH A . 
D 4 HOH 77 377 104 HOH HOH A . 
D 4 HOH 78 378 13  HOH HOH A . 
D 4 HOH 79 379 107 HOH HOH A . 
D 4 HOH 80 380 105 HOH HOH A . 
D 4 HOH 81 381 127 HOH HOH A . 
D 4 HOH 82 382 166 HOH HOH A . 
D 4 HOH 83 383 144 HOH HOH A . 
D 4 HOH 84 384 155 HOH HOH A . 
# 
loop_
_pdbx_unobs_or_zero_occ_atoms.id 
_pdbx_unobs_or_zero_occ_atoms.PDB_model_num 
_pdbx_unobs_or_zero_occ_atoms.polymer_flag 
_pdbx_unobs_or_zero_occ_atoms.occupancy_flag 
_pdbx_unobs_or_zero_occ_atoms.auth_asym_id 
_pdbx_unobs_or_zero_occ_atoms.auth_comp_id 
_pdbx_unobs_or_zero_occ_atoms.auth_seq_id 
_pdbx_unobs_or_zero_occ_atoms.PDB_ins_code 
_pdbx_unobs_or_zero_occ_atoms.auth_atom_id 
_pdbx_unobs_or_zero_occ_atoms.label_alt_id 
_pdbx_unobs_or_zero_occ_atoms.label_asym_id 
_pdbx_unobs_or_zero_occ_atoms.label_comp_id 
_pdbx_unobs_or_zero_occ_atoms.label_seq_id 
_pdbx_unobs_or_zero_occ_atoms.label_atom_id 
1  1 Y 1 A GLN 16 ? CG  ? A GLN 16 CG  
2  1 Y 1 A GLN 16 ? CD  ? A GLN 16 CD  
3  1 Y 1 A GLN 16 ? OE1 ? A GLN 16 OE1 
4  1 Y 1 A GLN 16 ? NE2 ? A GLN 16 NE2 
5  1 Y 1 A TYR 18 ? CG  ? A TYR 18 CG  
6  1 Y 1 A TYR 18 ? CD1 ? A TYR 18 CD1 
7  1 Y 1 A TYR 18 ? CD2 ? A TYR 18 CD2 
8  1 Y 1 A TYR 18 ? CE1 ? A TYR 18 CE1 
9  1 Y 1 A TYR 18 ? CE2 ? A TYR 18 CE2 
10 1 Y 1 A TYR 18 ? CZ  ? A TYR 18 CZ  
11 1 Y 1 A TYR 18 ? OH  ? A TYR 18 OH  
12 1 Y 1 A ARG 29 ? NE  ? A ARG 29 NE  
13 1 Y 1 A ARG 29 ? CZ  ? A ARG 29 CZ  
14 1 Y 1 A ARG 29 ? NH1 ? A ARG 29 NH1 
15 1 Y 1 A ARG 29 ? NH2 ? A ARG 29 NH2 
# 
loop_
_software.citation_id 
_software.classification 
_software.compiler_name 
_software.compiler_version 
_software.contact_author 
_software.contact_author_email 
_software.date 
_software.description 
_software.dependencies 
_software.hardware 
_software.language 
_software.location 
_software.mods 
_software.name 
_software.os 
_software.os_version 
_software.type 
_software.version 
_software.pdbx_ordinal 
? refinement       ? ? ? ? ? ? ? ? ? ? ? REFMAC  ? ? ? 5.8.0049 1 
? 'data reduction' ? ? ? ? ? ? ? ? ? ? ? XDS     ? ? ? .        2 
? 'data scaling'   ? ? ? ? ? ? ? ? ? ? ? XDS     ? ? ? .        3 
? phasing          ? ? ? ? ? ? ? ? ? ? ? SHELXDE ? ? ? .        4 
# 
_cell.angle_alpha                  90.00 
_cell.angle_alpha_esd              ? 
_cell.angle_beta                   90.00 
_cell.angle_beta_esd               ? 
_cell.angle_gamma                  90.00 
_cell.angle_gamma_esd              ? 
_cell.entry_id                     5LOS 
_cell.details                      ? 
_cell.formula_units_Z              ? 
_cell.length_a                     52.370 
_cell.length_a_esd                 ? 
_cell.length_b                     52.370 
_cell.length_b_esd                 ? 
_cell.length_c                     198.130 
_cell.length_c_esd                 ? 
_cell.volume                       ? 
_cell.volume_esd                   ? 
_cell.Z_PDB                        16 
_cell.reciprocal_angle_alpha       ? 
_cell.reciprocal_angle_beta        ? 
_cell.reciprocal_angle_gamma       ? 
_cell.reciprocal_angle_alpha_esd   ? 
_cell.reciprocal_angle_beta_esd    ? 
_cell.reciprocal_angle_gamma_esd   ? 
_cell.reciprocal_length_a          ? 
_cell.reciprocal_length_b          ? 
_cell.reciprocal_length_c          ? 
_cell.reciprocal_length_a_esd      ? 
_cell.reciprocal_length_b_esd      ? 
_cell.reciprocal_length_c_esd      ? 
_cell.pdbx_unique_axis             ? 
# 
_symmetry.entry_id                         5LOS 
_symmetry.cell_setting                     ? 
_symmetry.Int_Tables_number                98 
_symmetry.space_group_name_Hall            ? 
_symmetry.space_group_name_H-M             'I 41 2 2' 
_symmetry.pdbx_full_space_group_name_H-M   ? 
# 
_exptl.absorpt_coefficient_mu     ? 
_exptl.absorpt_correction_T_max   ? 
_exptl.absorpt_correction_T_min   ? 
_exptl.absorpt_correction_type    ? 
_exptl.absorpt_process_details    ? 
_exptl.entry_id                   5LOS 
_exptl.crystals_number            1 
_exptl.details                    ? 
_exptl.method                     'X-RAY DIFFRACTION' 
_exptl.method_details             ? 
# 
_exptl_crystal.colour                      ? 
_exptl_crystal.density_diffrn              ? 
_exptl_crystal.density_Matthews            2.61 
_exptl_crystal.density_method              ? 
_exptl_crystal.density_percent_sol         52.91 
_exptl_crystal.description                 ? 
_exptl_crystal.F_000                       ? 
_exptl_crystal.id                          1 
_exptl_crystal.preparation                 ? 
_exptl_crystal.size_max                    ? 
_exptl_crystal.size_mid                    ? 
_exptl_crystal.size_min                    ? 
_exptl_crystal.size_rad                    ? 
_exptl_crystal.colour_lustre               ? 
_exptl_crystal.colour_modifier             ? 
_exptl_crystal.colour_primary              ? 
_exptl_crystal.density_meas                ? 
_exptl_crystal.density_meas_esd            ? 
_exptl_crystal.density_meas_gt             ? 
_exptl_crystal.density_meas_lt             ? 
_exptl_crystal.density_meas_temp           ? 
_exptl_crystal.density_meas_temp_esd       ? 
_exptl_crystal.density_meas_temp_gt        ? 
_exptl_crystal.density_meas_temp_lt        ? 
_exptl_crystal.pdbx_crystal_image_url      ? 
_exptl_crystal.pdbx_crystal_image_format   ? 
_exptl_crystal.pdbx_mosaicity              ? 
_exptl_crystal.pdbx_mosaicity_esd          ? 
# 
_exptl_crystal_grow.apparatus       ? 
_exptl_crystal_grow.atmosphere      ? 
_exptl_crystal_grow.crystal_id      1 
_exptl_crystal_grow.details         ? 
_exptl_crystal_grow.method          'VAPOR DIFFUSION, SITTING DROP' 
_exptl_crystal_grow.method_ref      ? 
_exptl_crystal_grow.pH              ? 
_exptl_crystal_grow.pressure        ? 
_exptl_crystal_grow.pressure_esd    ? 
_exptl_crystal_grow.seeding         ? 
_exptl_crystal_grow.seeding_ref     ? 
_exptl_crystal_grow.temp            295 
_exptl_crystal_grow.temp_details    ? 
_exptl_crystal_grow.temp_esd        ? 
_exptl_crystal_grow.time            ? 
_exptl_crystal_grow.pdbx_details    
;200 mM ammonium sulfate,
100 mM sodium citrate pH 5.6,
15%(w/v) PEG 4000
;
_exptl_crystal_grow.pdbx_pH_range   ? 
# 
_diffrn.ambient_environment    ? 
_diffrn.ambient_temp           100 
_diffrn.ambient_temp_details   ? 
_diffrn.ambient_temp_esd       ? 
_diffrn.crystal_id             1 
_diffrn.crystal_support        ? 
_diffrn.crystal_treatment      ? 
_diffrn.details                ? 
_diffrn.id                     1 
_diffrn.ambient_pressure       ? 
_diffrn.ambient_pressure_esd   ? 
_diffrn.ambient_pressure_gt    ? 
_diffrn.ambient_pressure_lt    ? 
_diffrn.ambient_temp_gt        ? 
_diffrn.ambient_temp_lt        ? 
# 
_diffrn_detector.details                      ? 
_diffrn_detector.detector                     PIXEL 
_diffrn_detector.diffrn_id                    1 
_diffrn_detector.type                         'DECTRIS PILATUS 6M' 
_diffrn_detector.area_resol_mean              ? 
_diffrn_detector.dtime                        ? 
_diffrn_detector.pdbx_frames_total            ? 
_diffrn_detector.pdbx_collection_time_total   ? 
_diffrn_detector.pdbx_collection_date         2011-11-26 
# 
_diffrn_radiation.collimation                      ? 
_diffrn_radiation.diffrn_id                        1 
_diffrn_radiation.filter_edge                      ? 
_diffrn_radiation.inhomogeneity                    ? 
_diffrn_radiation.monochromator                    ? 
_diffrn_radiation.polarisn_norm                    ? 
_diffrn_radiation.polarisn_ratio                   ? 
_diffrn_radiation.probe                            ? 
_diffrn_radiation.type                             ? 
_diffrn_radiation.xray_symbol                      ? 
_diffrn_radiation.wavelength_id                    1 
_diffrn_radiation.pdbx_monochromatic_or_laue_m_l   M 
_diffrn_radiation.pdbx_wavelength_list             ? 
_diffrn_radiation.pdbx_wavelength                  ? 
_diffrn_radiation.pdbx_diffrn_protocol             'SINGLE WAVELENGTH' 
_diffrn_radiation.pdbx_analyzer                    ? 
_diffrn_radiation.pdbx_scattering_type             x-ray 
# 
_diffrn_radiation_wavelength.id           1 
_diffrn_radiation_wavelength.wavelength   1.0 
_diffrn_radiation_wavelength.wt           1.0 
# 
_diffrn_source.current                     ? 
_diffrn_source.details                     ? 
_diffrn_source.diffrn_id                   1 
_diffrn_source.power                       ? 
_diffrn_source.size                        ? 
_diffrn_source.source                      SYNCHROTRON 
_diffrn_source.target                      ? 
_diffrn_source.type                        'SLS BEAMLINE X10SA' 
_diffrn_source.voltage                     ? 
_diffrn_source.take-off_angle              ? 
_diffrn_source.pdbx_wavelength_list        1.0 
_diffrn_source.pdbx_wavelength             ? 
_diffrn_source.pdbx_synchrotron_beamline   X10SA 
_diffrn_source.pdbx_synchrotron_site       SLS 
# 
_reflns.B_iso_Wilson_estimate            ? 
_reflns.entry_id                         5LOS 
_reflns.data_reduction_details           ? 
_reflns.data_reduction_method            ? 
_reflns.d_resolution_high                2.0 
_reflns.d_resolution_low                 37.0 
_reflns.details                          ? 
_reflns.limit_h_max                      ? 
_reflns.limit_h_min                      ? 
_reflns.limit_k_max                      ? 
_reflns.limit_k_min                      ? 
_reflns.limit_l_max                      ? 
_reflns.limit_l_min                      ? 
_reflns.number_all                       ? 
_reflns.number_obs                       9761 
_reflns.observed_criterion               ? 
_reflns.observed_criterion_F_max         ? 
_reflns.observed_criterion_F_min         ? 
_reflns.observed_criterion_I_max         ? 
_reflns.observed_criterion_I_min         ? 
_reflns.observed_criterion_sigma_F       ? 
_reflns.observed_criterion_sigma_I       ? 
_reflns.percent_possible_obs             98.9 
_reflns.R_free_details                   ? 
_reflns.Rmerge_F_all                     ? 
_reflns.Rmerge_F_obs                     ? 
_reflns.Friedel_coverage                 ? 
_reflns.number_gt                        ? 
_reflns.threshold_expression             ? 
_reflns.pdbx_redundancy                  3.47 
_reflns.pdbx_Rmerge_I_obs                0.044 
_reflns.pdbx_Rmerge_I_all                ? 
_reflns.pdbx_Rsym_value                  ? 
_reflns.pdbx_netI_over_av_sigmaI         ? 
_reflns.pdbx_netI_over_sigmaI            16.66 
_reflns.pdbx_res_netI_over_av_sigmaI_2   ? 
_reflns.pdbx_res_netI_over_sigmaI_2      ? 
_reflns.pdbx_chi_squared                 ? 
_reflns.pdbx_scaling_rejects             ? 
_reflns.pdbx_d_res_high_opt              ? 
_reflns.pdbx_d_res_low_opt               ? 
_reflns.pdbx_d_res_opt_method            ? 
_reflns.phase_calculation_details        ? 
_reflns.pdbx_Rrim_I_all                  ? 
_reflns.pdbx_Rpim_I_all                  ? 
_reflns.pdbx_d_opt                       ? 
_reflns.pdbx_number_measured_all         ? 
_reflns.pdbx_diffrn_id                   1 
_reflns.pdbx_ordinal                     1 
_reflns.pdbx_CC_half                     ? 
_reflns.pdbx_R_split                     ? 
# 
_reflns_shell.d_res_high                  2.0 
_reflns_shell.d_res_low                   2.12 
_reflns_shell.meanI_over_sigI_all         ? 
_reflns_shell.meanI_over_sigI_obs         2.32 
_reflns_shell.number_measured_all         ? 
_reflns_shell.number_measured_obs         ? 
_reflns_shell.number_possible             ? 
_reflns_shell.number_unique_all           ? 
_reflns_shell.number_unique_obs           ? 
_reflns_shell.percent_possible_all        97.1 
_reflns_shell.percent_possible_obs        ? 
_reflns_shell.Rmerge_F_all                ? 
_reflns_shell.Rmerge_F_obs                ? 
_reflns_shell.Rmerge_I_all                ? 
_reflns_shell.Rmerge_I_obs                0.526 
_reflns_shell.meanI_over_sigI_gt          ? 
_reflns_shell.meanI_over_uI_all           ? 
_reflns_shell.meanI_over_uI_gt            ? 
_reflns_shell.number_measured_gt          ? 
_reflns_shell.number_unique_gt            ? 
_reflns_shell.percent_possible_gt         ? 
_reflns_shell.Rmerge_F_gt                 ? 
_reflns_shell.Rmerge_I_gt                 ? 
_reflns_shell.pdbx_redundancy             3.49 
_reflns_shell.pdbx_Rsym_value             ? 
_reflns_shell.pdbx_chi_squared            ? 
_reflns_shell.pdbx_netI_over_sigmaI_all   ? 
_reflns_shell.pdbx_netI_over_sigmaI_obs   ? 
_reflns_shell.pdbx_Rrim_I_all             ? 
_reflns_shell.pdbx_Rpim_I_all             ? 
_reflns_shell.pdbx_rejects                ? 
_reflns_shell.pdbx_ordinal                1 
_reflns_shell.pdbx_diffrn_id              1 
_reflns_shell.pdbx_CC_half                ? 
_reflns_shell.pdbx_R_split                ? 
# 
_refine.aniso_B[1][1]                            -0.54 
_refine.aniso_B[1][2]                            0.00 
_refine.aniso_B[1][3]                            -0.00 
_refine.aniso_B[2][2]                            -0.54 
_refine.aniso_B[2][3]                            0.00 
_refine.aniso_B[3][3]                            1.08 
_refine.B_iso_max                                ? 
_refine.B_iso_mean                               40.969 
_refine.B_iso_min                                ? 
_refine.correlation_coeff_Fo_to_Fc               0.947 
_refine.correlation_coeff_Fo_to_Fc_free          0.930 
_refine.details                                  'HYDROGENS HAVE BEEN ADDED IN THE RIDING POSITIONS' 
_refine.diff_density_max                         ? 
_refine.diff_density_max_esd                     ? 
_refine.diff_density_min                         ? 
_refine.diff_density_min_esd                     ? 
_refine.diff_density_rms                         ? 
_refine.diff_density_rms_esd                     ? 
_refine.entry_id                                 5LOS 
_refine.pdbx_refine_id                           'X-RAY DIFFRACTION' 
_refine.ls_abs_structure_details                 ? 
_refine.ls_abs_structure_Flack                   ? 
_refine.ls_abs_structure_Flack_esd               ? 
_refine.ls_abs_structure_Rogers                  ? 
_refine.ls_abs_structure_Rogers_esd              ? 
_refine.ls_d_res_high                            2.00 
_refine.ls_d_res_low                             34.69 
_refine.ls_extinction_coef                       ? 
_refine.ls_extinction_coef_esd                   ? 
_refine.ls_extinction_expression                 ? 
_refine.ls_extinction_method                     ? 
_refine.ls_goodness_of_fit_all                   ? 
_refine.ls_goodness_of_fit_all_esd               ? 
_refine.ls_goodness_of_fit_obs                   ? 
_refine.ls_goodness_of_fit_obs_esd               ? 
_refine.ls_hydrogen_treatment                    ? 
_refine.ls_matrix_type                           ? 
_refine.ls_number_constraints                    ? 
_refine.ls_number_parameters                     ? 
_refine.ls_number_reflns_all                     ? 
_refine.ls_number_reflns_obs                     9031 
_refine.ls_number_reflns_R_free                  729 
_refine.ls_number_reflns_R_work                  ? 
_refine.ls_number_restraints                     ? 
_refine.ls_percent_reflns_obs                    98.99 
_refine.ls_percent_reflns_R_free                 7.5 
_refine.ls_R_factor_all                          ? 
_refine.ls_R_factor_obs                          0.20711 
_refine.ls_R_factor_R_free                       0.24461 
_refine.ls_R_factor_R_free_error                 ? 
_refine.ls_R_factor_R_free_error_details         ? 
_refine.ls_R_factor_R_work                       0.20403 
_refine.ls_R_Fsqd_factor_obs                     ? 
_refine.ls_R_I_factor_obs                        ? 
_refine.ls_redundancy_reflns_all                 ? 
_refine.ls_redundancy_reflns_obs                 ? 
_refine.ls_restrained_S_all                      ? 
_refine.ls_restrained_S_obs                      ? 
_refine.ls_shift_over_esd_max                    ? 
_refine.ls_shift_over_esd_mean                   ? 
_refine.ls_structure_factor_coef                 ? 
_refine.ls_weighting_details                     ? 
_refine.ls_weighting_scheme                      ? 
_refine.ls_wR_factor_all                         ? 
_refine.ls_wR_factor_obs                         ? 
_refine.ls_wR_factor_R_free                      ? 
_refine.ls_wR_factor_R_work                      ? 
_refine.occupancy_max                            ? 
_refine.occupancy_min                            ? 
_refine.solvent_model_details                    ? 
_refine.solvent_model_param_bsol                 ? 
_refine.solvent_model_param_ksol                 ? 
_refine.ls_R_factor_gt                           ? 
_refine.ls_goodness_of_fit_gt                    ? 
_refine.ls_goodness_of_fit_ref                   ? 
_refine.ls_shift_over_su_max                     ? 
_refine.ls_shift_over_su_max_lt                  ? 
_refine.ls_shift_over_su_mean                    ? 
_refine.ls_shift_over_su_mean_lt                 ? 
_refine.pdbx_ls_sigma_I                          ? 
_refine.pdbx_ls_sigma_F                          ? 
_refine.pdbx_ls_sigma_Fsqd                       ? 
_refine.pdbx_data_cutoff_high_absF               ? 
_refine.pdbx_data_cutoff_high_rms_absF           ? 
_refine.pdbx_data_cutoff_low_absF                ? 
_refine.pdbx_isotropic_thermal_model             ? 
_refine.pdbx_ls_cross_valid_method               THROUGHOUT 
_refine.pdbx_method_to_determine_struct          SAD 
_refine.pdbx_starting_model                      ? 
_refine.pdbx_stereochemistry_target_values       ? 
_refine.pdbx_R_Free_selection_details            RANDOM 
_refine.pdbx_stereochem_target_val_spec_case     ? 
_refine.pdbx_overall_ESU_R                       0.153 
_refine.pdbx_overall_ESU_R_Free                  0.148 
_refine.pdbx_solvent_vdw_probe_radii             1.20 
_refine.pdbx_solvent_ion_probe_radii             0.80 
_refine.pdbx_solvent_shrinkage_radii             0.80 
_refine.pdbx_real_space_R                        ? 
_refine.pdbx_density_correlation                 ? 
_refine.pdbx_pd_number_of_powder_patterns        ? 
_refine.pdbx_pd_number_of_points                 ? 
_refine.pdbx_pd_meas_number_of_points            ? 
_refine.pdbx_pd_proc_ls_prof_R_factor            ? 
_refine.pdbx_pd_proc_ls_prof_wR_factor           ? 
_refine.pdbx_pd_Marquardt_correlation_coeff      ? 
_refine.pdbx_pd_Fsqrd_R_factor                   ? 
_refine.pdbx_pd_ls_matrix_band_width             ? 
_refine.pdbx_overall_phase_error                 ? 
_refine.pdbx_overall_SU_R_free_Cruickshank_DPI   ? 
_refine.pdbx_overall_SU_R_free_Blow_DPI          ? 
_refine.pdbx_overall_SU_R_Blow_DPI               ? 
_refine.pdbx_TLS_residual_ADP_flag               ? 
_refine.pdbx_diffrn_id                           1 
_refine.overall_SU_B                             7.061 
_refine.overall_SU_ML                            0.102 
_refine.overall_SU_R_Cruickshank_DPI             ? 
_refine.overall_SU_R_free                        ? 
_refine.overall_FOM_free_R_set                   ? 
_refine.overall_FOM_work_R_set                   ? 
_refine.pdbx_average_fsc_overall                 ? 
_refine.pdbx_average_fsc_work                    ? 
_refine.pdbx_average_fsc_free                    ? 
# 
_refine_hist.pdbx_refine_id                   'X-RAY DIFFRACTION' 
_refine_hist.cycle_id                         1 
_refine_hist.pdbx_number_atoms_protein        696 
_refine_hist.pdbx_number_atoms_nucleic_acid   0 
_refine_hist.pdbx_number_atoms_ligand         6 
_refine_hist.number_atoms_solvent             84 
_refine_hist.number_atoms_total               786 
_refine_hist.d_res_high                       2.00 
_refine_hist.d_res_low                        34.69 
# 
loop_
_refine_ls_restr.pdbx_refine_id 
_refine_ls_restr.criterion 
_refine_ls_restr.dev_ideal 
_refine_ls_restr.dev_ideal_target 
_refine_ls_restr.number 
_refine_ls_restr.rejects 
_refine_ls_restr.type 
_refine_ls_restr.weight 
_refine_ls_restr.pdbx_restraint_function 
'X-RAY DIFFRACTION' ? 0.018  0.018  716  ? r_bond_refined_d             ? ? 
'X-RAY DIFFRACTION' ? 0.002  0.020  656  ? r_bond_other_d               ? ? 
'X-RAY DIFFRACTION' ? 1.825  1.870  969  ? r_angle_refined_deg          ? ? 
'X-RAY DIFFRACTION' ? 0.961  3.000  1486 ? r_angle_other_deg            ? ? 
'X-RAY DIFFRACTION' ? 6.334  5.000  88   ? r_dihedral_angle_1_deg       ? ? 
'X-RAY DIFFRACTION' ? 34.757 22.857 42   ? r_dihedral_angle_2_deg       ? ? 
'X-RAY DIFFRACTION' ? 13.248 15.000 109  ? r_dihedral_angle_3_deg       ? ? 
'X-RAY DIFFRACTION' ? 12.626 15.000 7    ? r_dihedral_angle_4_deg       ? ? 
'X-RAY DIFFRACTION' ? 0.131  0.200  103  ? r_chiral_restr               ? ? 
'X-RAY DIFFRACTION' ? 0.009  0.020  848  ? r_gen_planes_refined         ? ? 
'X-RAY DIFFRACTION' ? 0.002  0.020  199  ? r_gen_planes_other           ? ? 
'X-RAY DIFFRACTION' ? ?      ?      ?    ? r_nbd_refined                ? ? 
'X-RAY DIFFRACTION' ? ?      ?      ?    ? r_nbd_other                  ? ? 
'X-RAY DIFFRACTION' ? ?      ?      ?    ? r_nbtor_refined              ? ? 
'X-RAY DIFFRACTION' ? ?      ?      ?    ? r_nbtor_other                ? ? 
'X-RAY DIFFRACTION' ? ?      ?      ?    ? r_xyhbond_nbd_refined        ? ? 
'X-RAY DIFFRACTION' ? ?      ?      ?    ? r_xyhbond_nbd_other          ? ? 
'X-RAY DIFFRACTION' ? ?      ?      ?    ? r_metal_ion_refined          ? ? 
'X-RAY DIFFRACTION' ? ?      ?      ?    ? r_metal_ion_other            ? ? 
'X-RAY DIFFRACTION' ? ?      ?      ?    ? r_symmetry_vdw_refined       ? ? 
'X-RAY DIFFRACTION' ? ?      ?      ?    ? r_symmetry_vdw_other         ? ? 
'X-RAY DIFFRACTION' ? ?      ?      ?    ? r_symmetry_hbond_refined     ? ? 
'X-RAY DIFFRACTION' ? ?      ?      ?    ? r_symmetry_hbond_other       ? ? 
'X-RAY DIFFRACTION' ? ?      ?      ?    ? r_symmetry_metal_ion_refined ? ? 
'X-RAY DIFFRACTION' ? ?      ?      ?    ? r_symmetry_metal_ion_other   ? ? 
'X-RAY DIFFRACTION' ? 2.647  2.937  355  ? r_mcbond_it                  ? ? 
'X-RAY DIFFRACTION' ? 2.634  2.931  354  ? r_mcbond_other               ? ? 
'X-RAY DIFFRACTION' ? 3.269  4.361  442  ? r_mcangle_it                 ? ? 
'X-RAY DIFFRACTION' ? 3.269  4.368  443  ? r_mcangle_other              ? ? 
'X-RAY DIFFRACTION' ? 3.801  3.426  361  ? r_scbond_it                  ? ? 
'X-RAY DIFFRACTION' ? 3.792  3.392  357  ? r_scbond_other               ? ? 
'X-RAY DIFFRACTION' ? ?      ?      ?    ? r_scangle_it                 ? ? 
'X-RAY DIFFRACTION' ? 5.585  4.935  522  ? r_scangle_other              ? ? 
'X-RAY DIFFRACTION' ? 7.938  25.519 864  ? r_long_range_B_refined       ? ? 
'X-RAY DIFFRACTION' ? 7.795  24.689 835  ? r_long_range_B_other         ? ? 
'X-RAY DIFFRACTION' ? ?      ?      ?    ? r_rigid_bond_restr           ? ? 
'X-RAY DIFFRACTION' ? ?      ?      ?    ? r_sphericity_free            ? ? 
'X-RAY DIFFRACTION' ? ?      ?      ?    ? r_sphericity_bonded          ? ? 
# 
_refine_ls_shell.pdbx_refine_id                   'X-RAY DIFFRACTION' 
_refine_ls_shell.d_res_high                       1.998 
_refine_ls_shell.d_res_low                        2.050 
_refine_ls_shell.number_reflns_all                ? 
_refine_ls_shell.number_reflns_obs                ? 
_refine_ls_shell.number_reflns_R_free             47 
_refine_ls_shell.number_reflns_R_work             619 
_refine_ls_shell.percent_reflns_obs               94.74 
_refine_ls_shell.percent_reflns_R_free            ? 
_refine_ls_shell.R_factor_all                     ? 
_refine_ls_shell.R_factor_obs                     ? 
_refine_ls_shell.R_factor_R_free                  0.290 
_refine_ls_shell.R_factor_R_free_error            ? 
_refine_ls_shell.R_factor_R_work                  0.249 
_refine_ls_shell.redundancy_reflns_all            ? 
_refine_ls_shell.redundancy_reflns_obs            ? 
_refine_ls_shell.wR_factor_all                    ? 
_refine_ls_shell.wR_factor_obs                    ? 
_refine_ls_shell.wR_factor_R_free                 ? 
_refine_ls_shell.wR_factor_R_work                 ? 
_refine_ls_shell.pdbx_total_number_of_bins_used   20 
_refine_ls_shell.pdbx_phase_error                 ? 
_refine_ls_shell.pdbx_fsc_work                    ? 
_refine_ls_shell.pdbx_fsc_free                    ? 
# 
_struct.entry_id                     5LOS 
_struct.title                        'Piriformospora indica PIIN_05872' 
_struct.pdbx_model_details           ? 
_struct.pdbx_formula_weight          ? 
_struct.pdbx_formula_weight_method   ? 
_struct.pdbx_model_type_details      ? 
_struct.pdbx_CASP_flag               N 
# 
_struct_keywords.entry_id        5LOS 
_struct_keywords.text            'histidine zipper; antiparallel coiled coil; metal binding protein, METAL BINDING PROTEIN' 
_struct_keywords.pdbx_keywords   'METAL BINDING PROTEIN' 
# 
loop_
_struct_asym.id 
_struct_asym.pdbx_blank_PDB_chainid_flag 
_struct_asym.pdbx_modified 
_struct_asym.entity_id 
_struct_asym.details 
A N N 1 ? 
B N N 2 ? 
C N N 3 ? 
D N N 4 ? 
# 
_struct_ref.id                         1 
_struct_ref.db_name                    UNP 
_struct_ref.db_code                    G4TKU4_PIRID 
_struct_ref.pdbx_db_accession          G4TKU4 
_struct_ref.pdbx_db_isoform            ? 
_struct_ref.entity_id                  1 
_struct_ref.pdbx_seq_one_letter_code   
;APLPNPPMTPAQHYAQAIHHEGLARHHTTVAEDHRQTANLHDNRIKAAKARYNAGLDPNGLTSAQKHQIERDHHLSLAAQ
AERHAATHNREAAYHRLHSQTPAPGTKRSIDELD
;
_struct_ref.pdbx_align_begin           20 
# 
_struct_ref_seq.align_id                      1 
_struct_ref_seq.ref_id                        1 
_struct_ref_seq.pdbx_PDB_id_code              5LOS 
_struct_ref_seq.pdbx_strand_id                A 
_struct_ref_seq.seq_align_beg                 5 
_struct_ref_seq.pdbx_seq_align_beg_ins_code   ? 
_struct_ref_seq.seq_align_end                 118 
_struct_ref_seq.pdbx_seq_align_end_ins_code   ? 
_struct_ref_seq.pdbx_db_accession             G4TKU4 
_struct_ref_seq.db_align_beg                  20 
_struct_ref_seq.pdbx_db_align_beg_ins_code    ? 
_struct_ref_seq.db_align_end                  133 
_struct_ref_seq.pdbx_db_align_end_ins_code    ? 
_struct_ref_seq.pdbx_auth_seq_align_beg       5 
_struct_ref_seq.pdbx_auth_seq_align_end       118 
# 
loop_
_struct_ref_seq_dif.align_id 
_struct_ref_seq_dif.pdbx_pdb_id_code 
_struct_ref_seq_dif.mon_id 
_struct_ref_seq_dif.pdbx_pdb_strand_id 
_struct_ref_seq_dif.seq_num 
_struct_ref_seq_dif.pdbx_pdb_ins_code 
_struct_ref_seq_dif.pdbx_seq_db_name 
_struct_ref_seq_dif.pdbx_seq_db_accession_code 
_struct_ref_seq_dif.db_mon_id 
_struct_ref_seq_dif.pdbx_seq_db_seq_num 
_struct_ref_seq_dif.details 
_struct_ref_seq_dif.pdbx_auth_seq_num 
_struct_ref_seq_dif.pdbx_ordinal 
1 5LOS GLY A 1 ? UNP G4TKU4 ? ? 'expression tag' 1 1 
1 5LOS PRO A 2 ? UNP G4TKU4 ? ? 'expression tag' 2 2 
1 5LOS GLY A 3 ? UNP G4TKU4 ? ? 'expression tag' 3 3 
1 5LOS SER A 4 ? UNP G4TKU4 ? ? 'expression tag' 4 4 
# 
_pdbx_struct_assembly.id                   1 
_pdbx_struct_assembly.details              software_defined_assembly 
_pdbx_struct_assembly.method_details       PISA 
_pdbx_struct_assembly.oligomeric_details   monomeric 
_pdbx_struct_assembly.oligomeric_count     1 
# 
loop_
_pdbx_struct_assembly_prop.biol_id 
_pdbx_struct_assembly_prop.type 
_pdbx_struct_assembly_prop.value 
_pdbx_struct_assembly_prop.details 
1 'ABSA (A^2)' 280  ? 
1 MORE         -41  ? 
1 'SSA (A^2)'  5880 ? 
# 
_pdbx_struct_assembly_gen.assembly_id       1 
_pdbx_struct_assembly_gen.oper_expression   1 
_pdbx_struct_assembly_gen.asym_id_list      A,B,C,D 
# 
_pdbx_struct_oper_list.id                   1 
_pdbx_struct_oper_list.type                 'identity operation' 
_pdbx_struct_oper_list.name                 1_555 
_pdbx_struct_oper_list.symmetry_operation   x,y,z 
_pdbx_struct_oper_list.matrix[1][1]         1.0000000000 
_pdbx_struct_oper_list.matrix[1][2]         0.0000000000 
_pdbx_struct_oper_list.matrix[1][3]         0.0000000000 
_pdbx_struct_oper_list.vector[1]            0.0000000000 
_pdbx_struct_oper_list.matrix[2][1]         0.0000000000 
_pdbx_struct_oper_list.matrix[2][2]         1.0000000000 
_pdbx_struct_oper_list.matrix[2][3]         0.0000000000 
_pdbx_struct_oper_list.vector[2]            0.0000000000 
_pdbx_struct_oper_list.matrix[3][1]         0.0000000000 
_pdbx_struct_oper_list.matrix[3][2]         0.0000000000 
_pdbx_struct_oper_list.matrix[3][3]         1.0000000000 
_pdbx_struct_oper_list.vector[3]            0.0000000000 
# 
loop_
_struct_conf.conf_type_id 
_struct_conf.id 
_struct_conf.pdbx_PDB_helix_id 
_struct_conf.beg_label_comp_id 
_struct_conf.beg_label_asym_id 
_struct_conf.beg_label_seq_id 
_struct_conf.pdbx_beg_PDB_ins_code 
_struct_conf.end_label_comp_id 
_struct_conf.end_label_asym_id 
_struct_conf.end_label_seq_id 
_struct_conf.pdbx_end_PDB_ins_code 
_struct_conf.beg_auth_comp_id 
_struct_conf.beg_auth_asym_id 
_struct_conf.beg_auth_seq_id 
_struct_conf.end_auth_comp_id 
_struct_conf.end_auth_asym_id 
_struct_conf.end_auth_seq_id 
_struct_conf.pdbx_PDB_helix_class 
_struct_conf.details 
_struct_conf.pdbx_PDB_helix_length 
HELX_P HELX_P1 AA1 ALA A 15 ? ALA A 58  ? ALA A 15 ALA A 58  1 ? 44 
HELX_P HELX_P2 AA2 ASN A 63 ? HIS A 102 ? ASN A 63 HIS A 102 1 ? 40 
# 
_struct_conf_type.id          HELX_P 
_struct_conf_type.criteria    ? 
_struct_conf_type.reference   ? 
# 
loop_
_struct_conn.id 
_struct_conn.conn_type_id 
_struct_conn.pdbx_leaving_atom_flag 
_struct_conn.pdbx_PDB_id 
_struct_conn.ptnr1_label_asym_id 
_struct_conn.ptnr1_label_comp_id 
_struct_conn.ptnr1_label_seq_id 
_struct_conn.ptnr1_label_atom_id 
_struct_conn.pdbx_ptnr1_label_alt_id 
_struct_conn.pdbx_ptnr1_PDB_ins_code 
_struct_conn.pdbx_ptnr1_standard_comp_id 
_struct_conn.ptnr1_symmetry 
_struct_conn.ptnr2_label_asym_id 
_struct_conn.ptnr2_label_comp_id 
_struct_conn.ptnr2_label_seq_id 
_struct_conn.ptnr2_label_atom_id 
_struct_conn.pdbx_ptnr2_label_alt_id 
_struct_conn.pdbx_ptnr2_PDB_ins_code 
_struct_conn.ptnr1_auth_asym_id 
_struct_conn.ptnr1_auth_comp_id 
_struct_conn.ptnr1_auth_seq_id 
_struct_conn.ptnr2_auth_asym_id 
_struct_conn.ptnr2_auth_comp_id 
_struct_conn.ptnr2_auth_seq_id 
_struct_conn.ptnr2_symmetry 
_struct_conn.pdbx_ptnr3_label_atom_id 
_struct_conn.pdbx_ptnr3_label_seq_id 
_struct_conn.pdbx_ptnr3_label_comp_id 
_struct_conn.pdbx_ptnr3_label_asym_id 
_struct_conn.pdbx_ptnr3_label_alt_id 
_struct_conn.pdbx_ptnr3_PDB_ins_code 
_struct_conn.details 
_struct_conn.pdbx_dist_value 
_struct_conn.pdbx_value_order 
_struct_conn.pdbx_role 
metalc1 metalc ? ? A HIS 31 NE2 ? ? ? 1_555 B ZN  . ZN ? ? A HIS 31  A ZN  201 1_555 ? ? ? ? ? ? ? 2.472 ? ? 
metalc2 metalc ? ? A HIS 92 NE2 ? ? ? 1_555 B ZN  . ZN ? ? A HIS 92  A ZN  201 1_555 ? ? ? ? ? ? ? 2.146 ? ? 
metalc3 metalc ? ? B ZN  .  ZN  ? ? ? 1_555 D HOH . O  ? ? A ZN  201 A HOH 341 1_555 ? ? ? ? ? ? ? 1.918 ? ? 
metalc4 metalc ? ? B ZN  .  ZN  ? ? ? 1_555 D HOH . O  ? ? A ZN  201 A HOH 366 1_555 ? ? ? ? ? ? ? 2.610 ? ? 
# 
_struct_conn_type.id          metalc 
_struct_conn_type.criteria    ? 
_struct_conn_type.reference   ? 
# 
loop_
_pdbx_struct_conn_angle.id 
_pdbx_struct_conn_angle.ptnr1_label_atom_id 
_pdbx_struct_conn_angle.ptnr1_label_alt_id 
_pdbx_struct_conn_angle.ptnr1_label_asym_id 
_pdbx_struct_conn_angle.ptnr1_label_comp_id 
_pdbx_struct_conn_angle.ptnr1_label_seq_id 
_pdbx_struct_conn_angle.ptnr1_auth_atom_id 
_pdbx_struct_conn_angle.ptnr1_auth_asym_id 
_pdbx_struct_conn_angle.ptnr1_auth_comp_id 
_pdbx_struct_conn_angle.ptnr1_auth_seq_id 
_pdbx_struct_conn_angle.ptnr1_PDB_ins_code 
_pdbx_struct_conn_angle.ptnr1_symmetry 
_pdbx_struct_conn_angle.ptnr2_label_atom_id 
_pdbx_struct_conn_angle.ptnr2_label_alt_id 
_pdbx_struct_conn_angle.ptnr2_label_asym_id 
_pdbx_struct_conn_angle.ptnr2_label_comp_id 
_pdbx_struct_conn_angle.ptnr2_label_seq_id 
_pdbx_struct_conn_angle.ptnr2_auth_atom_id 
_pdbx_struct_conn_angle.ptnr2_auth_asym_id 
_pdbx_struct_conn_angle.ptnr2_auth_comp_id 
_pdbx_struct_conn_angle.ptnr2_auth_seq_id 
_pdbx_struct_conn_angle.ptnr2_PDB_ins_code 
_pdbx_struct_conn_angle.ptnr2_symmetry 
_pdbx_struct_conn_angle.ptnr3_label_atom_id 
_pdbx_struct_conn_angle.ptnr3_label_alt_id 
_pdbx_struct_conn_angle.ptnr3_label_asym_id 
_pdbx_struct_conn_angle.ptnr3_label_comp_id 
_pdbx_struct_conn_angle.ptnr3_label_seq_id 
_pdbx_struct_conn_angle.ptnr3_auth_atom_id 
_pdbx_struct_conn_angle.ptnr3_auth_asym_id 
_pdbx_struct_conn_angle.ptnr3_auth_comp_id 
_pdbx_struct_conn_angle.ptnr3_auth_seq_id 
_pdbx_struct_conn_angle.ptnr3_PDB_ins_code 
_pdbx_struct_conn_angle.ptnr3_symmetry 
_pdbx_struct_conn_angle.value 
_pdbx_struct_conn_angle.value_esd 
1 NE2 ? A HIS 31 ? A HIS 31  ? 1_555 ZN ? B ZN . ? A ZN 201 ? 1_555 NE2 ? A HIS 92 ? A HIS 92  ? 1_555 109.7 ? 
2 NE2 ? A HIS 31 ? A HIS 31  ? 1_555 ZN ? B ZN . ? A ZN 201 ? 1_555 O   ? D HOH .  ? A HOH 341 ? 1_555 154.1 ? 
3 NE2 ? A HIS 92 ? A HIS 92  ? 1_555 ZN ? B ZN . ? A ZN 201 ? 1_555 O   ? D HOH .  ? A HOH 341 ? 1_555 86.9  ? 
4 NE2 ? A HIS 31 ? A HIS 31  ? 1_555 ZN ? B ZN . ? A ZN 201 ? 1_555 O   ? D HOH .  ? A HOH 366 ? 1_555 78.9  ? 
5 NE2 ? A HIS 92 ? A HIS 92  ? 1_555 ZN ? B ZN . ? A ZN 201 ? 1_555 O   ? D HOH .  ? A HOH 366 ? 1_555 141.8 ? 
6 O   ? D HOH .  ? A HOH 341 ? 1_555 ZN ? B ZN . ? A ZN 201 ? 1_555 O   ? D HOH .  ? A HOH 366 ? 1_555 100.6 ? 
# 
loop_
_struct_site.id 
_struct_site.pdbx_evidence_code 
_struct_site.pdbx_auth_asym_id 
_struct_site.pdbx_auth_comp_id 
_struct_site.pdbx_auth_seq_id 
_struct_site.pdbx_auth_ins_code 
_struct_site.pdbx_num_residues 
_struct_site.details 
AC1 Software A ZN  201 ? 4 'binding site for residue ZN A 201'  
AC2 Software A SO4 202 ? 5 'binding site for residue SO4 A 202' 
# 
loop_
_struct_site_gen.id 
_struct_site_gen.site_id 
_struct_site_gen.pdbx_num_res 
_struct_site_gen.label_comp_id 
_struct_site_gen.label_asym_id 
_struct_site_gen.label_seq_id 
_struct_site_gen.pdbx_auth_ins_code 
_struct_site_gen.auth_comp_id 
_struct_site_gen.auth_asym_id 
_struct_site_gen.auth_seq_id 
_struct_site_gen.label_atom_id 
_struct_site_gen.label_alt_id 
_struct_site_gen.symmetry 
_struct_site_gen.details 
1 AC1 4 HIS A 31 ? HIS A 31  . ? 1_555  ? 
2 AC1 4 HIS A 92 ? HIS A 92  . ? 1_555  ? 
3 AC1 4 HOH D .  ? HOH A 341 . ? 1_555  ? 
4 AC1 4 HOH D .  ? HOH A 366 . ? 1_555  ? 
5 AC2 5 ARG A 29 ? ARG A 29  . ? 13_545 ? 
6 AC2 5 ARG A 48 ? ARG A 48  . ? 1_555  ? 
7 AC2 5 ARG A 55 ? ARG A 55  . ? 1_555  ? 
8 AC2 5 HIS A 71 ? HIS A 71  . ? 1_555  ? 
9 AC2 5 HOH D .  ? HOH A 306 . ? 1_555  ? 
# 
_pdbx_validate_torsion.id              1 
_pdbx_validate_torsion.PDB_model_num   1 
_pdbx_validate_torsion.auth_comp_id    GLN 
_pdbx_validate_torsion.auth_asym_id    A 
_pdbx_validate_torsion.auth_seq_id     16 
_pdbx_validate_torsion.PDB_ins_code    ? 
_pdbx_validate_torsion.label_alt_id    ? 
_pdbx_validate_torsion.phi             -45.97 
_pdbx_validate_torsion.psi             -19.12 
# 
_pdbx_validate_peptide_omega.id               1 
_pdbx_validate_peptide_omega.PDB_model_num    1 
_pdbx_validate_peptide_omega.auth_comp_id_1   ALA 
_pdbx_validate_peptide_omega.auth_asym_id_1   A 
_pdbx_validate_peptide_omega.auth_seq_id_1    15 
_pdbx_validate_peptide_omega.PDB_ins_code_1   ? 
_pdbx_validate_peptide_omega.label_alt_id_1   ? 
_pdbx_validate_peptide_omega.auth_comp_id_2   GLN 
_pdbx_validate_peptide_omega.auth_asym_id_2   A 
_pdbx_validate_peptide_omega.auth_seq_id_2    16 
_pdbx_validate_peptide_omega.PDB_ins_code_2   ? 
_pdbx_validate_peptide_omega.label_alt_id_2   ? 
_pdbx_validate_peptide_omega.omega            140.33 
# 
_pdbx_refine_tls.pdbx_refine_id   'X-RAY DIFFRACTION' 
_pdbx_refine_tls.id               1 
_pdbx_refine_tls.details          ? 
_pdbx_refine_tls.method           refined 
_pdbx_refine_tls.origin_x         0.1105 
_pdbx_refine_tls.origin_y         0.3548 
_pdbx_refine_tls.origin_z         -0.2342 
_pdbx_refine_tls.T[1][1]          0.0149 
_pdbx_refine_tls.T[2][2]          0.0318 
_pdbx_refine_tls.T[3][3]          0.0273 
_pdbx_refine_tls.T[1][2]          0.0168 
_pdbx_refine_tls.T[1][3]          -0.0025 
_pdbx_refine_tls.T[2][3]          -0.0065 
_pdbx_refine_tls.L[1][1]          3.9839 
_pdbx_refine_tls.L[2][2]          9.2444 
_pdbx_refine_tls.L[3][3]          0.5232 
_pdbx_refine_tls.L[1][2]          -5.0963 
_pdbx_refine_tls.L[1][3]          -0.8044 
_pdbx_refine_tls.L[2][3]          1.2731 
_pdbx_refine_tls.S[1][1]          0.0904 
_pdbx_refine_tls.S[1][2]          -0.0593 
_pdbx_refine_tls.S[1][3]          -0.1634 
_pdbx_refine_tls.S[2][1]          -0.2949 
_pdbx_refine_tls.S[2][2]          -0.2104 
_pdbx_refine_tls.S[2][3]          0.2589 
_pdbx_refine_tls.S[3][1]          -0.0157 
_pdbx_refine_tls.S[3][2]          -0.0289 
_pdbx_refine_tls.S[3][3]          0.1200 
# 
_pdbx_refine_tls_group.pdbx_refine_id      'X-RAY DIFFRACTION' 
_pdbx_refine_tls_group.id                  1 
_pdbx_refine_tls_group.refine_tls_id       1 
_pdbx_refine_tls_group.beg_auth_asym_id    A 
_pdbx_refine_tls_group.beg_auth_seq_id     15 
_pdbx_refine_tls_group.beg_label_asym_id   ? 
_pdbx_refine_tls_group.beg_label_seq_id    ? 
_pdbx_refine_tls_group.end_auth_asym_id    A 
_pdbx_refine_tls_group.end_auth_seq_id     103 
_pdbx_refine_tls_group.end_label_asym_id   ? 
_pdbx_refine_tls_group.end_label_seq_id    ? 
_pdbx_refine_tls_group.selection           ? 
_pdbx_refine_tls_group.selection_details   ? 
# 
loop_
_pdbx_unobs_or_zero_occ_residues.id 
_pdbx_unobs_or_zero_occ_residues.PDB_model_num 
_pdbx_unobs_or_zero_occ_residues.polymer_flag 
_pdbx_unobs_or_zero_occ_residues.occupancy_flag 
_pdbx_unobs_or_zero_occ_residues.auth_asym_id 
_pdbx_unobs_or_zero_occ_residues.auth_comp_id 
_pdbx_unobs_or_zero_occ_residues.auth_seq_id 
_pdbx_unobs_or_zero_occ_residues.PDB_ins_code 
_pdbx_unobs_or_zero_occ_residues.label_asym_id 
_pdbx_unobs_or_zero_occ_residues.label_comp_id 
_pdbx_unobs_or_zero_occ_residues.label_seq_id 
1  1 Y 1 A GLY 1   ? A GLY 1   
2  1 Y 1 A PRO 2   ? A PRO 2   
3  1 Y 1 A GLY 3   ? A GLY 3   
4  1 Y 1 A SER 4   ? A SER 4   
5  1 Y 1 A ALA 5   ? A ALA 5   
6  1 Y 1 A PRO 6   ? A PRO 6   
7  1 Y 1 A LEU 7   ? A LEU 7   
8  1 Y 1 A PRO 8   ? A PRO 8   
9  1 Y 1 A ASN 9   ? A ASN 9   
10 1 Y 1 A PRO 10  ? A PRO 10  
11 1 Y 1 A PRO 11  ? A PRO 11  
12 1 Y 1 A MET 12  ? A MET 12  
13 1 Y 1 A THR 13  ? A THR 13  
14 1 Y 1 A PRO 14  ? A PRO 14  
15 1 Y 1 A GLN 104 ? A GLN 104 
16 1 Y 1 A THR 105 ? A THR 105 
17 1 Y 1 A PRO 106 ? A PRO 106 
18 1 Y 1 A ALA 107 ? A ALA 107 
19 1 Y 1 A PRO 108 ? A PRO 108 
20 1 Y 1 A GLY 109 ? A GLY 109 
21 1 Y 1 A THR 110 ? A THR 110 
22 1 Y 1 A LYS 111 ? A LYS 111 
23 1 Y 1 A ARG 112 ? A ARG 112 
24 1 Y 1 A SER 113 ? A SER 113 
25 1 Y 1 A ILE 114 ? A ILE 114 
26 1 Y 1 A ASP 115 ? A ASP 115 
27 1 Y 1 A GLU 116 ? A GLU 116 
28 1 Y 1 A LEU 117 ? A LEU 117 
29 1 Y 1 A ASP 118 ? A ASP 118 
# 
loop_
_chem_comp_atom.comp_id 
_chem_comp_atom.atom_id 
_chem_comp_atom.type_symbol 
_chem_comp_atom.pdbx_aromatic_flag 
_chem_comp_atom.pdbx_stereo_config 
_chem_comp_atom.pdbx_ordinal 
ALA N    N  N N 1   
ALA CA   C  N S 2   
ALA C    C  N N 3   
ALA O    O  N N 4   
ALA CB   C  N N 5   
ALA OXT  O  N N 6   
ALA H    H  N N 7   
ALA H2   H  N N 8   
ALA HA   H  N N 9   
ALA HB1  H  N N 10  
ALA HB2  H  N N 11  
ALA HB3  H  N N 12  
ALA HXT  H  N N 13  
ARG N    N  N N 14  
ARG CA   C  N S 15  
ARG C    C  N N 16  
ARG O    O  N N 17  
ARG CB   C  N N 18  
ARG CG   C  N N 19  
ARG CD   C  N N 20  
ARG NE   N  N N 21  
ARG CZ   C  N N 22  
ARG NH1  N  N N 23  
ARG NH2  N  N N 24  
ARG OXT  O  N N 25  
ARG H    H  N N 26  
ARG H2   H  N N 27  
ARG HA   H  N N 28  
ARG HB2  H  N N 29  
ARG HB3  H  N N 30  
ARG HG2  H  N N 31  
ARG HG3  H  N N 32  
ARG HD2  H  N N 33  
ARG HD3  H  N N 34  
ARG HE   H  N N 35  
ARG HH11 H  N N 36  
ARG HH12 H  N N 37  
ARG HH21 H  N N 38  
ARG HH22 H  N N 39  
ARG HXT  H  N N 40  
ASN N    N  N N 41  
ASN CA   C  N S 42  
ASN C    C  N N 43  
ASN O    O  N N 44  
ASN CB   C  N N 45  
ASN CG   C  N N 46  
ASN OD1  O  N N 47  
ASN ND2  N  N N 48  
ASN OXT  O  N N 49  
ASN H    H  N N 50  
ASN H2   H  N N 51  
ASN HA   H  N N 52  
ASN HB2  H  N N 53  
ASN HB3  H  N N 54  
ASN HD21 H  N N 55  
ASN HD22 H  N N 56  
ASN HXT  H  N N 57  
ASP N    N  N N 58  
ASP CA   C  N S 59  
ASP C    C  N N 60  
ASP O    O  N N 61  
ASP CB   C  N N 62  
ASP CG   C  N N 63  
ASP OD1  O  N N 64  
ASP OD2  O  N N 65  
ASP OXT  O  N N 66  
ASP H    H  N N 67  
ASP H2   H  N N 68  
ASP HA   H  N N 69  
ASP HB2  H  N N 70  
ASP HB3  H  N N 71  
ASP HD2  H  N N 72  
ASP HXT  H  N N 73  
GLN N    N  N N 74  
GLN CA   C  N S 75  
GLN C    C  N N 76  
GLN O    O  N N 77  
GLN CB   C  N N 78  
GLN CG   C  N N 79  
GLN CD   C  N N 80  
GLN OE1  O  N N 81  
GLN NE2  N  N N 82  
GLN OXT  O  N N 83  
GLN H    H  N N 84  
GLN H2   H  N N 85  
GLN HA   H  N N 86  
GLN HB2  H  N N 87  
GLN HB3  H  N N 88  
GLN HG2  H  N N 89  
GLN HG3  H  N N 90  
GLN HE21 H  N N 91  
GLN HE22 H  N N 92  
GLN HXT  H  N N 93  
GLU N    N  N N 94  
GLU CA   C  N S 95  
GLU C    C  N N 96  
GLU O    O  N N 97  
GLU CB   C  N N 98  
GLU CG   C  N N 99  
GLU CD   C  N N 100 
GLU OE1  O  N N 101 
GLU OE2  O  N N 102 
GLU OXT  O  N N 103 
GLU H    H  N N 104 
GLU H2   H  N N 105 
GLU HA   H  N N 106 
GLU HB2  H  N N 107 
GLU HB3  H  N N 108 
GLU HG2  H  N N 109 
GLU HG3  H  N N 110 
GLU HE2  H  N N 111 
GLU HXT  H  N N 112 
GLY N    N  N N 113 
GLY CA   C  N N 114 
GLY C    C  N N 115 
GLY O    O  N N 116 
GLY OXT  O  N N 117 
GLY H    H  N N 118 
GLY H2   H  N N 119 
GLY HA2  H  N N 120 
GLY HA3  H  N N 121 
GLY HXT  H  N N 122 
HIS N    N  N N 123 
HIS CA   C  N S 124 
HIS C    C  N N 125 
HIS O    O  N N 126 
HIS CB   C  N N 127 
HIS CG   C  Y N 128 
HIS ND1  N  Y N 129 
HIS CD2  C  Y N 130 
HIS CE1  C  Y N 131 
HIS NE2  N  Y N 132 
HIS OXT  O  N N 133 
HIS H    H  N N 134 
HIS H2   H  N N 135 
HIS HA   H  N N 136 
HIS HB2  H  N N 137 
HIS HB3  H  N N 138 
HIS HD1  H  N N 139 
HIS HD2  H  N N 140 
HIS HE1  H  N N 141 
HIS HE2  H  N N 142 
HIS HXT  H  N N 143 
HOH O    O  N N 144 
HOH H1   H  N N 145 
HOH H2   H  N N 146 
ILE N    N  N N 147 
ILE CA   C  N S 148 
ILE C    C  N N 149 
ILE O    O  N N 150 
ILE CB   C  N S 151 
ILE CG1  C  N N 152 
ILE CG2  C  N N 153 
ILE CD1  C  N N 154 
ILE OXT  O  N N 155 
ILE H    H  N N 156 
ILE H2   H  N N 157 
ILE HA   H  N N 158 
ILE HB   H  N N 159 
ILE HG12 H  N N 160 
ILE HG13 H  N N 161 
ILE HG21 H  N N 162 
ILE HG22 H  N N 163 
ILE HG23 H  N N 164 
ILE HD11 H  N N 165 
ILE HD12 H  N N 166 
ILE HD13 H  N N 167 
ILE HXT  H  N N 168 
LEU N    N  N N 169 
LEU CA   C  N S 170 
LEU C    C  N N 171 
LEU O    O  N N 172 
LEU CB   C  N N 173 
LEU CG   C  N N 174 
LEU CD1  C  N N 175 
LEU CD2  C  N N 176 
LEU OXT  O  N N 177 
LEU H    H  N N 178 
LEU H2   H  N N 179 
LEU HA   H  N N 180 
LEU HB2  H  N N 181 
LEU HB3  H  N N 182 
LEU HG   H  N N 183 
LEU HD11 H  N N 184 
LEU HD12 H  N N 185 
LEU HD13 H  N N 186 
LEU HD21 H  N N 187 
LEU HD22 H  N N 188 
LEU HD23 H  N N 189 
LEU HXT  H  N N 190 
LYS N    N  N N 191 
LYS CA   C  N S 192 
LYS C    C  N N 193 
LYS O    O  N N 194 
LYS CB   C  N N 195 
LYS CG   C  N N 196 
LYS CD   C  N N 197 
LYS CE   C  N N 198 
LYS NZ   N  N N 199 
LYS OXT  O  N N 200 
LYS H    H  N N 201 
LYS H2   H  N N 202 
LYS HA   H  N N 203 
LYS HB2  H  N N 204 
LYS HB3  H  N N 205 
LYS HG2  H  N N 206 
LYS HG3  H  N N 207 
LYS HD2  H  N N 208 
LYS HD3  H  N N 209 
LYS HE2  H  N N 210 
LYS HE3  H  N N 211 
LYS HZ1  H  N N 212 
LYS HZ2  H  N N 213 
LYS HZ3  H  N N 214 
LYS HXT  H  N N 215 
MET N    N  N N 216 
MET CA   C  N S 217 
MET C    C  N N 218 
MET O    O  N N 219 
MET CB   C  N N 220 
MET CG   C  N N 221 
MET SD   S  N N 222 
MET CE   C  N N 223 
MET OXT  O  N N 224 
MET H    H  N N 225 
MET H2   H  N N 226 
MET HA   H  N N 227 
MET HB2  H  N N 228 
MET HB3  H  N N 229 
MET HG2  H  N N 230 
MET HG3  H  N N 231 
MET HE1  H  N N 232 
MET HE2  H  N N 233 
MET HE3  H  N N 234 
MET HXT  H  N N 235 
PRO N    N  N N 236 
PRO CA   C  N S 237 
PRO C    C  N N 238 
PRO O    O  N N 239 
PRO CB   C  N N 240 
PRO CG   C  N N 241 
PRO CD   C  N N 242 
PRO OXT  O  N N 243 
PRO H    H  N N 244 
PRO HA   H  N N 245 
PRO HB2  H  N N 246 
PRO HB3  H  N N 247 
PRO HG2  H  N N 248 
PRO HG3  H  N N 249 
PRO HD2  H  N N 250 
PRO HD3  H  N N 251 
PRO HXT  H  N N 252 
SER N    N  N N 253 
SER CA   C  N S 254 
SER C    C  N N 255 
SER O    O  N N 256 
SER CB   C  N N 257 
SER OG   O  N N 258 
SER OXT  O  N N 259 
SER H    H  N N 260 
SER H2   H  N N 261 
SER HA   H  N N 262 
SER HB2  H  N N 263 
SER HB3  H  N N 264 
SER HG   H  N N 265 
SER HXT  H  N N 266 
SO4 S    S  N N 267 
SO4 O1   O  N N 268 
SO4 O2   O  N N 269 
SO4 O3   O  N N 270 
SO4 O4   O  N N 271 
THR N    N  N N 272 
THR CA   C  N S 273 
THR C    C  N N 274 
THR O    O  N N 275 
THR CB   C  N R 276 
THR OG1  O  N N 277 
THR CG2  C  N N 278 
THR OXT  O  N N 279 
THR H    H  N N 280 
THR H2   H  N N 281 
THR HA   H  N N 282 
THR HB   H  N N 283 
THR HG1  H  N N 284 
THR HG21 H  N N 285 
THR HG22 H  N N 286 
THR HG23 H  N N 287 
THR HXT  H  N N 288 
TYR N    N  N N 289 
TYR CA   C  N S 290 
TYR C    C  N N 291 
TYR O    O  N N 292 
TYR CB   C  N N 293 
TYR CG   C  Y N 294 
TYR CD1  C  Y N 295 
TYR CD2  C  Y N 296 
TYR CE1  C  Y N 297 
TYR CE2  C  Y N 298 
TYR CZ   C  Y N 299 
TYR OH   O  N N 300 
TYR OXT  O  N N 301 
TYR H    H  N N 302 
TYR H2   H  N N 303 
TYR HA   H  N N 304 
TYR HB2  H  N N 305 
TYR HB3  H  N N 306 
TYR HD1  H  N N 307 
TYR HD2  H  N N 308 
TYR HE1  H  N N 309 
TYR HE2  H  N N 310 
TYR HH   H  N N 311 
TYR HXT  H  N N 312 
VAL N    N  N N 313 
VAL CA   C  N S 314 
VAL C    C  N N 315 
VAL O    O  N N 316 
VAL CB   C  N N 317 
VAL CG1  C  N N 318 
VAL CG2  C  N N 319 
VAL OXT  O  N N 320 
VAL H    H  N N 321 
VAL H2   H  N N 322 
VAL HA   H  N N 323 
VAL HB   H  N N 324 
VAL HG11 H  N N 325 
VAL HG12 H  N N 326 
VAL HG13 H  N N 327 
VAL HG21 H  N N 328 
VAL HG22 H  N N 329 
VAL HG23 H  N N 330 
VAL HXT  H  N N 331 
ZN  ZN   ZN N N 332 
# 
loop_
_chem_comp_bond.comp_id 
_chem_comp_bond.atom_id_1 
_chem_comp_bond.atom_id_2 
_chem_comp_bond.value_order 
_chem_comp_bond.pdbx_aromatic_flag 
_chem_comp_bond.pdbx_stereo_config 
_chem_comp_bond.pdbx_ordinal 
ALA N   CA   sing N N 1   
ALA N   H    sing N N 2   
ALA N   H2   sing N N 3   
ALA CA  C    sing N N 4   
ALA CA  CB   sing N N 5   
ALA CA  HA   sing N N 6   
ALA C   O    doub N N 7   
ALA C   OXT  sing N N 8   
ALA CB  HB1  sing N N 9   
ALA CB  HB2  sing N N 10  
ALA CB  HB3  sing N N 11  
ALA OXT HXT  sing N N 12  
ARG N   CA   sing N N 13  
ARG N   H    sing N N 14  
ARG N   H2   sing N N 15  
ARG CA  C    sing N N 16  
ARG CA  CB   sing N N 17  
ARG CA  HA   sing N N 18  
ARG C   O    doub N N 19  
ARG C   OXT  sing N N 20  
ARG CB  CG   sing N N 21  
ARG CB  HB2  sing N N 22  
ARG CB  HB3  sing N N 23  
ARG CG  CD   sing N N 24  
ARG CG  HG2  sing N N 25  
ARG CG  HG3  sing N N 26  
ARG CD  NE   sing N N 27  
ARG CD  HD2  sing N N 28  
ARG CD  HD3  sing N N 29  
ARG NE  CZ   sing N N 30  
ARG NE  HE   sing N N 31  
ARG CZ  NH1  sing N N 32  
ARG CZ  NH2  doub N N 33  
ARG NH1 HH11 sing N N 34  
ARG NH1 HH12 sing N N 35  
ARG NH2 HH21 sing N N 36  
ARG NH2 HH22 sing N N 37  
ARG OXT HXT  sing N N 38  
ASN N   CA   sing N N 39  
ASN N   H    sing N N 40  
ASN N   H2   sing N N 41  
ASN CA  C    sing N N 42  
ASN CA  CB   sing N N 43  
ASN CA  HA   sing N N 44  
ASN C   O    doub N N 45  
ASN C   OXT  sing N N 46  
ASN CB  CG   sing N N 47  
ASN CB  HB2  sing N N 48  
ASN CB  HB3  sing N N 49  
ASN CG  OD1  doub N N 50  
ASN CG  ND2  sing N N 51  
ASN ND2 HD21 sing N N 52  
ASN ND2 HD22 sing N N 53  
ASN OXT HXT  sing N N 54  
ASP N   CA   sing N N 55  
ASP N   H    sing N N 56  
ASP N   H2   sing N N 57  
ASP CA  C    sing N N 58  
ASP CA  CB   sing N N 59  
ASP CA  HA   sing N N 60  
ASP C   O    doub N N 61  
ASP C   OXT  sing N N 62  
ASP CB  CG   sing N N 63  
ASP CB  HB2  sing N N 64  
ASP CB  HB3  sing N N 65  
ASP CG  OD1  doub N N 66  
ASP CG  OD2  sing N N 67  
ASP OD2 HD2  sing N N 68  
ASP OXT HXT  sing N N 69  
GLN N   CA   sing N N 70  
GLN N   H    sing N N 71  
GLN N   H2   sing N N 72  
GLN CA  C    sing N N 73  
GLN CA  CB   sing N N 74  
GLN CA  HA   sing N N 75  
GLN C   O    doub N N 76  
GLN C   OXT  sing N N 77  
GLN CB  CG   sing N N 78  
GLN CB  HB2  sing N N 79  
GLN CB  HB3  sing N N 80  
GLN CG  CD   sing N N 81  
GLN CG  HG2  sing N N 82  
GLN CG  HG3  sing N N 83  
GLN CD  OE1  doub N N 84  
GLN CD  NE2  sing N N 85  
GLN NE2 HE21 sing N N 86  
GLN NE2 HE22 sing N N 87  
GLN OXT HXT  sing N N 88  
GLU N   CA   sing N N 89  
GLU N   H    sing N N 90  
GLU N   H2   sing N N 91  
GLU CA  C    sing N N 92  
GLU CA  CB   sing N N 93  
GLU CA  HA   sing N N 94  
GLU C   O    doub N N 95  
GLU C   OXT  sing N N 96  
GLU CB  CG   sing N N 97  
GLU CB  HB2  sing N N 98  
GLU CB  HB3  sing N N 99  
GLU CG  CD   sing N N 100 
GLU CG  HG2  sing N N 101 
GLU CG  HG3  sing N N 102 
GLU CD  OE1  doub N N 103 
GLU CD  OE2  sing N N 104 
GLU OE2 HE2  sing N N 105 
GLU OXT HXT  sing N N 106 
GLY N   CA   sing N N 107 
GLY N   H    sing N N 108 
GLY N   H2   sing N N 109 
GLY CA  C    sing N N 110 
GLY CA  HA2  sing N N 111 
GLY CA  HA3  sing N N 112 
GLY C   O    doub N N 113 
GLY C   OXT  sing N N 114 
GLY OXT HXT  sing N N 115 
HIS N   CA   sing N N 116 
HIS N   H    sing N N 117 
HIS N   H2   sing N N 118 
HIS CA  C    sing N N 119 
HIS CA  CB   sing N N 120 
HIS CA  HA   sing N N 121 
HIS C   O    doub N N 122 
HIS C   OXT  sing N N 123 
HIS CB  CG   sing N N 124 
HIS CB  HB2  sing N N 125 
HIS CB  HB3  sing N N 126 
HIS CG  ND1  sing Y N 127 
HIS CG  CD2  doub Y N 128 
HIS ND1 CE1  doub Y N 129 
HIS ND1 HD1  sing N N 130 
HIS CD2 NE2  sing Y N 131 
HIS CD2 HD2  sing N N 132 
HIS CE1 NE2  sing Y N 133 
HIS CE1 HE1  sing N N 134 
HIS NE2 HE2  sing N N 135 
HIS OXT HXT  sing N N 136 
HOH O   H1   sing N N 137 
HOH O   H2   sing N N 138 
ILE N   CA   sing N N 139 
ILE N   H    sing N N 140 
ILE N   H2   sing N N 141 
ILE CA  C    sing N N 142 
ILE CA  CB   sing N N 143 
ILE CA  HA   sing N N 144 
ILE C   O    doub N N 145 
ILE C   OXT  sing N N 146 
ILE CB  CG1  sing N N 147 
ILE CB  CG2  sing N N 148 
ILE CB  HB   sing N N 149 
ILE CG1 CD1  sing N N 150 
ILE CG1 HG12 sing N N 151 
ILE CG1 HG13 sing N N 152 
ILE CG2 HG21 sing N N 153 
ILE CG2 HG22 sing N N 154 
ILE CG2 HG23 sing N N 155 
ILE CD1 HD11 sing N N 156 
ILE CD1 HD12 sing N N 157 
ILE CD1 HD13 sing N N 158 
ILE OXT HXT  sing N N 159 
LEU N   CA   sing N N 160 
LEU N   H    sing N N 161 
LEU N   H2   sing N N 162 
LEU CA  C    sing N N 163 
LEU CA  CB   sing N N 164 
LEU CA  HA   sing N N 165 
LEU C   O    doub N N 166 
LEU C   OXT  sing N N 167 
LEU CB  CG   sing N N 168 
LEU CB  HB2  sing N N 169 
LEU CB  HB3  sing N N 170 
LEU CG  CD1  sing N N 171 
LEU CG  CD2  sing N N 172 
LEU CG  HG   sing N N 173 
LEU CD1 HD11 sing N N 174 
LEU CD1 HD12 sing N N 175 
LEU CD1 HD13 sing N N 176 
LEU CD2 HD21 sing N N 177 
LEU CD2 HD22 sing N N 178 
LEU CD2 HD23 sing N N 179 
LEU OXT HXT  sing N N 180 
LYS N   CA   sing N N 181 
LYS N   H    sing N N 182 
LYS N   H2   sing N N 183 
LYS CA  C    sing N N 184 
LYS CA  CB   sing N N 185 
LYS CA  HA   sing N N 186 
LYS C   O    doub N N 187 
LYS C   OXT  sing N N 188 
LYS CB  CG   sing N N 189 
LYS CB  HB2  sing N N 190 
LYS CB  HB3  sing N N 191 
LYS CG  CD   sing N N 192 
LYS CG  HG2  sing N N 193 
LYS CG  HG3  sing N N 194 
LYS CD  CE   sing N N 195 
LYS CD  HD2  sing N N 196 
LYS CD  HD3  sing N N 197 
LYS CE  NZ   sing N N 198 
LYS CE  HE2  sing N N 199 
LYS CE  HE3  sing N N 200 
LYS NZ  HZ1  sing N N 201 
LYS NZ  HZ2  sing N N 202 
LYS NZ  HZ3  sing N N 203 
LYS OXT HXT  sing N N 204 
MET N   CA   sing N N 205 
MET N   H    sing N N 206 
MET N   H2   sing N N 207 
MET CA  C    sing N N 208 
MET CA  CB   sing N N 209 
MET CA  HA   sing N N 210 
MET C   O    doub N N 211 
MET C   OXT  sing N N 212 
MET CB  CG   sing N N 213 
MET CB  HB2  sing N N 214 
MET CB  HB3  sing N N 215 
MET CG  SD   sing N N 216 
MET CG  HG2  sing N N 217 
MET CG  HG3  sing N N 218 
MET SD  CE   sing N N 219 
MET CE  HE1  sing N N 220 
MET CE  HE2  sing N N 221 
MET CE  HE3  sing N N 222 
MET OXT HXT  sing N N 223 
PRO N   CA   sing N N 224 
PRO N   CD   sing N N 225 
PRO N   H    sing N N 226 
PRO CA  C    sing N N 227 
PRO CA  CB   sing N N 228 
PRO CA  HA   sing N N 229 
PRO C   O    doub N N 230 
PRO C   OXT  sing N N 231 
PRO CB  CG   sing N N 232 
PRO CB  HB2  sing N N 233 
PRO CB  HB3  sing N N 234 
PRO CG  CD   sing N N 235 
PRO CG  HG2  sing N N 236 
PRO CG  HG3  sing N N 237 
PRO CD  HD2  sing N N 238 
PRO CD  HD3  sing N N 239 
PRO OXT HXT  sing N N 240 
SER N   CA   sing N N 241 
SER N   H    sing N N 242 
SER N   H2   sing N N 243 
SER CA  C    sing N N 244 
SER CA  CB   sing N N 245 
SER CA  HA   sing N N 246 
SER C   O    doub N N 247 
SER C   OXT  sing N N 248 
SER CB  OG   sing N N 249 
SER CB  HB2  sing N N 250 
SER CB  HB3  sing N N 251 
SER OG  HG   sing N N 252 
SER OXT HXT  sing N N 253 
SO4 S   O1   doub N N 254 
SO4 S   O2   doub N N 255 
SO4 S   O3   sing N N 256 
SO4 S   O4   sing N N 257 
THR N   CA   sing N N 258 
THR N   H    sing N N 259 
THR N   H2   sing N N 260 
THR CA  C    sing N N 261 
THR CA  CB   sing N N 262 
THR CA  HA   sing N N 263 
THR C   O    doub N N 264 
THR C   OXT  sing N N 265 
THR CB  OG1  sing N N 266 
THR CB  CG2  sing N N 267 
THR CB  HB   sing N N 268 
THR OG1 HG1  sing N N 269 
THR CG2 HG21 sing N N 270 
THR CG2 HG22 sing N N 271 
THR CG2 HG23 sing N N 272 
THR OXT HXT  sing N N 273 
TYR N   CA   sing N N 274 
TYR N   H    sing N N 275 
TYR N   H2   sing N N 276 
TYR CA  C    sing N N 277 
TYR CA  CB   sing N N 278 
TYR CA  HA   sing N N 279 
TYR C   O    doub N N 280 
TYR C   OXT  sing N N 281 
TYR CB  CG   sing N N 282 
TYR CB  HB2  sing N N 283 
TYR CB  HB3  sing N N 284 
TYR CG  CD1  doub Y N 285 
TYR CG  CD2  sing Y N 286 
TYR CD1 CE1  sing Y N 287 
TYR CD1 HD1  sing N N 288 
TYR CD2 CE2  doub Y N 289 
TYR CD2 HD2  sing N N 290 
TYR CE1 CZ   doub Y N 291 
TYR CE1 HE1  sing N N 292 
TYR CE2 CZ   sing Y N 293 
TYR CE2 HE2  sing N N 294 
TYR CZ  OH   sing N N 295 
TYR OH  HH   sing N N 296 
TYR OXT HXT  sing N N 297 
VAL N   CA   sing N N 298 
VAL N   H    sing N N 299 
VAL N   H2   sing N N 300 
VAL CA  C    sing N N 301 
VAL CA  CB   sing N N 302 
VAL CA  HA   sing N N 303 
VAL C   O    doub N N 304 
VAL C   OXT  sing N N 305 
VAL CB  CG1  sing N N 306 
VAL CB  CG2  sing N N 307 
VAL CB  HB   sing N N 308 
VAL CG1 HG11 sing N N 309 
VAL CG1 HG12 sing N N 310 
VAL CG1 HG13 sing N N 311 
VAL CG2 HG21 sing N N 312 
VAL CG2 HG22 sing N N 313 
VAL CG2 HG23 sing N N 314 
VAL OXT HXT  sing N N 315 
# 
_atom_sites.entry_id                    5LOS 
_atom_sites.fract_transf_matrix[1][1]   -0.00626197 
_atom_sites.fract_transf_matrix[1][2]   -0.00176030 
_atom_sites.fract_transf_matrix[1][3]   -0.01795294 
_atom_sites.fract_transf_matrix[2][1]   -0.00608113 
_atom_sites.fract_transf_matrix[2][2]   -0.01768549 
_atom_sites.fract_transf_matrix[2][3]   0.00385517 
_atom_sites.fract_transf_matrix[3][1]   -0.00448881 
_atom_sites.fract_transf_matrix[3][2]   0.00184533 
_atom_sites.fract_transf_matrix[3][3]   0.00138476 
_atom_sites.fract_transf_vector[1]      0.128180 
_atom_sites.fract_transf_vector[2]      0.084741 
_atom_sites.fract_transf_vector[3]      0.091878 
# 
loop_
_atom_type.symbol 
C  
N  
O  
S  
ZN 
# 
loop_
_atom_site.group_PDB 
_atom_site.id 
_atom_site.type_symbol 
_atom_site.label_atom_id 
_atom_site.label_alt_id 
_atom_site.label_comp_id 
_atom_site.label_asym_id 
_atom_site.label_entity_id 
_atom_site.label_seq_id 
_atom_site.pdbx_PDB_ins_code 
_atom_site.Cartn_x 
_atom_site.Cartn_y 
_atom_site.Cartn_z 
_atom_site.occupancy 
_atom_site.B_iso_or_equiv 
_atom_site.pdbx_formal_charge 
_atom_site.auth_seq_id 
_atom_site.auth_comp_id 
_atom_site.auth_asym_id 
_atom_site.auth_atom_id 
_atom_site.pdbx_PDB_model_num 
ATOM   1   N  N   . ALA A 1 15  ? 18.907  -29.116 -0.925  1.00 75.26 ? 15  ALA A N   1 
ATOM   2   C  CA  . ALA A 1 15  ? 17.779  -28.251 -0.409  1.00 76.22 ? 15  ALA A CA  1 
ATOM   3   C  C   . ALA A 1 15  ? 18.071  -27.144 0.681   1.00 74.43 ? 15  ALA A C   1 
ATOM   4   O  O   . ALA A 1 15  ? 17.255  -26.952 1.598   1.00 79.78 ? 15  ALA A O   1 
ATOM   5   C  CB  . ALA A 1 15  ? 16.605  -29.087 -0.019  1.00 65.02 ? 15  ALA A CB  1 
ATOM   6   N  N   . GLN A 1 16  ? 19.218  -26.426 0.520   1.00 61.54 ? 16  GLN A N   1 
ATOM   7   C  CA  . GLN A 1 16  ? 19.377  -24.959 0.763   1.00 48.31 ? 16  GLN A CA  1 
ATOM   8   C  C   . GLN A 1 16  ? 18.177  -24.280 0.098   1.00 42.43 ? 16  GLN A C   1 
ATOM   9   O  O   . GLN A 1 16  ? 17.882  -23.121 0.391   1.00 42.06 ? 16  GLN A O   1 
ATOM   10  C  CB  . GLN A 1 16  ? 20.669  -24.420 0.138   1.00 50.38 ? 16  GLN A CB  1 
ATOM   11  N  N   . HIS A 1 17  ? 17.547  -25.020 -0.830  1.00 38.74 ? 17  HIS A N   1 
ATOM   12  C  CA  . HIS A 1 17  ? 16.232  -24.755 -1.402  1.00 44.90 ? 17  HIS A CA  1 
ATOM   13  C  C   . HIS A 1 17  ? 15.219  -24.491 -0.298  1.00 40.21 ? 17  HIS A C   1 
ATOM   14  O  O   . HIS A 1 17  ? 14.513  -23.460 -0.369  1.00 36.65 ? 17  HIS A O   1 
ATOM   15  C  CB  . HIS A 1 17  ? 15.738  -25.906 -2.359  1.00 46.91 ? 17  HIS A CB  1 
ATOM   16  C  CG  . HIS A 1 17  ? 16.379  -25.880 -3.737  1.00 47.32 ? 17  HIS A CG  1 
ATOM   17  N  ND1 . HIS A 1 17  ? 16.193  -24.842 -4.638  1.00 50.11 ? 17  HIS A ND1 1 
ATOM   18  C  CD2 . HIS A 1 17  ? 17.204  -26.759 -4.364  1.00 49.40 ? 17  HIS A CD2 1 
ATOM   19  C  CE1 . HIS A 1 17  ? 16.869  -25.074 -5.750  1.00 51.08 ? 17  HIS A CE1 1 
ATOM   20  N  NE2 . HIS A 1 17  ? 17.496  -26.232 -5.611  1.00 52.43 ? 17  HIS A NE2 1 
ATOM   21  N  N   . TYR A 1 18  ? 15.130  -25.365 0.715   1.00 38.61 ? 18  TYR A N   1 
ATOM   22  C  CA  . TYR A 1 18  ? 14.169  -25.145 1.845   1.00 38.00 ? 18  TYR A CA  1 
ATOM   23  C  C   . TYR A 1 18  ? 14.387  -23.806 2.452   1.00 39.89 ? 18  TYR A C   1 
ATOM   24  O  O   . TYR A 1 18  ? 13.432  -23.050 2.686   1.00 37.43 ? 18  TYR A O   1 
ATOM   25  C  CB  . TYR A 1 18  ? 14.291  -26.176 3.002   1.00 46.85 ? 18  TYR A CB  1 
ATOM   26  N  N   . ALA A 1 19  ? 15.660  -23.501 2.734   1.00 37.28 ? 19  ALA A N   1 
ATOM   27  C  CA  . ALA A 1 19  ? 15.979  -22.235 3.398   1.00 41.21 ? 19  ALA A CA  1 
ATOM   28  C  C   . ALA A 1 19  ? 15.629  -21.056 2.529   1.00 39.44 ? 19  ALA A C   1 
ATOM   29  O  O   . ALA A 1 19  ? 15.176  -20.047 3.071   1.00 38.98 ? 19  ALA A O   1 
ATOM   30  C  CB  . ALA A 1 19  ? 17.449  -22.148 3.818   1.00 45.50 ? 19  ALA A CB  1 
ATOM   31  N  N   . GLN A 1 20  ? 15.855  -21.151 1.208   1.00 35.67 ? 20  GLN A N   1 
ATOM   32  C  CA  . GLN A 1 20  ? 15.497  -20.035 0.329   1.00 37.02 ? 20  GLN A CA  1 
ATOM   33  C  C   . GLN A 1 20  ? 13.948  -19.839 0.243   1.00 38.39 ? 20  GLN A C   1 
ATOM   34  O  O   . GLN A 1 20  ? 13.467  -18.696 0.186   1.00 30.64 ? 20  GLN A O   1 
ATOM   35  C  CB  . GLN A 1 20  ? 16.117  -20.170 -1.061  1.00 39.93 ? 20  GLN A CB  1 
ATOM   36  C  CG  . GLN A 1 20  ? 17.573  -19.688 -1.099  1.00 47.85 ? 20  GLN A CG  1 
ATOM   37  C  CD  . GLN A 1 20  ? 17.606  -18.164 -1.210  1.00 61.75 ? 20  GLN A CD  1 
ATOM   38  O  OE1 . GLN A 1 20  ? 17.790  -17.475 -0.199  1.00 71.10 ? 20  GLN A OE1 1 
ATOM   39  N  NE2 . GLN A 1 20  ? 17.350  -17.615 -2.443  1.00 71.79 ? 20  GLN A NE2 1 
ATOM   40  N  N   . ALA A 1 21  ? 13.197  -20.950 0.284   1.00 35.26 ? 21  ALA A N   1 
ATOM   41  C  CA  . ALA A 1 21  ? 11.758  -20.865 0.268   1.00 36.60 ? 21  ALA A CA  1 
ATOM   42  C  C   . ALA A 1 21  ? 11.268  -20.085 1.497   1.00 38.35 ? 21  ALA A C   1 
ATOM   43  O  O   . ALA A 1 21  ? 10.485  -19.183 1.406   1.00 34.55 ? 21  ALA A O   1 
ATOM   44  C  CB  . ALA A 1 21  ? 11.148  -22.244 0.211   1.00 41.24 ? 21  ALA A CB  1 
ATOM   45  N  N   . ILE A 1 22  ? 11.849  -20.334 2.641   1.00 36.03 ? 22  ILE A N   1 
ATOM   46  C  CA  . ILE A 1 22  ? 11.368  -19.740 3.876   1.00 36.70 ? 22  ILE A CA  1 
ATOM   47  C  C   . ILE A 1 22  ? 11.735  -18.247 3.896   1.00 35.71 ? 22  ILE A C   1 
ATOM   48  O  O   . ILE A 1 22  ? 10.977  -17.330 4.360   1.00 31.27 ? 22  ILE A O   1 
ATOM   49  C  CB  . ILE A 1 22  ? 12.069  -20.506 5.064   1.00 41.67 ? 22  ILE A CB  1 
ATOM   50  C  CG1 . ILE A 1 22  ? 11.697  -22.014 5.141   1.00 46.25 ? 22  ILE A CG1 1 
ATOM   51  C  CG2 . ILE A 1 22  ? 11.852  -19.811 6.406   1.00 44.99 ? 22  ILE A CG2 1 
ATOM   52  C  CD1 . ILE A 1 22  ? 10.235  -22.274 5.404   1.00 51.36 ? 22  ILE A CD1 1 
ATOM   53  N  N   . HIS A 1 23  ? 12.947  -17.983 3.426   1.00 31.68 ? 23  HIS A N   1 
ATOM   54  C  CA  . HIS A 1 23  ? 13.406  -16.600 3.281   1.00 32.92 ? 23  HIS A CA  1 
ATOM   55  C  C   . HIS A 1 23  ? 12.427  -15.819 2.417   1.00 30.90 ? 23  HIS A C   1 
ATOM   56  O  O   . HIS A 1 23  ? 12.038  -14.676 2.730   1.00 31.65 ? 23  HIS A O   1 
ATOM   57  C  CB  . HIS A 1 23  ? 14.820  -16.673 2.622   1.00 34.46 ? 23  HIS A CB  1 
ATOM   58  C  CG  . HIS A 1 23  ? 15.394  -15.385 2.148   1.00 36.13 ? 23  HIS A CG  1 
ATOM   59  N  ND1 . HIS A 1 23  ? 16.171  -14.575 2.948   1.00 40.44 ? 23  HIS A ND1 1 
ATOM   60  C  CD2 . HIS A 1 23  ? 15.412  -14.819 0.906   1.00 39.24 ? 23  HIS A CD2 1 
ATOM   61  C  CE1 . HIS A 1 23  ? 16.567  -13.520 2.252   1.00 41.52 ? 23  HIS A CE1 1 
ATOM   62  N  NE2 . HIS A 1 23  ? 16.133  -13.659 1.005   1.00 41.06 ? 23  HIS A NE2 1 
ATOM   63  N  N   . HIS A 1 24  ? 12.139  -16.367 1.240   1.00 31.58 ? 24  HIS A N   1 
ATOM   64  C  CA  . HIS A 1 24  ? 11.324  -15.632 0.253   1.00 29.30 ? 24  HIS A CA  1 
ATOM   65  C  C   . HIS A 1 24  ? 9.868   -15.534 0.728   1.00 29.91 ? 24  HIS A C   1 
ATOM   66  O  O   . HIS A 1 24  ? 9.187   -14.474 0.535   1.00 28.96 ? 24  HIS A O   1 
ATOM   67  C  CB  . HIS A 1 24  ? 11.456  -16.239 -1.174  1.00 28.52 ? 24  HIS A CB  1 
ATOM   68  C  CG  . HIS A 1 24  ? 12.733  -15.820 -1.862  1.00 30.37 ? 24  HIS A CG  1 
ATOM   69  N  ND1 . HIS A 1 24  ? 12.991  -14.509 -2.256  1.00 32.74 ? 24  HIS A ND1 1 
ATOM   70  C  CD2 . HIS A 1 24  ? 13.851  -16.519 -2.160  1.00 30.38 ? 24  HIS A CD2 1 
ATOM   71  C  CE1 . HIS A 1 24  ? 14.224  -14.429 -2.751  1.00 32.00 ? 24  HIS A CE1 1 
ATOM   72  N  NE2 . HIS A 1 24  ? 14.754  -15.644 -2.718  1.00 31.02 ? 24  HIS A NE2 1 
ATOM   73  N  N   . GLU A 1 25  ? 9.376   -16.585 1.375   1.00 30.10 ? 25  GLU A N   1 
ATOM   74  C  CA  . GLU A 1 25  ? 8.008   -16.535 1.942   1.00 32.58 ? 25  GLU A CA  1 
ATOM   75  C  C   . GLU A 1 25  ? 7.879   -15.474 2.992   1.00 34.65 ? 25  GLU A C   1 
ATOM   76  O  O   . GLU A 1 25  ? 6.843   -14.798 3.021   1.00 33.19 ? 25  GLU A O   1 
ATOM   77  C  CB  . GLU A 1 25  ? 7.526   -17.856 2.502   1.00 36.06 ? 25  GLU A CB  1 
ATOM   78  C  CG  . GLU A 1 25  ? 7.384   -18.885 1.410   1.00 36.34 ? 25  GLU A CG  1 
ATOM   79  C  CD  . GLU A 1 25  ? 7.191   -20.311 1.907   1.00 45.22 ? 25  GLU A CD  1 
ATOM   80  O  OE1 . GLU A 1 25  ? 7.332   -20.596 3.141   1.00 46.50 ? 25  GLU A OE1 1 
ATOM   81  O  OE2 . GLU A 1 25  ? 6.885   -21.148 1.000   1.00 47.43 ? 25  GLU A OE2 1 
ATOM   82  N  N   . GLY A 1 26  ? 8.891   -15.321 3.873   1.00 32.17 ? 26  GLY A N   1 
ATOM   83  C  CA  . GLY A 1 26  ? 8.818   -14.256 4.917   1.00 32.59 ? 26  GLY A CA  1 
ATOM   84  C  C   . GLY A 1 26  ? 8.873   -12.861 4.308   1.00 33.19 ? 26  GLY A C   1 
ATOM   85  O  O   . GLY A 1 26  ? 8.188   -11.910 4.792   1.00 30.03 ? 26  GLY A O   1 
ATOM   86  N  N   . LEU A 1 27  ? 9.713   -12.718 3.274   1.00 31.10 ? 27  LEU A N   1 
ATOM   87  C  CA  . LEU A 1 27  ? 9.835   -11.429 2.536   1.00 31.63 ? 27  LEU A CA  1 
ATOM   88  C  C   . LEU A 1 27  ? 8.563   -11.094 1.840   1.00 30.21 ? 27  LEU A C   1 
ATOM   89  O  O   . LEU A 1 27  ? 8.155   -9.903  1.834   1.00 29.99 ? 27  LEU A O   1 
ATOM   90  C  CB  . LEU A 1 27  ? 11.024  -11.403 1.578   1.00 32.18 ? 27  LEU A CB  1 
ATOM   91  C  CG  . LEU A 1 27  ? 12.382  -11.264 2.300   1.00 33.98 ? 27  LEU A CG  1 
ATOM   92  C  CD1 . LEU A 1 27  ? 13.553  -11.452 1.279   1.00 36.89 ? 27  LEU A CD1 1 
ATOM   93  C  CD2 . LEU A 1 27  ? 12.516  -9.972  3.071   1.00 34.41 ? 27  LEU A CD2 1 
ATOM   94  N  N   . ALA A 1 28  ? 7.895   -12.113 1.301   1.00 29.40 ? 28  ALA A N   1 
ATOM   95  C  CA  . ALA A 1 28  ? 6.582   -11.901 0.674   1.00 30.48 ? 28  ALA A CA  1 
ATOM   96  C  C   . ALA A 1 28  ? 5.563   -11.401 1.680   1.00 32.87 ? 28  ALA A C   1 
ATOM   97  O  O   . ALA A 1 28  ? 4.805   -10.461 1.341   1.00 32.13 ? 28  ALA A O   1 
ATOM   98  C  CB  . ALA A 1 28  ? 6.070   -13.158 -0.011  1.00 28.38 ? 28  ALA A CB  1 
ATOM   99  N  N   . ARG A 1 29  ? 5.513   -12.030 2.869   1.00 32.06 ? 29  ARG A N   1 
ATOM   100 C  CA  . ARG A 1 29  ? 4.614   -11.604 3.901   1.00 31.99 ? 29  ARG A CA  1 
ATOM   101 C  C   . ARG A 1 29  ? 4.875   -10.191 4.338   1.00 29.53 ? 29  ARG A C   1 
ATOM   102 O  O   . ARG A 1 29  ? 3.924   -9.437  4.596   1.00 33.60 ? 29  ARG A O   1 
ATOM   103 C  CB  . ARG A 1 29  ? 4.529   -12.551 5.097   1.00 35.14 ? 29  ARG A CB  1 
ATOM   104 C  CG  . ARG A 1 29  ? 3.609   -13.740 4.849   1.00 47.95 ? 29  ARG A CG  1 
ATOM   105 C  CD  . ARG A 1 29  ? 2.118   -13.481 5.247   1.00 46.54 ? 29  ARG A CD  1 
ATOM   106 N  N   . HIS A 1 30  ? 6.149   -9.814  4.459   1.00 29.94 ? 30  HIS A N   1 
ATOM   107 C  CA  . HIS A 1 30  ? 6.504   -8.481  4.768   1.00 30.41 ? 30  HIS A CA  1 
ATOM   108 C  C   . HIS A 1 30  ? 5.894   -7.503  3.809   1.00 30.50 ? 30  HIS A C   1 
ATOM   109 O  O   . HIS A 1 30  ? 5.252   -6.501  4.200   1.00 28.19 ? 30  HIS A O   1 
ATOM   110 C  CB  . HIS A 1 30  ? 8.009   -8.327  4.837   1.00 30.34 ? 30  HIS A CB  1 
ATOM   111 C  CG  . HIS A 1 30  ? 8.454   -6.921  4.800   1.00 35.57 ? 30  HIS A CG  1 
ATOM   112 N  ND1 . HIS A 1 30  ? 8.259   -6.049  5.854   1.00 38.11 ? 30  HIS A ND1 1 
ATOM   113 C  CD2 . HIS A 1 30  ? 9.090   -6.213  3.825   1.00 34.58 ? 30  HIS A CD2 1 
ATOM   114 C  CE1 . HIS A 1 30  ? 8.762   -4.862  5.534   1.00 38.81 ? 30  HIS A CE1 1 
ATOM   115 N  NE2 . HIS A 1 30  ? 9.269   -4.942  4.314   1.00 40.17 ? 30  HIS A NE2 1 
ATOM   116 N  N   . HIS A 1 31  ? 6.118   -7.742  2.549   1.00 29.23 ? 31  HIS A N   1 
ATOM   117 C  CA  . HIS A 1 31  ? 5.611   -6.834  1.534   1.00 29.24 ? 31  HIS A CA  1 
ATOM   118 C  C   . HIS A 1 31  ? 4.090   -6.774  1.460   1.00 31.13 ? 31  HIS A C   1 
ATOM   119 O  O   . HIS A 1 31  ? 3.532   -5.688  1.162   1.00 32.95 ? 31  HIS A O   1 
ATOM   120 C  CB  . HIS A 1 31  ? 6.169   -7.162  0.153   1.00 31.97 ? 31  HIS A CB  1 
ATOM   121 C  CG  . HIS A 1 31  ? 7.605   -6.889  0.026   1.00 31.98 ? 31  HIS A CG  1 
ATOM   122 N  ND1 . HIS A 1 31  ? 8.115   -5.617  0.132   1.00 36.73 ? 31  HIS A ND1 1 
ATOM   123 C  CD2 . HIS A 1 31  ? 8.664   -7.706  -0.172  1.00 36.78 ? 31  HIS A CD2 1 
ATOM   124 C  CE1 . HIS A 1 31  ? 9.431   -5.658  0.019   1.00 39.41 ? 31  HIS A CE1 1 
ATOM   125 N  NE2 . HIS A 1 31  ? 9.794   -6.916  -0.124  1.00 36.82 ? 31  HIS A NE2 1 
ATOM   126 N  N   . THR A 1 32  ? 3.405   -7.895  1.723   1.00 30.79 ? 32  THR A N   1 
ATOM   127 C  CA  . THR A 1 32  ? 2.003   -7.934  1.775   1.00 37.53 ? 32  THR A CA  1 
ATOM   128 C  C   . THR A 1 32  ? 1.487   -7.006  2.891   1.00 38.17 ? 32  THR A C   1 
ATOM   129 O  O   . THR A 1 32  ? 0.533   -6.235  2.688   1.00 31.42 ? 32  THR A O   1 
ATOM   130 C  CB  . THR A 1 32  ? 1.492   -9.389  1.924   1.00 39.46 ? 32  THR A CB  1 
ATOM   131 O  OG1 . THR A 1 32  ? 1.876   -10.099 0.752   1.00 36.14 ? 32  THR A OG1 1 
ATOM   132 C  CG2 . THR A 1 32  ? 0.017   -9.451  2.092   1.00 38.50 ? 32  THR A CG2 1 
ATOM   133 N  N   . THR A 1 33  ? 2.129   -7.061  4.050   1.00 32.99 ? 33  THR A N   1 
ATOM   134 C  CA  . THR A 1 33  ? 1.731   -6.211  5.207   1.00 34.91 ? 33  THR A CA  1 
ATOM   135 C  C   . THR A 1 33  ? 1.970   -4.748  4.915   1.00 31.50 ? 33  THR A C   1 
ATOM   136 O  O   . THR A 1 33  ? 1.165   -3.879  5.276   1.00 31.09 ? 33  THR A O   1 
ATOM   137 C  CB  . THR A 1 33  ? 2.582   -6.589  6.432   1.00 36.65 ? 33  THR A CB  1 
ATOM   138 O  OG1 . THR A 1 33  ? 2.332   -7.962  6.690   1.00 36.82 ? 33  THR A OG1 1 
ATOM   139 C  CG2 . THR A 1 33  ? 2.233   -5.739  7.626   1.00 42.82 ? 33  THR A CG2 1 
ATOM   140 N  N   . VAL A 1 34  ? 3.104   -4.462  4.275   1.00 28.77 ? 34  VAL A N   1 
ATOM   141 C  CA  . VAL A 1 34  ? 3.416   -3.058  3.890   1.00 32.96 ? 34  VAL A CA  1 
ATOM   142 C  C   . VAL A 1 34  ? 2.328   -2.560  2.910   1.00 32.57 ? 34  VAL A C   1 
ATOM   143 O  O   . VAL A 1 34  ? 1.834   -1.424  3.032   1.00 30.09 ? 34  VAL A O   1 
ATOM   144 C  CB  . VAL A 1 34  ? 4.788   -2.931  3.251   1.00 31.63 ? 34  VAL A CB  1 
ATOM   145 C  CG1 . VAL A 1 34  ? 4.912   -1.589  2.505   1.00 38.53 ? 34  VAL A CG1 1 
ATOM   146 C  CG2 . VAL A 1 34  ? 5.907   -3.212  4.232   1.00 36.15 ? 34  VAL A CG2 1 
ATOM   147 N  N   . ALA A 1 35  ? 1.909   -3.438  1.997   1.00 29.89 ? 35  ALA A N   1 
ATOM   148 C  CA  . ALA A 1 35  ? 0.902   -3.060  1.005   1.00 29.61 ? 35  ALA A CA  1 
ATOM   149 C  C   . ALA A 1 35  ? -0.430  -2.748  1.713   1.00 32.68 ? 35  ALA A C   1 
ATOM   150 O  O   . ALA A 1 35  ? -1.080  -1.713  1.400   1.00 30.13 ? 35  ALA A O   1 
ATOM   151 C  CB  . ALA A 1 35  ? 0.687   -4.177  -0.006  1.00 29.85 ? 35  ALA A CB  1 
ATOM   152 N  N   . GLU A 1 36  ? -0.860  -3.654  2.601   1.00 31.43 ? 36  GLU A N   1 
ATOM   153 C  CA  . GLU A 1 36  ? -2.056  -3.426  3.425   1.00 36.12 ? 36  GLU A CA  1 
ATOM   154 C  C   . GLU A 1 36  ? -2.053  -2.127  4.262   1.00 34.77 ? 36  GLU A C   1 
ATOM   155 O  O   . GLU A 1 36  ? -3.078  -1.410  4.290   1.00 33.39 ? 36  GLU A O   1 
ATOM   156 C  CB  . GLU A 1 36  ? -2.355  -4.634  4.313   1.00 40.85 ? 36  GLU A CB  1 
ATOM   157 C  CG  . GLU A 1 36  ? -2.933  -5.794  3.505   1.00 48.99 ? 36  GLU A CG  1 
ATOM   158 C  CD  . GLU A 1 36  ? -2.741  -7.193  4.133   1.00 58.72 ? 36  GLU A CD  1 
ATOM   159 O  OE1 . GLU A 1 36  ? -2.229  -7.306  5.274   1.00 65.16 ? 36  GLU A OE1 1 
ATOM   160 O  OE2 . GLU A 1 36  ? -3.112  -8.203  3.483   1.00 69.09 ? 36  GLU A OE2 1 
ATOM   161 N  N   . ASP A 1 37  ? -0.921  -1.816  4.897   1.00 32.77 ? 37  ASP A N   1 
ATOM   162 C  CA  . ASP A 1 37  ? -0.744  -0.576  5.622   1.00 35.82 ? 37  ASP A CA  1 
ATOM   163 C  C   . ASP A 1 37  ? -0.876  0.627   4.662   1.00 35.45 ? 37  ASP A C   1 
ATOM   164 O  O   . ASP A 1 37  ? -1.561  1.574   4.973   1.00 30.49 ? 37  ASP A O   1 
ATOM   165 C  CB  . ASP A 1 37  ? 0.623   -0.558  6.303   1.00 38.09 ? 37  ASP A CB  1 
ATOM   166 C  CG  . ASP A 1 37  ? 0.886   0.745   7.123   1.00 45.28 ? 37  ASP A CG  1 
ATOM   167 O  OD1 . ASP A 1 37  ? 0.265   1.028   8.207   1.00 49.35 ? 37  ASP A OD1 1 
ATOM   168 O  OD2 . ASP A 1 37  ? 1.757   1.510   6.658   1.00 55.15 ? 37  ASP A OD2 1 
ATOM   169 N  N   . HIS A 1 38  ? -0.201  0.611   3.525   1.00 31.17 ? 38  HIS A N   1 
ATOM   170 C  CA  . HIS A 1 38  ? -0.435  1.669   2.588   1.00 31.31 ? 38  HIS A CA  1 
ATOM   171 C  C   . HIS A 1 38  ? -1.887  1.840   2.135   1.00 31.31 ? 38  HIS A C   1 
ATOM   172 O  O   . HIS A 1 38  ? -2.318  2.988   1.912   1.00 30.67 ? 38  HIS A O   1 
ATOM   173 C  CB  . HIS A 1 38  ? 0.458   1.602   1.376   1.00 32.09 ? 38  HIS A CB  1 
ATOM   174 C  CG  . HIS A 1 38  ? 1.892   1.882   1.669   1.00 30.32 ? 38  HIS A CG  1 
ATOM   175 N  ND1 . HIS A 1 38  ? 2.326   3.088   2.166   1.00 36.03 ? 38  HIS A ND1 1 
ATOM   176 C  CD2 . HIS A 1 38  ? 3.016   1.160   1.417   1.00 32.60 ? 38  HIS A CD2 1 
ATOM   177 C  CE1 . HIS A 1 38  ? 3.641   3.073   2.328   1.00 35.10 ? 38  HIS A CE1 1 
ATOM   178 N  NE2 . HIS A 1 38  ? 4.086   1.904   1.877   1.00 34.99 ? 38  HIS A NE2 1 
ATOM   179 N  N   . ARG A 1 39  ? -2.595  0.756   1.827   1.00 30.75 ? 39  ARG A N   1 
ATOM   180 C  CA  . ARG A 1 39  ? -3.975  0.890   1.470   1.00 31.20 ? 39  ARG A CA  1 
ATOM   181 C  C   . ARG A 1 39  ? -4.775  1.523   2.610   1.00 33.87 ? 39  ARG A C   1 
ATOM   182 O  O   . ARG A 1 39  ? -5.672  2.291   2.350   1.00 32.78 ? 39  ARG A O   1 
ATOM   183 C  CB  . ARG A 1 39  ? -4.580  -0.414  0.988   1.00 34.84 ? 39  ARG A CB  1 
ATOM   184 C  CG  . ARG A 1 39  ? -4.016  -0.800  -0.374  1.00 37.81 ? 39  ARG A CG  1 
ATOM   185 C  CD  . ARG A 1 39  ? -4.709  -2.042  -0.962  1.00 42.31 ? 39  ARG A CD  1 
ATOM   186 N  NE  . ARG A 1 39  ? -3.910  -2.368  -2.122  1.00 51.89 ? 39  ARG A NE  1 
ATOM   187 C  CZ  . ARG A 1 39  ? -3.927  -1.733  -3.297  1.00 55.03 ? 39  ARG A CZ  1 
ATOM   188 N  NH1 . ARG A 1 39  ? -4.813  -0.738  -3.540  1.00 50.24 ? 39  ARG A NH1 1 
ATOM   189 N  NH2 . ARG A 1 39  ? -3.074  -2.160  -4.262  1.00 54.44 ? 39  ARG A NH2 1 
ATOM   190 N  N   . GLN A 1 40  ? -4.470  1.159   3.848   1.00 31.75 ? 40  GLN A N   1 
ATOM   191 C  CA  . GLN A 1 40  ? -5.200  1.679   4.964   1.00 35.99 ? 40  GLN A CA  1 
ATOM   192 C  C   . GLN A 1 40  ? -4.949  3.210   5.054   1.00 32.44 ? 40  GLN A C   1 
ATOM   193 O  O   . GLN A 1 40  ? -5.874  4.012   5.278   1.00 31.89 ? 40  GLN A O   1 
ATOM   194 C  CB  . GLN A 1 40  ? -4.796  0.895   6.208   1.00 41.25 ? 40  GLN A CB  1 
ATOM   195 C  CG  . GLN A 1 40  ? -5.698  1.190   7.331   1.00 49.32 ? 40  GLN A CG  1 
ATOM   196 C  CD  . GLN A 1 40  ? -5.253  0.618   8.665   1.00 54.34 ? 40  GLN A CD  1 
ATOM   197 O  OE1 . GLN A 1 40  ? -4.085  0.219   8.845   1.00 53.39 ? 40  GLN A OE1 1 
ATOM   198 N  NE2 . GLN A 1 40  ? -6.203  0.615   9.636   1.00 53.47 ? 40  GLN A NE2 1 
ATOM   199 N  N   . THR A 1 41  ? -3.687  3.609   4.903   1.00 30.04 ? 41  THR A N   1 
ATOM   200 C  CA  . THR A 1 41  ? -3.310  4.979   4.924   1.00 32.42 ? 41  THR A CA  1 
ATOM   201 C  C   . THR A 1 41  ? -4.021  5.739   3.812   1.00 34.77 ? 41  THR A C   1 
ATOM   202 O  O   . THR A 1 41  ? -4.488  6.848   4.039   1.00 30.64 ? 41  THR A O   1 
ATOM   203 C  CB  . THR A 1 41  ? -1.799  5.111   4.814   1.00 33.37 ? 41  THR A CB  1 
ATOM   204 O  OG1 . THR A 1 41  ? -1.229  4.470   5.948   1.00 32.55 ? 41  THR A OG1 1 
ATOM   205 C  CG2 . THR A 1 41  ? -1.373  6.534   4.831   1.00 34.84 ? 41  THR A CG2 1 
ATOM   206 N  N   . ALA A 1 42  ? -4.054  5.167   2.602   1.00 30.91 ? 42  ALA A N   1 
ATOM   207 C  CA  . ALA A 1 42  ? -4.749  5.803   1.470   1.00 30.42 ? 42  ALA A CA  1 
ATOM   208 C  C   . ALA A 1 42  ? -6.174  6.087   1.816   1.00 32.57 ? 42  ALA A C   1 
ATOM   209 O  O   . ALA A 1 42  ? -6.661  7.186   1.529   1.00 34.23 ? 42  ALA A O   1 
ATOM   210 C  CB  . ALA A 1 42  ? -4.669  4.958   0.188   1.00 29.49 ? 42  ALA A CB  1 
ATOM   211 N  N   . ASN A 1 43  ? -6.857  5.118   2.449   1.00 33.33 ? 43  ASN A N   1 
ATOM   212 C  CA  . ASN A 1 43  ? -8.231  5.281   2.748   1.00 34.00 ? 43  ASN A CA  1 
ATOM   213 C  C   . ASN A 1 43  ? -8.437  6.385   3.831   1.00 35.79 ? 43  ASN A C   1 
ATOM   214 O  O   . ASN A 1 43  ? -9.417  7.125   3.775   1.00 34.60 ? 43  ASN A O   1 
ATOM   215 C  CB  . ASN A 1 43  ? -8.833  3.953   3.156   1.00 37.68 ? 43  ASN A CB  1 
ATOM   216 C  CG  . ASN A 1 43  ? -10.254 4.080   3.599   1.00 45.39 ? 43  ASN A CG  1 
ATOM   217 O  OD1 . ASN A 1 43  ? -11.145 4.343   2.794   1.00 46.38 ? 43  ASN A OD1 1 
ATOM   218 N  ND2 . ASN A 1 43  ? -10.484 3.939   4.883   1.00 47.20 ? 43  ASN A ND2 1 
ATOM   219 N  N   . LEU A 1 44  ? -7.511  6.512   4.785   1.00 32.79 ? 44  LEU A N   1 
ATOM   220 C  CA  . LEU A 1 44  ? -7.597  7.546   5.810   1.00 34.08 ? 44  LEU A CA  1 
ATOM   221 C  C   . LEU A 1 44  ? -7.499  8.896   5.166   1.00 35.11 ? 44  LEU A C   1 
ATOM   222 O  O   . LEU A 1 44  ? -8.233  9.824   5.527   1.00 34.21 ? 44  LEU A O   1 
ATOM   223 C  CB  . LEU A 1 44  ? -6.484  7.331   6.864   1.00 35.36 ? 44  LEU A CB  1 
ATOM   224 C  CG  . LEU A 1 44  ? -6.681  6.121   7.803   1.00 38.38 ? 44  LEU A CG  1 
ATOM   225 C  CD1 . LEU A 1 44  ? -5.456  5.900   8.708   1.00 41.99 ? 44  LEU A CD1 1 
ATOM   226 C  CD2 . LEU A 1 44  ? -7.936  6.281   8.668   1.00 44.07 ? 44  LEU A CD2 1 
ATOM   227 N  N   . HIS A 1 45  ? -6.622  9.007   4.158   1.00 32.35 ? 45  HIS A N   1 
ATOM   228 C  CA  . HIS A 1 45  ? -6.519  10.249  3.360   1.00 33.80 ? 45  HIS A CA  1 
ATOM   229 C  C   . HIS A 1 45  ? -7.760  10.523  2.547   1.00 37.70 ? 45  HIS A C   1 
ATOM   230 O  O   . HIS A 1 45  ? -8.211  11.693  2.442   1.00 35.89 ? 45  HIS A O   1 
ATOM   231 C  CB  . HIS A 1 45  ? -5.276  10.302  2.454   1.00 27.32 ? 45  HIS A CB  1 
ATOM   232 C  CG  . HIS A 1 45  ? -4.023  10.584  3.200   1.00 29.93 ? 45  HIS A CG  1 
ATOM   233 N  ND1 . HIS A 1 45  ? -3.697  11.841  3.651   1.00 30.04 ? 45  HIS A ND1 1 
ATOM   234 C  CD2 . HIS A 1 45  ? -3.006  9.775   3.591   1.00 33.77 ? 45  HIS A CD2 1 
ATOM   235 C  CE1 . HIS A 1 45  ? -2.519  11.809  4.242   1.00 32.90 ? 45  HIS A CE1 1 
ATOM   236 N  NE2 . HIS A 1 45  ? -2.110  10.552  4.265   1.00 32.63 ? 45  HIS A NE2 1 
ATOM   237 N  N   . ASP A 1 46  ? -8.305  9.456   1.971   1.00 34.91 ? 46  ASP A N   1 
ATOM   238 C  CA  . ASP A 1 46  ? -9.528  9.549   1.190   1.00 42.16 ? 46  ASP A CA  1 
ATOM   239 C  C   . ASP A 1 46  ? -10.677 10.152  2.031   1.00 43.40 ? 46  ASP A C   1 
ATOM   240 O  O   . ASP A 1 46  ? -11.450 11.026  1.566   1.00 41.51 ? 46  ASP A O   1 
ATOM   241 C  CB  . ASP A 1 46  ? -9.929  8.185   0.610   1.00 46.27 ? 46  ASP A CB  1 
ATOM   242 C  CG  . ASP A 1 46  ? -10.935 8.316   -0.497  1.00 48.20 ? 46  ASP A CG  1 
ATOM   243 O  OD1 . ASP A 1 46  ? -10.747 9.155   -1.388  1.00 46.04 ? 46  ASP A OD1 1 
ATOM   244 O  OD2 . ASP A 1 46  ? -11.935 7.618   -0.449  1.00 54.92 ? 46  ASP A OD2 1 
ATOM   245 N  N   . ASN A 1 47  ? -10.778 9.750   3.289   1.00 41.42 ? 47  ASN A N   1 
ATOM   246 C  CA  . ASN A 1 47  ? -11.806 10.384  4.138   1.00 44.43 ? 47  ASN A CA  1 
ATOM   247 C  C   . ASN A 1 47  ? -11.573 11.844  4.462   1.00 42.45 ? 47  ASN A C   1 
ATOM   248 O  O   . ASN A 1 47  ? -12.494 12.617  4.670   1.00 43.07 ? 47  ASN A O   1 
ATOM   249 C  CB  . ASN A 1 47  ? -12.027 9.519   5.375   1.00 49.01 ? 47  ASN A CB  1 
ATOM   250 C  CG  . ASN A 1 47  ? -12.626 8.157   4.989   1.00 56.78 ? 47  ASN A CG  1 
ATOM   251 O  OD1 . ASN A 1 47  ? -13.513 8.068   4.111   1.00 55.86 ? 47  ASN A OD1 1 
ATOM   252 N  ND2 . ASN A 1 47  ? -12.131 7.113   5.593   1.00 61.51 ? 47  ASN A ND2 1 
ATOM   253 N  N   . ARG A 1 48  ? -10.331 12.243  4.479   1.00 35.33 ? 48  ARG A N   1 
ATOM   254 C  CA  . ARG A 1 48  ? -10.030 13.641  4.733   1.00 35.72 ? 48  ARG A CA  1 
ATOM   255 C  C   . ARG A 1 48  ? -10.321 14.516  3.494   1.00 37.93 ? 48  ARG A C   1 
ATOM   256 O  O   . ARG A 1 48  ? -10.660 15.670  3.632   1.00 35.28 ? 48  ARG A O   1 
ATOM   257 C  CB  . ARG A 1 48  ? -8.606  13.787  5.184   1.00 32.80 ? 48  ARG A CB  1 
ATOM   258 C  CG  . ARG A 1 48  ? -8.235  13.085  6.485   1.00 33.25 ? 48  ARG A CG  1 
ATOM   259 C  CD  . ARG A 1 48  ? -9.333  13.221  7.572   1.00 39.37 ? 48  ARG A CD  1 
ATOM   260 N  NE  . ARG A 1 48  ? -9.501  14.595  7.973   1.00 41.20 ? 48  ARG A NE  1 
ATOM   261 C  CZ  . ARG A 1 48  ? -10.542 15.061  8.679   1.00 48.10 ? 48  ARG A CZ  1 
ATOM   262 N  NH1 . ARG A 1 48  ? -10.568 16.361  9.035   1.00 47.50 ? 48  ARG A NH1 1 
ATOM   263 N  NH2 . ARG A 1 48  ? -11.553 14.258  9.021   1.00 47.05 ? 48  ARG A NH2 1 
ATOM   264 N  N   . ILE A 1 49  ? -10.242 13.944  2.302   1.00 36.58 ? 49  ILE A N   1 
ATOM   265 C  CA  . ILE A 1 49  ? -10.628 14.609  1.055   1.00 36.52 ? 49  ILE A CA  1 
ATOM   266 C  C   . ILE A 1 49  ? -12.064 15.004  1.183   1.00 38.46 ? 49  ILE A C   1 
ATOM   267 O  O   . ILE A 1 49  ? -12.448 16.173  0.962   1.00 36.97 ? 49  ILE A O   1 
ATOM   268 C  CB  . ILE A 1 49  ? -10.474 13.721  -0.203  1.00 36.29 ? 49  ILE A CB  1 
ATOM   269 C  CG1 . ILE A 1 49  ? -8.987  13.510  -0.520  1.00 36.30 ? 49  ILE A CG1 1 
ATOM   270 C  CG2 . ILE A 1 49  ? -11.163 14.419  -1.403  1.00 41.76 ? 49  ILE A CG2 1 
ATOM   271 C  CD1 . ILE A 1 49  ? -8.742  12.450  -1.565  1.00 39.60 ? 49  ILE A CD1 1 
ATOM   272 N  N   . LYS A 1 50  ? -12.854 14.033  1.605   1.00 41.42 ? 50  LYS A N   1 
ATOM   273 C  CA  . LYS A 1 50  ? -14.246 14.247  1.747   1.00 42.06 ? 50  LYS A CA  1 
ATOM   274 C  C   . LYS A 1 50  ? -14.599 15.285  2.801   1.00 42.38 ? 50  LYS A C   1 
ATOM   275 O  O   . LYS A 1 50  ? -15.491 16.140  2.567   1.00 41.08 ? 50  LYS A O   1 
ATOM   276 C  CB  . LYS A 1 50  ? -14.936 12.947  2.048   1.00 46.21 ? 50  LYS A CB  1 
ATOM   277 C  CG  . LYS A 1 50  ? -14.717 11.926  0.956   1.00 53.68 ? 50  LYS A CG  1 
ATOM   278 C  CD  . LYS A 1 50  ? -15.275 10.622  1.418   1.00 56.46 ? 50  LYS A CD  1 
ATOM   279 C  CE  . LYS A 1 50  ? -15.351 9.628   0.307   1.00 60.65 ? 50  LYS A CE  1 
ATOM   280 N  NZ  . LYS A 1 50  ? -15.489 8.330   1.001   1.00 68.05 ? 50  LYS A NZ  1 
ATOM   281 N  N   . ALA A 1 51  ? -13.977 15.183  3.968   1.00 37.35 ? 51  ALA A N   1 
ATOM   282 C  CA  . ALA A 1 51  ? -14.214 16.150  5.009   1.00 37.89 ? 51  ALA A CA  1 
ATOM   283 C  C   . ALA A 1 51  ? -13.812 17.557  4.561   1.00 36.46 ? 51  ALA A C   1 
ATOM   284 O  O   . ALA A 1 51  ? -14.526 18.550  4.860   1.00 36.22 ? 51  ALA A O   1 
ATOM   285 C  CB  . ALA A 1 51  ? -13.454 15.745  6.251   1.00 40.00 ? 51  ALA A CB  1 
ATOM   286 N  N   . ALA A 1 52  ? -12.637 17.688  3.911   1.00 35.66 ? 52  ALA A N   1 
ATOM   287 C  CA  . ALA A 1 52  ? -12.176 18.986  3.427   1.00 35.48 ? 52  ALA A CA  1 
ATOM   288 C  C   . ALA A 1 52  ? -13.144 19.701  2.465   1.00 35.77 ? 52  ALA A C   1 
ATOM   289 O  O   . ALA A 1 52  ? -13.388 20.938  2.559   1.00 33.87 ? 52  ALA A O   1 
ATOM   290 C  CB  . ALA A 1 52  ? -10.810 18.894  2.777   1.00 37.07 ? 52  ALA A CB  1 
ATOM   291 N  N   . LYS A 1 53  ? -13.550 18.982  1.444   1.00 35.04 ? 53  LYS A N   1 
ATOM   292 C  CA  . LYS A 1 53  ? -14.562 19.483  0.530   1.00 40.87 ? 53  LYS A CA  1 
ATOM   293 C  C   . LYS A 1 53  ? -15.860 19.894  1.246   1.00 36.54 ? 53  LYS A C   1 
ATOM   294 O  O   . LYS A 1 53  ? -16.482 20.901  0.885   1.00 39.87 ? 53  LYS A O   1 
ATOM   295 C  CB  . LYS A 1 53  ? -14.866 18.437  -0.556  1.00 41.12 ? 53  LYS A CB  1 
ATOM   296 C  CG  . LYS A 1 53  ? -13.805 18.382  -1.629  1.00 43.97 ? 53  LYS A CG  1 
ATOM   297 C  CD  . LYS A 1 53  ? -14.079 17.186  -2.568  1.00 49.82 ? 53  LYS A CD  1 
ATOM   298 C  CE  . LYS A 1 53  ? -12.914 16.921  -3.491  1.00 51.49 ? 53  LYS A CE  1 
ATOM   299 N  NZ  . LYS A 1 53  ? -13.358 15.994  -4.584  1.00 61.14 ? 53  LYS A NZ  1 
ATOM   300 N  N   . ALA A 1 54  ? -16.301 19.101  2.221   1.00 38.44 ? 54  ALA A N   1 
ATOM   301 C  CA  . ALA A 1 54  ? -17.530 19.431  2.926   1.00 44.05 ? 54  ALA A CA  1 
ATOM   302 C  C   . ALA A 1 54  ? -17.389 20.715  3.720   1.00 41.45 ? 54  ALA A C   1 
ATOM   303 O  O   . ALA A 1 54  ? -18.363 21.491  3.821   1.00 41.49 ? 54  ALA A O   1 
ATOM   304 C  CB  . ALA A 1 54  ? -17.969 18.258  3.824   1.00 45.13 ? 54  ALA A CB  1 
ATOM   305 N  N   . ARG A 1 55  ? -16.209 20.958  4.295   1.00 35.98 ? 55  ARG A N   1 
ATOM   306 C  CA  . ARG A 1 55  ? -15.933 22.231  5.004   1.00 37.66 ? 55  ARG A CA  1 
ATOM   307 C  C   . ARG A 1 55  ? -15.974 23.410  4.063   1.00 38.09 ? 55  ARG A C   1 
ATOM   308 O  O   . ARG A 1 55  ? -16.551 24.449  4.381   1.00 37.25 ? 55  ARG A O   1 
ATOM   309 C  CB  . ARG A 1 55  ? -14.501 22.270  5.636   1.00 38.89 ? 55  ARG A CB  1 
ATOM   310 C  CG  . ARG A 1 55  ? -14.365 21.591  6.967   1.00 41.93 ? 55  ARG A CG  1 
ATOM   311 C  CD  . ARG A 1 55  ? -13.019 21.845  7.650   1.00 38.64 ? 55  ARG A CD  1 
ATOM   312 N  NE  . ARG A 1 55  ? -11.787 21.735  6.853   1.00 38.33 ? 55  ARG A NE  1 
ATOM   313 C  CZ  . ARG A 1 55  ? -11.102 20.605  6.636   1.00 37.96 ? 55  ARG A CZ  1 
ATOM   314 N  NH1 . ARG A 1 55  ? -11.535 19.438  7.062   1.00 35.38 ? 55  ARG A NH1 1 
ATOM   315 N  NH2 . ARG A 1 55  ? -9.952  20.641  5.984   1.00 36.83 ? 55  ARG A NH2 1 
ATOM   316 N  N   . TYR A 1 56  ? -15.267 23.258  2.941   1.00 36.80 ? 56  TYR A N   1 
ATOM   317 C  CA  . TYR A 1 56  ? -15.215 24.230  1.892   1.00 39.32 ? 56  TYR A CA  1 
ATOM   318 C  C   . TYR A 1 56  ? -16.616 24.609  1.427   1.00 41.46 ? 56  TYR A C   1 
ATOM   319 O  O   . TYR A 1 56  ? -16.993 25.773  1.456   1.00 45.08 ? 56  TYR A O   1 
ATOM   320 C  CB  . TYR A 1 56  ? -14.407 23.683  0.732   1.00 39.98 ? 56  TYR A CB  1 
ATOM   321 C  CG  . TYR A 1 56  ? -14.353 24.636  -0.395  1.00 43.66 ? 56  TYR A CG  1 
ATOM   322 C  CD1 . TYR A 1 56  ? -13.441 25.672  -0.399  1.00 41.35 ? 56  TYR A CD1 1 
ATOM   323 C  CD2 . TYR A 1 56  ? -15.210 24.499  -1.476  1.00 50.59 ? 56  TYR A CD2 1 
ATOM   324 C  CE1 . TYR A 1 56  ? -13.369 26.552  -1.438  1.00 47.08 ? 56  TYR A CE1 1 
ATOM   325 C  CE2 . TYR A 1 56  ? -15.204 25.426  -2.520  1.00 50.09 ? 56  TYR A CE2 1 
ATOM   326 C  CZ  . TYR A 1 56  ? -14.264 26.438  -2.487  1.00 54.75 ? 56  TYR A CZ  1 
ATOM   327 O  OH  . TYR A 1 56  ? -14.177 27.316  -3.537  1.00 58.44 ? 56  TYR A OH  1 
ATOM   328 N  N   . ASN A 1 57  ? -17.393 23.610  1.058   1.00 45.23 ? 57  ASN A N   1 
ATOM   329 C  CA  . ASN A 1 57  ? -18.752 23.796  0.574   1.00 49.23 ? 57  ASN A CA  1 
ATOM   330 C  C   . ASN A 1 57  ? -19.715 24.354  1.598   1.00 50.07 ? 57  ASN A C   1 
ATOM   331 O  O   . ASN A 1 57  ? -20.641 25.004  1.213   1.00 57.60 ? 57  ASN A O   1 
ATOM   332 C  CB  . ASN A 1 57  ? -19.321 22.504  0.041   1.00 50.44 ? 57  ASN A CB  1 
ATOM   333 C  CG  . ASN A 1 57  ? -18.619 22.061  -1.203  1.00 51.98 ? 57  ASN A CG  1 
ATOM   334 O  OD1 . ASN A 1 57  ? -18.272 20.907  -1.349  1.00 61.41 ? 57  ASN A OD1 1 
ATOM   335 N  ND2 . ASN A 1 57  ? -18.344 22.990  -2.072  1.00 55.80 ? 57  ASN A ND2 1 
ATOM   336 N  N   . ALA A 1 58  ? -19.484 24.123  2.887   1.00 51.15 ? 58  ALA A N   1 
ATOM   337 C  CA  . ALA A 1 58  ? -20.352 24.715  3.937   1.00 48.42 ? 58  ALA A CA  1 
ATOM   338 C  C   . ALA A 1 58  ? -19.924 26.134  4.262   1.00 46.48 ? 58  ALA A C   1 
ATOM   339 O  O   . ALA A 1 58  ? -20.465 26.768  5.174   1.00 46.24 ? 58  ALA A O   1 
ATOM   340 C  CB  . ALA A 1 58  ? -20.353 23.875  5.211   1.00 47.43 ? 58  ALA A CB  1 
ATOM   341 N  N   . GLY A 1 59  ? -18.957 26.659  3.541   1.00 45.25 ? 59  GLY A N   1 
ATOM   342 C  CA  . GLY A 1 59  ? -18.539 28.006  3.792   1.00 48.10 ? 59  GLY A CA  1 
ATOM   343 C  C   . GLY A 1 59  ? -17.722 28.182  5.102   1.00 45.34 ? 59  GLY A C   1 
ATOM   344 O  O   . GLY A 1 59  ? -17.551 29.287  5.534   1.00 46.57 ? 59  GLY A O   1 
ATOM   345 N  N   . LEU A 1 60  ? -17.175 27.100  5.650   1.00 41.64 ? 60  LEU A N   1 
ATOM   346 C  CA  . LEU A 1 60  ? -16.315 27.125  6.843   1.00 40.03 ? 60  LEU A CA  1 
ATOM   347 C  C   . LEU A 1 60  ? -14.803 27.202  6.593   1.00 40.84 ? 60  LEU A C   1 
ATOM   348 O  O   . LEU A 1 60  ? -14.047 27.480  7.528   1.00 42.28 ? 60  LEU A O   1 
ATOM   349 C  CB  . LEU A 1 60  ? -16.647 25.896  7.695   1.00 38.79 ? 60  LEU A CB  1 
ATOM   350 C  CG  . LEU A 1 60  ? -18.138 25.733  7.976   1.00 40.52 ? 60  LEU A CG  1 
ATOM   351 C  CD1 . LEU A 1 60  ? -18.373 24.474  8.749   1.00 44.94 ? 60  LEU A CD1 1 
ATOM   352 C  CD2 . LEU A 1 60  ? -18.700 26.905  8.780   1.00 43.59 ? 60  LEU A CD2 1 
ATOM   353 N  N   . ASP A 1 61  ? -14.345 26.935  5.352   1.00 38.51 ? 61  ASP A N   1 
ATOM   354 C  CA  . ASP A 1 61  ? -12.911 26.830  5.083   1.00 34.78 ? 61  ASP A CA  1 
ATOM   355 C  C   . ASP A 1 61  ? -12.585 27.104  3.663   1.00 36.11 ? 61  ASP A C   1 
ATOM   356 O  O   . ASP A 1 61  ? -12.609 26.173  2.855   1.00 36.60 ? 61  ASP A O   1 
ATOM   357 C  CB  . ASP A 1 61  ? -12.456 25.417  5.428   1.00 35.17 ? 61  ASP A CB  1 
ATOM   358 C  CG  . ASP A 1 61  ? -10.949 25.248  5.446   1.00 34.85 ? 61  ASP A CG  1 
ATOM   359 O  OD1 . ASP A 1 61  ? -10.188 26.228  5.261   1.00 37.00 ? 61  ASP A OD1 1 
ATOM   360 O  OD2 . ASP A 1 61  ? -10.556 24.095  5.663   1.00 36.68 ? 61  ASP A OD2 1 
ATOM   361 N  N   . PRO A 1 62  ? -12.212 28.347  3.338   1.00 38.69 ? 62  PRO A N   1 
ATOM   362 C  CA  . PRO A 1 62  ? -11.766 28.611  1.968   1.00 42.85 ? 62  PRO A CA  1 
ATOM   363 C  C   . PRO A 1 62  ? -10.520 27.844  1.539   1.00 44.49 ? 62  PRO A C   1 
ATOM   364 O  O   . PRO A 1 62  ? -10.251 27.840  0.362   1.00 41.08 ? 62  PRO A O   1 
ATOM   365 C  CB  . PRO A 1 62  ? -11.441 30.114  1.974   1.00 44.90 ? 62  PRO A CB  1 
ATOM   366 C  CG  . PRO A 1 62  ? -12.332 30.631  3.045   1.00 45.26 ? 62  PRO A CG  1 
ATOM   367 C  CD  . PRO A 1 62  ? -12.224 29.586  4.119   1.00 42.19 ? 62  PRO A CD  1 
ATOM   368 N  N   . ASN A 1 63  ? -9.767  27.245  2.460   1.00 42.17 ? 63  ASN A N   1 
ATOM   369 C  CA  . ASN A 1 63  ? -8.562  26.518  2.085   1.00 41.87 ? 63  ASN A CA  1 
ATOM   370 C  C   . ASN A 1 63  ? -8.927  25.052  1.866   1.00 40.86 ? 63  ASN A C   1 
ATOM   371 O  O   . ASN A 1 63  ? -8.041  24.240  1.659   1.00 36.66 ? 63  ASN A O   1 
ATOM   372 C  CB  . ASN A 1 63  ? -7.508  26.577  3.160   1.00 42.51 ? 63  ASN A CB  1 
ATOM   373 C  CG  . ASN A 1 63  ? -7.048  28.022  3.533   1.00 50.17 ? 63  ASN A CG  1 
ATOM   374 O  OD1 . ASN A 1 63  ? -5.891  28.332  3.441   1.00 56.27 ? 63  ASN A OD1 1 
ATOM   375 N  ND2 . ASN A 1 63  ? -7.929  28.843  4.005   1.00 51.04 ? 63  ASN A ND2 1 
ATOM   376 N  N   . GLY A 1 64  ? -10.202 24.680  2.073   1.00 37.39 ? 64  GLY A N   1 
ATOM   377 C  CA  . GLY A 1 64  ? -10.601 23.247  2.052   1.00 34.86 ? 64  GLY A CA  1 
ATOM   378 C  C   . GLY A 1 64  ? -10.376 22.524  0.723   1.00 37.48 ? 64  GLY A C   1 
ATOM   379 O  O   . GLY A 1 64  ? -9.980  21.336  0.718   1.00 33.80 ? 64  GLY A O   1 
ATOM   380 N  N   . LEU A 1 65  ? -10.525 23.215  -0.417  1.00 36.65 ? 65  LEU A N   1 
ATOM   381 C  CA  . LEU A 1 65  ? -10.156 22.579  -1.691  1.00 39.49 ? 65  LEU A CA  1 
ATOM   382 C  C   . LEU A 1 65  ? -8.696  22.322  -1.819  1.00 38.40 ? 65  LEU A C   1 
ATOM   383 O  O   . LEU A 1 65  ? -8.309  21.309  -2.401  1.00 34.90 ? 65  LEU A O   1 
ATOM   384 C  CB  . LEU A 1 65  ? -10.611 23.383  -2.927  1.00 46.16 ? 65  LEU A CB  1 
ATOM   385 C  CG  . LEU A 1 65  ? -12.127 23.519  -3.107  1.00 53.96 ? 65  LEU A CG  1 
ATOM   386 C  CD1 . LEU A 1 65  ? -12.533 24.048  -4.514  1.00 57.32 ? 65  LEU A CD1 1 
ATOM   387 C  CD2 . LEU A 1 65  ? -12.834 22.208  -2.827  1.00 54.29 ? 65  LEU A CD2 1 
ATOM   388 N  N   . THR A 1 66  ? -7.859  23.245  -1.313  1.00 35.71 ? 66  THR A N   1 
ATOM   389 C  CA  . THR A 1 66  ? -6.412  23.046  -1.387  1.00 39.04 ? 66  THR A CA  1 
ATOM   390 C  C   . THR A 1 66  ? -6.008  21.809  -0.556  1.00 34.27 ? 66  THR A C   1 
ATOM   391 O  O   . THR A 1 66  ? -5.256  20.907  -0.993  1.00 34.82 ? 66  THR A O   1 
ATOM   392 C  CB  . THR A 1 66  ? -5.693  24.272  -0.834  1.00 40.98 ? 66  THR A CB  1 
ATOM   393 O  OG1 . THR A 1 66  ? -6.001  25.357  -1.669  1.00 44.64 ? 66  THR A OG1 1 
ATOM   394 C  CG2 . THR A 1 66  ? -4.200  24.105  -0.885  1.00 46.07 ? 66  THR A CG2 1 
ATOM   395 N  N   . SER A 1 67  ? -6.553  21.779  0.650   1.00 33.33 ? 67  SER A N   1 
ATOM   396 C  CA  . SER A 1 67  ? -6.353  20.664  1.558   1.00 34.19 ? 67  SER A CA  1 
ATOM   397 C  C   . SER A 1 67  ? -6.818  19.342  0.941   1.00 34.08 ? 67  SER A C   1 
ATOM   398 O  O   . SER A 1 67  ? -6.155  18.318  1.093   1.00 33.55 ? 67  SER A O   1 
ATOM   399 C  CB  . SER A 1 67  ? -7.125  20.842  2.856   1.00 35.26 ? 67  SER A CB  1 
ATOM   400 O  OG  . SER A 1 67  ? -6.615  21.938  3.571   1.00 37.93 ? 67  SER A OG  1 
ATOM   401 N  N   . ALA A 1 68  ? -7.979  19.348  0.317   1.00 33.45 ? 68  ALA A N   1 
ATOM   402 C  CA  . ALA A 1 68  ? -8.534  18.136  -0.394  1.00 34.63 ? 68  ALA A CA  1 
ATOM   403 C  C   . ALA A 1 68  ? -7.543  17.701  -1.477  1.00 34.26 ? 68  ALA A C   1 
ATOM   404 O  O   . ALA A 1 68  ? -7.199  16.517  -1.557  1.00 33.04 ? 68  ALA A O   1 
ATOM   405 C  CB  . ALA A 1 68  ? -9.883  18.411  -1.024  1.00 33.60 ? 68  ALA A CB  1 
ATOM   406 N  N   . GLN A 1 69  ? -7.007  18.663  -2.233  1.00 35.44 ? 69  GLN A N   1 
ATOM   407 C  CA  . GLN A 1 69  ? -6.035  18.329  -3.273  1.00 38.66 ? 69  GLN A CA  1 
ATOM   408 C  C   . GLN A 1 69  ? -4.789  17.649  -2.684  1.00 37.81 ? 69  GLN A C   1 
ATOM   409 O  O   . GLN A 1 69  ? -4.264  16.681  -3.246  1.00 34.10 ? 69  GLN A O   1 
ATOM   410 C  CB  . GLN A 1 69  ? -5.609  19.525  -4.079  1.00 40.26 ? 69  GLN A CB  1 
ATOM   411 C  CG  . GLN A 1 69  ? -6.660  20.011  -5.048  1.00 47.47 ? 69  GLN A CG  1 
ATOM   412 C  CD  . GLN A 1 69  ? -6.289  21.350  -5.621  1.00 54.54 ? 69  GLN A CD  1 
ATOM   413 O  OE1 . GLN A 1 69  ? -5.203  21.531  -6.175  1.00 65.54 ? 69  GLN A OE1 1 
ATOM   414 N  NE2 . GLN A 1 69  ? -7.173  22.266  -5.523  1.00 55.04 ? 69  GLN A NE2 1 
ATOM   415 N  N   . LYS A 1 70  ? -4.285  18.182  -1.598  1.00 34.30 ? 70  LYS A N   1 
ATOM   416 C  CA  . LYS A 1 70  ? -3.106  17.574  -0.937  1.00 35.58 ? 70  LYS A CA  1 
ATOM   417 C  C   . LYS A 1 70  ? -3.370  16.176  -0.410  1.00 34.07 ? 70  LYS A C   1 
ATOM   418 O  O   . LYS A 1 70  ? -2.533  15.309  -0.584  1.00 30.46 ? 70  LYS A O   1 
ATOM   419 C  CB  . LYS A 1 70  ? -2.557  18.497  0.137   1.00 39.97 ? 70  LYS A CB  1 
ATOM   420 C  CG  . LYS A 1 70  ? -1.686  19.574  -0.490  1.00 47.84 ? 70  LYS A CG  1 
ATOM   421 C  CD  . LYS A 1 70  ? -1.630  20.883  0.223   1.00 54.57 ? 70  LYS A CD  1 
ATOM   422 C  CE  . LYS A 1 70  ? -1.694  20.789  1.711   1.00 54.18 ? 70  LYS A CE  1 
ATOM   423 N  NZ  . LYS A 1 70  ? -1.230  22.129  2.135   1.00 59.65 ? 70  LYS A NZ  1 
ATOM   424 N  N   . HIS A 1 71  ? -4.528  15.948  0.186   1.00 31.10 ? 71  HIS A N   1 
ATOM   425 C  CA  . HIS A 1 71  ? -4.928  14.615  0.611   1.00 34.08 ? 71  HIS A CA  1 
ATOM   426 C  C   . HIS A 1 71  ? -5.107  13.650  -0.589  1.00 37.72 ? 71  HIS A C   1 
ATOM   427 O  O   . HIS A 1 71  ? -4.890  12.463  -0.468  1.00 34.65 ? 71  HIS A O   1 
ATOM   428 C  CB  . HIS A 1 71  ? -6.212  14.675  1.403   1.00 35.27 ? 71  HIS A CB  1 
ATOM   429 C  CG  . HIS A 1 71  ? -6.028  15.113  2.811   1.00 39.13 ? 71  HIS A CG  1 
ATOM   430 N  ND1 . HIS A 1 71  ? -5.269  14.392  3.714   1.00 34.90 ? 71  HIS A ND1 1 
ATOM   431 C  CD2 . HIS A 1 71  ? -6.492  16.196  3.489   1.00 43.27 ? 71  HIS A CD2 1 
ATOM   432 C  CE1 . HIS A 1 71  ? -5.264  15.006  4.888   1.00 39.02 ? 71  HIS A CE1 1 
ATOM   433 N  NE2 . HIS A 1 71  ? -5.990  16.116  4.775   1.00 36.93 ? 71  HIS A NE2 1 
ATOM   434 N  N   . GLN A 1 72  ? -5.524  14.172  -1.732  1.00 35.01 ? 72  GLN A N   1 
ATOM   435 C  CA  . GLN A 1 72  ? -5.527  13.350  -2.976  1.00 40.27 ? 72  GLN A CA  1 
ATOM   436 C  C   . GLN A 1 72  ? -4.175  12.935  -3.463  1.00 36.39 ? 72  GLN A C   1 
ATOM   437 O  O   . GLN A 1 72  ? -3.972  11.797  -3.888  1.00 36.81 ? 72  GLN A O   1 
ATOM   438 C  CB  . GLN A 1 72  ? -6.168  14.101  -4.126  1.00 41.63 ? 72  GLN A CB  1 
ATOM   439 C  CG  . GLN A 1 72  ? -6.452  13.218  -5.349  1.00 49.35 ? 72  GLN A CG  1 
ATOM   440 C  CD  . GLN A 1 72  ? -7.744  13.631  -6.040  1.00 61.34 ? 72  GLN A CD  1 
ATOM   441 O  OE1 . GLN A 1 72  ? -7.800  13.709  -7.273  1.00 64.13 ? 72  GLN A OE1 1 
ATOM   442 N  NE2 . GLN A 1 72  ? -8.805  13.913  -5.245  1.00 63.25 ? 72  GLN A NE2 1 
ATOM   443 N  N   . ILE A 1 73  ? -3.263  13.886  -3.508  1.00 34.25 ? 73  ILE A N   1 
ATOM   444 C  CA  . ILE A 1 73  ? -1.864  13.529  -3.777  1.00 38.18 ? 73  ILE A CA  1 
ATOM   445 C  C   . ILE A 1 73  ? -1.347  12.383  -2.847  1.00 37.32 ? 73  ILE A C   1 
ATOM   446 O  O   . ILE A 1 73  ? -0.713  11.390  -3.327  1.00 32.00 ? 73  ILE A O   1 
ATOM   447 C  CB  . ILE A 1 73  ? -0.988  14.783  -3.695  1.00 40.38 ? 73  ILE A CB  1 
ATOM   448 C  CG1 . ILE A 1 73  ? -1.313  15.635  -4.927  1.00 43.84 ? 73  ILE A CG1 1 
ATOM   449 C  CG2 . ILE A 1 73  ? 0.495   14.420  -3.644  1.00 39.65 ? 73  ILE A CG2 1 
ATOM   450 C  CD1 . ILE A 1 73  ? -0.709  16.993  -4.799  1.00 51.21 ? 73  ILE A CD1 1 
ATOM   451 N  N   . GLU A 1 74  ? -1.636  12.530  -1.553  1.00 31.86 ? 74  GLU A N   1 
ATOM   452 C  CA  . GLU A 1 74  ? -1.180  11.587  -0.524  1.00 37.19 ? 74  GLU A CA  1 
ATOM   453 C  C   . GLU A 1 74  ? -1.883  10.250  -0.694  1.00 35.61 ? 74  GLU A C   1 
ATOM   454 O  O   . GLU A 1 74  ? -1.229  9.196   -0.635  1.00 33.55 ? 74  GLU A O   1 
ATOM   455 C  CB  . GLU A 1 74  ? -1.457  12.098  0.916   1.00 37.45 ? 74  GLU A CB  1 
ATOM   456 C  CG  . GLU A 1 74  ? -0.548  13.231  1.344   1.00 44.84 ? 74  GLU A CG  1 
ATOM   457 C  CD  . GLU A 1 74  ? 0.938   12.810  1.264   1.00 58.45 ? 74  GLU A CD  1 
ATOM   458 O  OE1 . GLU A 1 74  ? 1.802   13.677  0.987   1.00 69.54 ? 74  GLU A OE1 1 
ATOM   459 O  OE2 . GLU A 1 74  ? 1.266   11.589  1.433   1.00 64.54 ? 74  GLU A OE2 1 
ATOM   460 N  N   . ARG A 1 75  ? -3.189  10.291  -0.870  1.00 32.63 ? 75  ARG A N   1 
ATOM   461 C  CA  . ARG A 1 75  ? -3.927  9.077   -1.166  1.00 34.08 ? 75  ARG A CA  1 
ATOM   462 C  C   . ARG A 1 75  ? -3.330  8.354   -2.372  1.00 33.30 ? 75  ARG A C   1 
ATOM   463 O  O   . ARG A 1 75  ? -3.005  7.176   -2.282  1.00 31.71 ? 75  ARG A O   1 
ATOM   464 C  CB  . ARG A 1 75  ? -5.372  9.371   -1.462  1.00 33.33 ? 75  ARG A CB  1 
ATOM   465 C  CG  . ARG A 1 75  ? -6.246  8.165   -1.679  1.00 32.21 ? 75  ARG A CG  1 
ATOM   466 C  CD  . ARG A 1 75  ? -7.598  8.497   -2.302  1.00 34.82 ? 75  ARG A CD  1 
ATOM   467 N  NE  . ARG A 1 75  ? -7.359  9.012   -3.648  1.00 41.52 ? 75  ARG A NE  1 
ATOM   468 C  CZ  . ARG A 1 75  ? -8.285  9.590   -4.411  1.00 44.16 ? 75  ARG A CZ  1 
ATOM   469 N  NH1 . ARG A 1 75  ? -9.499  9.754   -3.951  1.00 42.31 ? 75  ARG A NH1 1 
ATOM   470 N  NH2 . ARG A 1 75  ? -7.985  9.982   -5.635  1.00 40.97 ? 75  ARG A NH2 1 
ATOM   471 N  N   . ASP A 1 76  ? -3.159  9.052   -3.466  1.00 34.96 ? 76  ASP A N   1 
ATOM   472 C  CA  . ASP A 1 76  ? -2.683  8.396   -4.693  1.00 38.01 ? 76  ASP A CA  1 
ATOM   473 C  C   . ASP A 1 76  ? -1.238  7.864   -4.511  1.00 35.86 ? 76  ASP A C   1 
ATOM   474 O  O   . ASP A 1 76  ? -0.882  6.838   -5.063  1.00 34.31 ? 76  ASP A O   1 
ATOM   475 C  CB  . ASP A 1 76  ? -2.801  9.301   -5.917  1.00 38.45 ? 76  ASP A CB  1 
ATOM   476 C  CG  . ASP A 1 76  ? -4.269  9.663   -6.256  1.00 44.06 ? 76  ASP A CG  1 
ATOM   477 O  OD1 . ASP A 1 76  ? -5.265  9.076   -5.710  1.00 39.17 ? 76  ASP A OD1 1 
ATOM   478 O  OD2 . ASP A 1 76  ? -4.418  10.578  -7.070  1.00 49.61 ? 76  ASP A OD2 1 
ATOM   479 N  N   . HIS A 1 77  ? -0.422  8.545   -3.723  1.00 33.10 ? 77  HIS A N   1 
ATOM   480 C  CA  . HIS A 1 77  ? 0.974   8.131   -3.515  1.00 37.00 ? 77  HIS A CA  1 
ATOM   481 C  C   . HIS A 1 77  ? 1.013   6.791   -2.725  1.00 32.54 ? 77  HIS A C   1 
ATOM   482 O  O   . HIS A 1 77  ? 1.647   5.827   -3.128  1.00 31.45 ? 77  HIS A O   1 
ATOM   483 C  CB  . HIS A 1 77  ? 1.739   9.198   -2.767  1.00 38.21 ? 77  HIS A CB  1 
ATOM   484 C  CG  . HIS A 1 77  ? 3.175   8.858   -2.586  1.00 42.93 ? 77  HIS A CG  1 
ATOM   485 N  ND1 . HIS A 1 77  ? 3.829   8.960   -1.376  1.00 47.32 ? 77  HIS A ND1 1 
ATOM   486 C  CD2 . HIS A 1 77  ? 4.091   8.417   -3.468  1.00 45.83 ? 77  HIS A CD2 1 
ATOM   487 C  CE1 . HIS A 1 77  ? 5.084   8.572   -1.516  1.00 47.69 ? 77  HIS A CE1 1 
ATOM   488 N  NE2 . HIS A 1 77  ? 5.276   8.258   -2.780  1.00 51.81 ? 77  HIS A NE2 1 
ATOM   489 N  N   . HIS A 1 78  ? 0.224   6.744   -1.659  1.00 29.46 ? 78  HIS A N   1 
ATOM   490 C  CA  . HIS A 1 78  ? 0.014   5.544   -0.903  1.00 31.58 ? 78  HIS A CA  1 
ATOM   491 C  C   . HIS A 1 78  ? -0.580  4.403   -1.745  1.00 33.42 ? 78  HIS A C   1 
ATOM   492 O  O   . HIS A 1 78  ? -0.125  3.283   -1.609  1.00 31.47 ? 78  HIS A O   1 
ATOM   493 C  CB  . HIS A 1 78  ? -0.769  5.805   0.417   1.00 29.23 ? 78  HIS A CB  1 
ATOM   494 C  CG  . HIS A 1 78  ? 0.085   6.466   1.437   1.00 35.44 ? 78  HIS A CG  1 
ATOM   495 N  ND1 . HIS A 1 78  ? 1.075   5.774   2.116   1.00 31.18 ? 78  HIS A ND1 1 
ATOM   496 C  CD2 . HIS A 1 78  ? 0.223   7.775   1.794   1.00 35.35 ? 78  HIS A CD2 1 
ATOM   497 C  CE1 . HIS A 1 78  ? 1.746   6.613   2.893   1.00 36.58 ? 78  HIS A CE1 1 
ATOM   498 N  NE2 . HIS A 1 78  ? 1.261   7.833   2.704   1.00 36.79 ? 78  HIS A NE2 1 
ATOM   499 N  N   . LEU A 1 79  ? -1.554  4.644   -2.593  1.00 30.94 ? 79  LEU A N   1 
ATOM   500 C  CA  . LEU A 1 79  ? -1.994  3.563   -3.506  1.00 32.88 ? 79  LEU A CA  1 
ATOM   501 C  C   . LEU A 1 79  ? -0.872  3.027   -4.427  1.00 31.36 ? 79  LEU A C   1 
ATOM   502 O  O   . LEU A 1 79  ? -0.728  1.813   -4.702  1.00 32.55 ? 79  LEU A O   1 
ATOM   503 C  CB  . LEU A 1 79  ? -3.165  4.076   -4.324  1.00 34.90 ? 79  LEU A CB  1 
ATOM   504 C  CG  . LEU A 1 79  ? -4.365  4.474   -3.461  1.00 35.94 ? 79  LEU A CG  1 
ATOM   505 C  CD1 . LEU A 1 79  ? -5.420  5.088   -4.411  1.00 36.27 ? 79  LEU A CD1 1 
ATOM   506 C  CD2 . LEU A 1 79  ? -4.894  3.209   -2.758  1.00 35.87 ? 79  LEU A CD2 1 
ATOM   507 N  N   . SER A 1 80  ? -0.036  3.927   -4.920  1.00 32.49 ? 80  SER A N   1 
ATOM   508 C  CA  . SER A 1 80  ? 1.033   3.567   -5.798  1.00 33.86 ? 80  SER A CA  1 
ATOM   509 C  C   . SER A 1 80  ? 2.112   2.716   -5.023  1.00 36.21 ? 80  SER A C   1 
ATOM   510 O  O   . SER A 1 80  ? 2.595   1.696   -5.531  1.00 31.79 ? 80  SER A O   1 
ATOM   511 C  CB  . SER A 1 80  ? 1.640   4.829   -6.410  1.00 38.71 ? 80  SER A CB  1 
ATOM   512 O  OG  . SER A 1 80  ? 2.772   4.487   -7.178  1.00 48.15 ? 80  SER A OG  1 
ATOM   513 N  N   . LEU A 1 81  ? 2.436   3.124   -3.795  1.00 33.45 ? 81  LEU A N   1 
ATOM   514 C  CA  . LEU A 1 81  ? 3.318   2.337   -2.925  1.00 34.32 ? 81  LEU A CA  1 
ATOM   515 C  C   . LEU A 1 81  ? 2.713   1.015   -2.555  1.00 31.19 ? 81  LEU A C   1 
ATOM   516 O  O   . LEU A 1 81  ? 3.447   0.010   -2.527  1.00 30.83 ? 81  LEU A O   1 
ATOM   517 C  CB  . LEU A 1 81  ? 3.731   3.077   -1.679  1.00 33.55 ? 81  LEU A CB  1 
ATOM   518 C  CG  . LEU A 1 81  ? 4.524   4.355   -2.020  1.00 36.73 ? 81  LEU A CG  1 
ATOM   519 C  CD1 . LEU A 1 81  ? 4.606   5.184   -0.739  1.00 37.75 ? 81  LEU A CD1 1 
ATOM   520 C  CD2 . LEU A 1 81  ? 5.909   4.113   -2.636  1.00 40.22 ? 81  LEU A CD2 1 
ATOM   521 N  N   . ALA A 1 82  ? 1.401   0.977   -2.282  1.00 31.06 ? 82  ALA A N   1 
ATOM   522 C  CA  . ALA A 1 82  ? 0.724   -0.308  -2.134  1.00 32.08 ? 82  ALA A CA  1 
ATOM   523 C  C   . ALA A 1 82  ? 0.877   -1.242  -3.312  1.00 35.53 ? 82  ALA A C   1 
ATOM   524 O  O   . ALA A 1 82  ? 1.202   -2.455  -3.121  1.00 33.22 ? 82  ALA A O   1 
ATOM   525 C  CB  . ALA A 1 82  ? -0.732  -0.123  -1.866  1.00 32.27 ? 82  ALA A CB  1 
ATOM   526 N  N   . ALA A 1 83  ? 0.594   -0.750  -4.533  1.00 34.46 ? 83  ALA A N   1 
ATOM   527 C  CA  . ALA A 1 83  ? 0.763   -1.582  -5.747  1.00 35.69 ? 83  ALA A CA  1 
ATOM   528 C  C   . ALA A 1 83  ? 2.186   -2.094  -5.890  1.00 34.43 ? 83  ALA A C   1 
ATOM   529 O  O   . ALA A 1 83  ? 2.429   -3.214  -6.414  1.00 35.04 ? 83  ALA A O   1 
ATOM   530 C  CB  . ALA A 1 83  ? 0.331   -0.868  -7.046  1.00 39.81 ? 83  ALA A CB  1 
ATOM   531 N  N   . GLN A 1 84  ? 3.141   -1.250  -5.565  1.00 32.51 ? 84  GLN A N   1 
ATOM   532 C  CA  . GLN A 1 84  ? 4.551   -1.660  -5.693  1.00 34.00 ? 84  GLN A CA  1 
ATOM   533 C  C   . GLN A 1 84  ? 4.896   -2.755  -4.693  1.00 34.97 ? 84  GLN A C   1 
ATOM   534 O  O   . GLN A 1 84  ? 5.601   -3.710  -4.998  1.00 33.01 ? 84  GLN A O   1 
ATOM   535 C  CB  . GLN A 1 84  ? 5.383   -0.445  -5.434  1.00 39.71 ? 84  GLN A CB  1 
ATOM   536 C  CG  . GLN A 1 84  ? 6.866   -0.532  -5.486  1.00 45.19 ? 84  GLN A CG  1 
ATOM   537 C  CD  . GLN A 1 84  ? 7.405   0.885   -5.388  1.00 56.18 ? 84  GLN A CD  1 
ATOM   538 O  OE1 . GLN A 1 84  ? 7.382   1.648   -6.355  1.00 69.08 ? 84  GLN A OE1 1 
ATOM   539 N  NE2 . GLN A 1 84  ? 7.780   1.277   -4.192  1.00 55.40 ? 84  GLN A NE2 1 
ATOM   540 N  N   . ALA A 1 85  ? 4.386   -2.654  -3.489  1.00 30.78 ? 85  ALA A N   1 
ATOM   541 C  CA  . ALA A 1 85  ? 4.627   -3.663  -2.476  1.00 30.87 ? 85  ALA A CA  1 
ATOM   542 C  C   . ALA A 1 85  ? 3.988   -4.989  -2.879  1.00 31.82 ? 85  ALA A C   1 
ATOM   543 O  O   . ALA A 1 85  ? 4.545   -6.046  -2.659  1.00 31.82 ? 85  ALA A O   1 
ATOM   544 C  CB  . ALA A 1 85  ? 4.084   -3.166  -1.129  1.00 31.78 ? 85  ALA A CB  1 
ATOM   545 N  N   . GLU A 1 86  ? 2.811   -4.929  -3.489  1.00 30.92 ? 86  GLU A N   1 
ATOM   546 C  CA  . GLU A 1 86  ? 2.110   -6.086  -3.929  1.00 35.24 ? 86  GLU A CA  1 
ATOM   547 C  C   . GLU A 1 86  ? 2.858   -6.830  -5.041  1.00 34.61 ? 86  GLU A C   1 
ATOM   548 O  O   . GLU A 1 86  ? 2.858   -8.078  -5.077  1.00 34.34 ? 86  GLU A O   1 
ATOM   549 C  CB  . GLU A 1 86  ? 0.682   -5.773  -4.368  1.00 38.80 ? 86  GLU A CB  1 
ATOM   550 C  CG  . GLU A 1 86  ? -0.291  -5.626  -3.191  1.00 45.01 ? 86  GLU A CG  1 
ATOM   551 C  CD  . GLU A 1 86  ? -1.515  -4.716  -3.486  1.00 53.14 ? 86  GLU A CD  1 
ATOM   552 O  OE1 . GLU A 1 86  ? -2.217  -4.247  -2.497  1.00 56.44 ? 86  GLU A OE1 1 
ATOM   553 O  OE2 . GLU A 1 86  ? -1.800  -4.431  -4.694  1.00 57.30 ? 86  GLU A OE2 1 
ATOM   554 N  N   . ARG A 1 87  ? 3.431   -6.059  -5.955  1.00 32.30 ? 87  ARG A N   1 
ATOM   555 C  CA  . ARG A 1 87  ? 4.291   -6.576  -6.972  1.00 35.78 ? 87  ARG A CA  1 
ATOM   556 C  C   . ARG A 1 87  ? 5.538   -7.222  -6.362  1.00 37.22 ? 87  ARG A C   1 
ATOM   557 O  O   . ARG A 1 87  ? 5.896   -8.321  -6.811  1.00 33.36 ? 87  ARG A O   1 
ATOM   558 C  CB  . ARG A 1 87  ? 4.667   -5.485  -7.947  1.00 39.55 ? 87  ARG A CB  1 
ATOM   559 C  CG  . ARG A 1 87  ? 3.490   -5.136  -8.893  1.00 43.52 ? 87  ARG A CG  1 
ATOM   560 C  CD  . ARG A 1 87  ? 3.975   -4.294  -10.063 1.00 48.54 ? 87  ARG A CD  1 
ATOM   561 N  NE  . ARG A 1 87  ? 4.576   -3.022  -9.607  1.00 50.13 ? 87  ARG A NE  1 
ATOM   562 C  CZ  . ARG A 1 87  ? 3.914   -1.871  -9.446  1.00 49.84 ? 87  ARG A CZ  1 
ATOM   563 N  NH1 . ARG A 1 87  ? 2.611   -1.799  -9.660  1.00 50.53 ? 87  ARG A NH1 1 
ATOM   564 N  NH2 . ARG A 1 87  ? 4.561   -0.794  -9.031  1.00 47.57 ? 87  ARG A NH2 1 
ATOM   565 N  N   . HIS A 1 88  ? 6.192   -6.587  -5.359  1.00 35.10 ? 88  HIS A N   1 
ATOM   566 C  CA  . HIS A 1 88  ? 7.316   -7.255  -4.712  1.00 37.17 ? 88  HIS A CA  1 
ATOM   567 C  C   . HIS A 1 88  ? 6.913   -8.514  -4.024  1.00 34.33 ? 88  HIS A C   1 
ATOM   568 O  O   . HIS A 1 88  ? 7.636   -9.490  -4.090  1.00 35.27 ? 88  HIS A O   1 
ATOM   569 C  CB  . HIS A 1 88  ? 8.036   -6.415  -3.732  1.00 41.45 ? 88  HIS A CB  1 
ATOM   570 C  CG  . HIS A 1 88  ? 8.548   -5.178  -4.334  1.00 50.89 ? 88  HIS A CG  1 
ATOM   571 N  ND1 . HIS A 1 88  ? 8.587   -3.978  -3.650  1.00 58.88 ? 88  HIS A ND1 1 
ATOM   572 C  CD2 . HIS A 1 88  ? 8.969   -4.919  -5.595  1.00 54.08 ? 88  HIS A CD2 1 
ATOM   573 C  CE1 . HIS A 1 88  ? 9.066   -3.040  -4.454  1.00 56.14 ? 88  HIS A CE1 1 
ATOM   574 N  NE2 . HIS A 1 88  ? 9.297   -3.582  -5.642  1.00 55.95 ? 88  HIS A NE2 1 
ATOM   575 N  N   . ALA A 1 89  ? 5.778   -8.503  -3.341  1.00 30.73 ? 89  ALA A N   1 
ATOM   576 C  CA  . ALA A 1 89  ? 5.265   -9.745  -2.735  1.00 31.00 ? 89  ALA A CA  1 
ATOM   577 C  C   . ALA A 1 89  ? 5.097   -10.850 -3.744  1.00 34.85 ? 89  ALA A C   1 
ATOM   578 O  O   . ALA A 1 89  ? 5.551   -11.985 -3.499  1.00 34.10 ? 89  ALA A O   1 
ATOM   579 C  CB  . ALA A 1 89  ? 3.944   -9.516  -2.007  1.00 30.83 ? 89  ALA A CB  1 
ATOM   580 N  N   . ALA A 1 90  ? 4.465   -10.533 -4.890  1.00 31.33 ? 90  ALA A N   1 
ATOM   581 C  CA  . ALA A 1 90  ? 4.279   -11.536 -5.950  1.00 35.07 ? 90  ALA A CA  1 
ATOM   582 C  C   . ALA A 1 90  ? 5.624   -12.133 -6.420  1.00 33.15 ? 90  ALA A C   1 
ATOM   583 O  O   . ALA A 1 90  ? 5.688   -13.323 -6.670  1.00 34.92 ? 90  ALA A O   1 
ATOM   584 C  CB  . ALA A 1 90  ? 3.506   -10.997 -7.152  1.00 35.47 ? 90  ALA A CB  1 
ATOM   585 N  N   . THR A 1 91  ? 6.634   -11.278 -6.597  1.00 35.26 ? 91  THR A N   1 
ATOM   586 C  CA  . THR A 1 91  ? 7.978   -11.681 -7.017  1.00 36.05 ? 91  THR A CA  1 
ATOM   587 C  C   . THR A 1 91  ? 8.566   -12.740 -6.028  1.00 32.95 ? 91  THR A C   1 
ATOM   588 O  O   . THR A 1 91  ? 9.075   -13.781 -6.411  1.00 32.52 ? 91  THR A O   1 
ATOM   589 C  CB  . THR A 1 91  ? 8.881   -10.417 -7.095  1.00 35.68 ? 91  THR A CB  1 
ATOM   590 O  OG1 . THR A 1 91  ? 8.480   -9.648  -8.248  1.00 35.61 ? 91  THR A OG1 1 
ATOM   591 C  CG2 . THR A 1 91  ? 10.385  -10.777 -7.268  1.00 34.39 ? 91  THR A CG2 1 
ATOM   592 N  N   . HIS A 1 92  ? 8.463   -12.452 -4.743  1.00 33.92 ? 92  HIS A N   1 
ATOM   593 C  CA  . HIS A 1 92  ? 9.022   -13.344 -3.736  1.00 32.57 ? 92  HIS A CA  1 
ATOM   594 C  C   . HIS A 1 92  ? 8.236   -14.618 -3.666  1.00 35.86 ? 92  HIS A C   1 
ATOM   595 O  O   . HIS A 1 92  ? 8.812   -15.668 -3.458  1.00 34.36 ? 92  HIS A O   1 
ATOM   596 C  CB  . HIS A 1 92  ? 9.005   -12.700 -2.390  1.00 33.31 ? 92  HIS A CB  1 
ATOM   597 C  CG  . HIS A 1 92  ? 10.075  -11.698 -2.205  1.00 32.87 ? 92  HIS A CG  1 
ATOM   598 N  ND1 . HIS A 1 92  ? 11.392  -12.027 -2.013  1.00 31.54 ? 92  HIS A ND1 1 
ATOM   599 C  CD2 . HIS A 1 92  ? 10.012  -10.360 -2.188  1.00 30.23 ? 92  HIS A CD2 1 
ATOM   600 C  CE1 . HIS A 1 92  ? 12.093  -10.927 -1.851  1.00 31.60 ? 92  HIS A CE1 1 
ATOM   601 N  NE2 . HIS A 1 92  ? 11.248  -9.917  -1.904  1.00 31.20 ? 92  HIS A NE2 1 
ATOM   602 N  N   . ASN A 1 93  ? 6.926   -14.532 -3.824  1.00 33.11 ? 93  ASN A N   1 
ATOM   603 C  CA  . ASN A 1 93  ? 6.124   -15.738 -3.881  1.00 34.93 ? 93  ASN A CA  1 
ATOM   604 C  C   . ASN A 1 93  ? 6.438   -16.659 -5.040  1.00 35.72 ? 93  ASN A C   1 
ATOM   605 O  O   . ASN A 1 93  ? 6.464   -17.898 -4.852  1.00 34.58 ? 93  ASN A O   1 
ATOM   606 C  CB  . ASN A 1 93  ? 4.617   -15.456 -3.795  1.00 40.29 ? 93  ASN A CB  1 
ATOM   607 C  CG  . ASN A 1 93  ? 4.189   -15.169 -2.361  1.00 40.63 ? 93  ASN A CG  1 
ATOM   608 O  OD1 . ASN A 1 93  ? 4.653   -15.830 -1.430  1.00 46.94 ? 93  ASN A OD1 1 
ATOM   609 N  ND2 . ASN A 1 93  ? 3.432   -14.138 -2.176  1.00 42.33 ? 93  ASN A ND2 1 
ATOM   610 N  N   . ARG A 1 94  ? 6.724   -16.111 -6.206  1.00 31.56 ? 94  ARG A N   1 
ATOM   611 C  CA  . ARG A 1 94  ? 7.141   -16.957 -7.322  1.00 35.16 ? 94  ARG A CA  1 
ATOM   612 C  C   . ARG A 1 94  ? 8.502   -17.644 -7.020  1.00 33.40 ? 94  ARG A C   1 
ATOM   613 O  O   . ARG A 1 94  ? 8.684   -18.836 -7.322  1.00 33.49 ? 94  ARG A O   1 
ATOM   614 C  CB  . ARG A 1 94  ? 7.287   -16.104 -8.604  1.00 37.07 ? 94  ARG A CB  1 
ATOM   615 C  CG  . ARG A 1 94  ? 5.975   -15.880 -9.352  1.00 39.59 ? 94  ARG A CG  1 
ATOM   616 C  CD  . ARG A 1 94  ? 6.217   -15.160 -10.661 1.00 41.75 ? 94  ARG A CD  1 
ATOM   617 N  NE  . ARG A 1 94  ? 6.598   -13.728 -10.484 1.00 38.35 ? 94  ARG A NE  1 
ATOM   618 C  CZ  . ARG A 1 94  ? 5.778   -12.704 -10.373 1.00 40.41 ? 94  ARG A CZ  1 
ATOM   619 N  NH1 . ARG A 1 94  ? 4.457   -12.871 -10.325 1.00 40.84 ? 94  ARG A NH1 1 
ATOM   620 N  NH2 . ARG A 1 94  ? 6.284   -11.489 -10.280 1.00 40.11 ? 94  ARG A NH2 1 
ATOM   621 N  N   . GLU A 1 95  ? 9.441   -16.887 -6.448  1.00 32.28 ? 95  GLU A N   1 
ATOM   622 C  CA  . GLU A 1 95  ? 10.752  -17.457 -6.112  1.00 32.92 ? 95  GLU A CA  1 
ATOM   623 C  C   . GLU A 1 95  ? 10.616  -18.526 -5.004  1.00 36.17 ? 95  GLU A C   1 
ATOM   624 O  O   . GLU A 1 95  ? 11.226  -19.569 -5.135  1.00 34.73 ? 95  GLU A O   1 
ATOM   625 C  CB  . GLU A 1 95  ? 11.759  -16.359 -5.709  1.00 33.95 ? 95  GLU A CB  1 
ATOM   626 C  CG  . GLU A 1 95  ? 13.205  -16.824 -5.370  1.00 37.48 ? 95  GLU A CG  1 
ATOM   627 C  CD  . GLU A 1 95  ? 14.019  -17.389 -6.546  1.00 43.62 ? 95  GLU A CD  1 
ATOM   628 O  OE1 . GLU A 1 95  ? 15.229  -17.714 -6.310  1.00 41.69 ? 95  GLU A OE1 1 
ATOM   629 O  OE2 . GLU A 1 95  ? 13.473  -17.454 -7.705  1.00 45.10 ? 95  GLU A OE2 1 
ATOM   630 N  N   . ALA A 1 96  ? 9.816   -18.264 -3.939  1.00 33.32 ? 96  ALA A N   1 
ATOM   631 C  CA  . ALA A 1 96  ? 9.418   -19.273 -2.935  1.00 36.59 ? 96  ALA A CA  1 
ATOM   632 C  C   . ALA A 1 96  ? 8.856   -20.538 -3.534  1.00 38.11 ? 96  ALA A C   1 
ATOM   633 O  O   . ALA A 1 96  ? 9.298   -21.625 -3.143  1.00 34.76 ? 96  ALA A O   1 
ATOM   634 C  CB  . ALA A 1 96  ? 8.436   -18.727 -1.923  1.00 36.99 ? 96  ALA A CB  1 
ATOM   635 N  N   . ALA A 1 97  ? 7.897   -20.422 -4.455  1.00 37.16 ? 97  ALA A N   1 
ATOM   636 C  CA  . ALA A 1 97  ? 7.285   -21.610 -5.035  1.00 38.99 ? 97  ALA A CA  1 
ATOM   637 C  C   . ALA A 1 97  ? 8.292   -22.414 -5.739  1.00 41.09 ? 97  ALA A C   1 
ATOM   638 O  O   . ALA A 1 97  ? 8.299   -23.653 -5.686  1.00 41.81 ? 97  ALA A O   1 
ATOM   639 C  CB  . ALA A 1 97  ? 6.196   -21.221 -6.006  1.00 43.50 ? 97  ALA A CB  1 
ATOM   640 N  N   . TYR A 1 98  ? 9.188   -21.735 -6.433  1.00 41.25 ? 98  TYR A N   1 
ATOM   641 C  CA  . TYR A 1 98  ? 10.258  -22.434 -7.152  1.00 39.33 ? 98  TYR A CA  1 
ATOM   642 C  C   . TYR A 1 98  ? 11.099  -23.309 -6.210  1.00 39.95 ? 98  TYR A C   1 
ATOM   643 O  O   . TYR A 1 98  ? 11.300  -24.501 -6.441  1.00 41.58 ? 98  TYR A O   1 
ATOM   644 C  CB  . TYR A 1 98  ? 11.105  -21.454 -8.004  1.00 41.22 ? 98  TYR A CB  1 
ATOM   645 C  CG  . TYR A 1 98  ? 12.284  -22.137 -8.597  1.00 39.60 ? 98  TYR A CG  1 
ATOM   646 C  CD1 . TYR A 1 98  ? 12.194  -22.829 -9.806  1.00 42.81 ? 98  TYR A CD1 1 
ATOM   647 C  CD2 . TYR A 1 98  ? 13.507  -22.116 -7.934  1.00 40.65 ? 98  TYR A CD2 1 
ATOM   648 C  CE1 . TYR A 1 98  ? 13.285  -23.486 -10.346 1.00 43.44 ? 98  TYR A CE1 1 
ATOM   649 C  CE2 . TYR A 1 98  ? 14.610  -22.802 -8.460  1.00 43.45 ? 98  TYR A CE2 1 
ATOM   650 C  CZ  . TYR A 1 98  ? 14.494  -23.469 -9.671  1.00 45.30 ? 98  TYR A CZ  1 
ATOM   651 O  OH  . TYR A 1 98  ? 15.618  -24.128 -10.172 1.00 45.56 ? 98  TYR A OH  1 
ATOM   652 N  N   . HIS A 1 99  ? 11.528  -22.741 -5.111  1.00 37.74 ? 99  HIS A N   1 
ATOM   653 C  CA  . HIS A 1 99  ? 12.378  -23.435 -4.211  1.00 38.55 ? 99  HIS A CA  1 
ATOM   654 C  C   . HIS A 1 99  ? 11.625  -24.546 -3.511  1.00 42.16 ? 99  HIS A C   1 
ATOM   655 O  O   . HIS A 1 99  ? 12.206  -25.639 -3.266  1.00 41.54 ? 99  HIS A O   1 
ATOM   656 C  CB  . HIS A 1 99  ? 13.045  -22.454 -3.227  1.00 39.82 ? 99  HIS A CB  1 
ATOM   657 C  CG  . HIS A 1 99  ? 14.123  -21.611 -3.839  1.00 39.96 ? 99  HIS A CG  1 
ATOM   658 N  ND1 . HIS A 1 99  ? 15.361  -22.125 -4.174  1.00 37.96 ? 99  HIS A ND1 1 
ATOM   659 C  CD2 . HIS A 1 99  ? 14.166  -20.291 -4.138  1.00 38.29 ? 99  HIS A CD2 1 
ATOM   660 C  CE1 . HIS A 1 99  ? 16.107  -21.161 -4.697  1.00 40.46 ? 99  HIS A CE1 1 
ATOM   661 N  NE2 . HIS A 1 99  ? 15.407  -20.036 -4.665  1.00 36.94 ? 99  HIS A NE2 1 
ATOM   662 N  N   . ARG A 1 100 ? 10.345  -24.319 -3.205  1.00 43.48 ? 100 ARG A N   1 
ATOM   663 C  CA  . ARG A 1 100 ? 9.494   -25.368 -2.622  1.00 44.83 ? 100 ARG A CA  1 
ATOM   664 C  C   . ARG A 1 100 ? 9.375   -26.551 -3.499  1.00 48.03 ? 100 ARG A C   1 
ATOM   665 O  O   . ARG A 1 100 ? 9.521   -27.673 -3.025  1.00 51.19 ? 100 ARG A O   1 
ATOM   666 C  CB  . ARG A 1 100 ? 8.072   -24.874 -2.299  1.00 49.11 ? 100 ARG A CB  1 
ATOM   667 C  CG  . ARG A 1 100 ? 8.054   -23.911 -1.149  1.00 50.94 ? 100 ARG A CG  1 
ATOM   668 C  CD  . ARG A 1 100 ? 8.250   -24.665 0.145   1.00 57.16 ? 100 ARG A CD  1 
ATOM   669 N  NE  . ARG A 1 100 ? 8.240   -23.770 1.296   1.00 59.56 ? 100 ARG A NE  1 
ATOM   670 C  CZ  . ARG A 1 100 ? 7.935   -24.121 2.537   1.00 62.44 ? 100 ARG A CZ  1 
ATOM   671 N  NH1 . ARG A 1 100 ? 7.989   -23.211 3.484   1.00 54.95 ? 100 ARG A NH1 1 
ATOM   672 N  NH2 . ARG A 1 100 ? 7.586   -25.378 2.838   1.00 69.61 ? 100 ARG A NH2 1 
ATOM   673 N  N   . LEU A 1 101 ? 9.104   -26.311 -4.770  1.00 49.19 ? 101 LEU A N   1 
ATOM   674 C  CA  . LEU A 1 101 ? 9.171   -27.348 -5.798  1.00 53.73 ? 101 LEU A CA  1 
ATOM   675 C  C   . LEU A 1 101 ? 10.507  -28.105 -5.893  1.00 60.51 ? 101 LEU A C   1 
ATOM   676 O  O   . LEU A 1 101 ? 10.565  -29.199 -6.425  1.00 62.49 ? 101 LEU A O   1 
ATOM   677 C  CB  . LEU A 1 101 ? 8.800   -26.729 -7.137  1.00 53.58 ? 101 LEU A CB  1 
ATOM   678 C  CG  . LEU A 1 101 ? 8.604   -27.599 -8.365  1.00 61.61 ? 101 LEU A CG  1 
ATOM   679 C  CD1 . LEU A 1 101 ? 7.421   -28.553 -8.207  1.00 64.67 ? 101 LEU A CD1 1 
ATOM   680 C  CD2 . LEU A 1 101 ? 8.415   -26.682 -9.564  1.00 61.22 ? 101 LEU A CD2 1 
ATOM   681 N  N   . HIS A 1 102 ? 11.592  -27.544 -5.377  1.00 60.01 ? 102 HIS A N   1 
ATOM   682 C  CA  . HIS A 1 102 ? 12.889  -28.213 -5.482  1.00 59.90 ? 102 HIS A CA  1 
ATOM   683 C  C   . HIS A 1 102 ? 13.498  -28.617 -4.144  1.00 58.62 ? 102 HIS A C   1 
ATOM   684 O  O   . HIS A 1 102 ? 14.696  -28.821 -4.049  1.00 60.63 ? 102 HIS A O   1 
ATOM   685 C  CB  . HIS A 1 102 ? 13.843  -27.326 -6.259  1.00 57.29 ? 102 HIS A CB  1 
ATOM   686 C  CG  . HIS A 1 102 ? 13.462  -27.183 -7.694  1.00 60.61 ? 102 HIS A CG  1 
ATOM   687 N  ND1 . HIS A 1 102 ? 14.060  -27.919 -8.693  1.00 64.34 ? 102 HIS A ND1 1 
ATOM   688 C  CD2 . HIS A 1 102 ? 12.526  -26.420 -8.298  1.00 60.05 ? 102 HIS A CD2 1 
ATOM   689 C  CE1 . HIS A 1 102 ? 13.521  -27.600 -9.855  1.00 65.75 ? 102 HIS A CE1 1 
ATOM   690 N  NE2 . HIS A 1 102 ? 12.578  -26.699 -9.641  1.00 62.22 ? 102 HIS A NE2 1 
ATOM   691 N  N   . SER A 1 103 ? 12.667  -28.713 -3.113  1.00 65.91 ? 103 SER A N   1 
ATOM   692 C  CA  . SER A 1 103 ? 13.092  -29.119 -1.768  1.00 68.04 ? 103 SER A CA  1 
ATOM   693 C  C   . SER A 1 103 ? 12.937  -30.644 -1.633  1.00 66.27 ? 103 SER A C   1 
ATOM   694 O  O   . SER A 1 103 ? 11.820  -31.160 -1.728  1.00 71.96 ? 103 SER A O   1 
ATOM   695 C  CB  . SER A 1 103 ? 12.235  -28.415 -0.699  1.00 72.91 ? 103 SER A CB  1 
ATOM   696 O  OG  . SER A 1 103 ? 12.800  -27.195 -0.272  1.00 70.19 ? 103 SER A OG  1 
HETATM 697 ZN ZN  . ZN  B 2 .   ? 11.644  -7.853  -1.470  1.00 56.70 ? 201 ZN  A ZN  1 
HETATM 698 S  S   . SO4 C 3 .   ? -7.458  18.055  7.233   1.00 67.08 ? 202 SO4 A S   1 
HETATM 699 O  O1  . SO4 C 3 .   ? -7.580  16.567  7.272   1.00 64.63 ? 202 SO4 A O1  1 
HETATM 700 O  O2  . SO4 C 3 .   ? -6.108  18.617  7.360   1.00 62.31 ? 202 SO4 A O2  1 
HETATM 701 O  O3  . SO4 C 3 .   ? -8.386  18.404  8.327   1.00 63.84 ? 202 SO4 A O3  1 
HETATM 702 O  O4  . SO4 C 3 .   ? -7.763  18.616  5.880   1.00 60.43 ? 202 SO4 A O4  1 
HETATM 703 O  O   . HOH D 4 .   ? 1.030   -3.373  -10.080 1.00 58.46 ? 301 HOH A O   1 
HETATM 704 O  O   . HOH D 4 .   ? 10.900  -25.869 -11.135 1.00 60.36 ? 302 HOH A O   1 
HETATM 705 O  O   . HOH D 4 .   ? 1.140   -9.652  -4.335  1.00 36.82 ? 303 HOH A O   1 
HETATM 706 O  O   . HOH D 4 .   ? 7.250   -3.350  0.520   1.00 49.11 ? 304 HOH A O   1 
HETATM 707 O  O   . HOH D 4 .   ? 1.098   3.964   5.343   1.00 43.69 ? 305 HOH A O   1 
HETATM 708 O  O   . HOH D 4 .   ? -9.933  17.427  5.844   1.00 47.04 ? 306 HOH A O   1 
HETATM 709 O  O   . HOH D 4 .   ? 12.293  -15.914 -9.251  1.00 54.61 ? 307 HOH A O   1 
HETATM 710 O  O   . HOH D 4 .   ? -20.664 20.961  3.015   1.00 43.88 ? 308 HOH A O   1 
HETATM 711 O  O   . HOH D 4 .   ? -14.779 12.265  5.612   1.00 55.16 ? 309 HOH A O   1 
HETATM 712 O  O   . HOH D 4 .   ? 16.657  -12.557 -1.174  1.00 48.25 ? 310 HOH A O   1 
HETATM 713 O  O   . HOH D 4 .   ? 5.850   0.018   -1.836  1.00 47.90 ? 311 HOH A O   1 
HETATM 714 O  O   . HOH D 4 .   ? -11.482 7.545   7.986   1.00 56.42 ? 312 HOH A O   1 
HETATM 715 O  O   . HOH D 4 .   ? -18.683 18.671  -0.194  1.00 55.88 ? 313 HOH A O   1 
HETATM 716 O  O   . HOH D 4 .   ? -0.284  -3.736  7.388   1.00 52.69 ? 314 HOH A O   1 
HETATM 717 O  O   . HOH D 4 .   ? -8.235  22.952  5.509   1.00 34.62 ? 315 HOH A O   1 
HETATM 718 O  O   . HOH D 4 .   ? 7.328   -19.991 -9.223  1.00 44.11 ? 316 HOH A O   1 
HETATM 719 O  O   . HOH D 4 .   ? 3.075   1.562   -8.120  1.00 43.94 ? 317 HOH A O   1 
HETATM 720 O  O   . HOH D 4 .   ? 5.975   -24.790 -5.100  1.00 51.24 ? 318 HOH A O   1 
HETATM 721 O  O   . HOH D 4 .   ? -16.124 18.492  6.985   1.00 40.64 ? 319 HOH A O   1 
HETATM 722 O  O   . HOH D 4 .   ? 5.954   -21.042 -1.497  1.00 50.28 ? 320 HOH A O   1 
HETATM 723 O  O   . HOH D 4 .   ? -15.526 27.593  2.745   1.00 39.57 ? 321 HOH A O   1 
HETATM 724 O  O   . HOH D 4 .   ? 18.605  -19.078 -4.292  1.00 61.14 ? 322 HOH A O   1 
HETATM 725 O  O   . HOH D 4 .   ? 8.643   -6.991  -7.994  1.00 49.26 ? 323 HOH A O   1 
HETATM 726 O  O   . HOH D 4 .   ? 0.284   11.151  -5.799  1.00 44.22 ? 324 HOH A O   1 
HETATM 727 O  O   . HOH D 4 .   ? -5.560  -2.362  3.979   1.00 50.09 ? 325 HOH A O   1 
HETATM 728 O  O   . HOH D 4 .   ? -3.214  -4.523  -0.021  1.00 53.27 ? 326 HOH A O   1 
HETATM 729 O  O   . HOH D 4 .   ? -9.257  25.895  -1.201  1.00 39.52 ? 327 HOH A O   1 
HETATM 730 O  O   . HOH D 4 .   ? 0.439   -4.529  -7.652  1.00 50.48 ? 328 HOH A O   1 
HETATM 731 O  O   . HOH D 4 .   ? 6.618   1.462   1.085   1.00 46.37 ? 329 HOH A O   1 
HETATM 732 O  O   . HOH D 4 .   ? 9.077   -17.398 6.273   1.00 38.41 ? 330 HOH A O   1 
HETATM 733 O  O   . HOH D 4 .   ? -13.751 18.908  8.518   1.00 48.92 ? 331 HOH A O   1 
HETATM 734 O  O   . HOH D 4 .   ? 3.192   5.744   -9.535  1.00 59.65 ? 332 HOH A O   1 
HETATM 735 O  O   . HOH D 4 .   ? 0.335   10.184  5.386   1.00 37.79 ? 333 HOH A O   1 
HETATM 736 O  O   . HOH D 4 .   ? -7.317  2.378   0.153   1.00 33.35 ? 334 HOH A O   1 
HETATM 737 O  O   . HOH D 4 .   ? 15.806  -19.217 5.612   1.00 45.57 ? 335 HOH A O   1 
HETATM 738 O  O   . HOH D 4 .   ? -17.535 16.226  0.725   1.00 51.47 ? 336 HOH A O   1 
HETATM 739 O  O   . HOH D 4 .   ? 3.466   -14.944 -6.945  1.00 45.22 ? 337 HOH A O   1 
HETATM 740 O  O   . HOH D 4 .   ? 3.028   -15.240 -10.174 1.00 52.57 ? 338 HOH A O   1 
HETATM 741 O  O   . HOH D 4 .   ? 7.705   -2.426  -1.505  1.00 56.46 ? 339 HOH A O   1 
HETATM 742 O  O   . HOH D 4 .   ? -10.803 5.116   0.058   1.00 47.10 ? 340 HOH A O   1 
HETATM 743 O  O   . HOH D 4 .   ? 13.486  -8.235  -1.842  1.00 32.99 ? 341 HOH A O   1 
HETATM 744 O  O   . HOH D 4 .   ? 18.484  -18.124 2.442   1.00 55.42 ? 342 HOH A O   1 
HETATM 745 O  O   . HOH D 4 .   ? -9.407  9.525   8.102   1.00 38.92 ? 343 HOH A O   1 
HETATM 746 O  O   . HOH D 4 .   ? -8.257  3.132   6.586   1.00 41.92 ? 344 HOH A O   1 
HETATM 747 O  O   . HOH D 4 .   ? 18.754  -27.699 -7.722  1.00 61.16 ? 345 HOH A O   1 
HETATM 748 O  O   . HOH D 4 .   ? -6.682  6.903   -6.921  1.00 51.51 ? 346 HOH A O   1 
HETATM 749 O  O   . HOH D 4 .   ? 5.318   -8.744  -9.583  1.00 44.30 ? 347 HOH A O   1 
HETATM 750 O  O   . HOH D 4 .   ? -1.713  -5.763  7.646   1.00 55.81 ? 348 HOH A O   1 
HETATM 751 O  O   . HOH D 4 .   ? 2.749   -10.556 -10.669 1.00 51.35 ? 349 HOH A O   1 
HETATM 752 O  O   . HOH D 4 .   ? -4.298  18.617  3.312   1.00 46.20 ? 350 HOH A O   1 
HETATM 753 O  O   . HOH D 4 .   ? -2.085  5.741   -7.475  1.00 49.58 ? 351 HOH A O   1 
HETATM 754 O  O   . HOH D 4 .   ? 9.869   -2.575  2.725   1.00 55.12 ? 352 HOH A O   1 
HETATM 755 O  O   . HOH D 4 .   ? 18.164  -24.222 -8.739  1.00 68.12 ? 353 HOH A O   1 
HETATM 756 O  O   . HOH D 4 .   ? -6.675  -0.266  12.392  1.00 47.12 ? 354 HOH A O   1 
HETATM 757 O  O   . HOH D 4 .   ? -22.662 27.082  1.763   1.00 62.74 ? 355 HOH A O   1 
HETATM 758 O  O   . HOH D 4 .   ? 2.590   -12.968 1.146   1.00 58.45 ? 356 HOH A O   1 
HETATM 759 O  O   . HOH D 4 .   ? -4.463  16.866  -6.225  1.00 56.54 ? 357 HOH A O   1 
HETATM 760 O  O   . HOH D 4 .   ? 4.841   -18.861 -2.492  1.00 47.15 ? 358 HOH A O   1 
HETATM 761 O  O   . HOH D 4 .   ? -7.125  0.393   -1.849  1.00 40.04 ? 359 HOH A O   1 
HETATM 762 O  O   . HOH D 4 .   ? 4.070   -17.804 -6.804  1.00 54.03 ? 360 HOH A O   1 
HETATM 763 O  O   . HOH D 4 .   ? -11.327 12.054  -4.983  1.00 52.56 ? 361 HOH A O   1 
HETATM 764 O  O   . HOH D 4 .   ? -4.513  20.293  5.205   1.00 58.61 ? 362 HOH A O   1 
HETATM 765 O  O   . HOH D 4 .   ? -13.431 30.539  7.287   1.00 54.66 ? 363 HOH A O   1 
HETATM 766 O  O   . HOH D 4 .   ? -8.412  2.807   9.175   1.00 51.42 ? 364 HOH A O   1 
HETATM 767 O  O   . HOH D 4 .   ? 7.665   -2.277  -9.362  1.00 64.78 ? 365 HOH A O   1 
HETATM 768 O  O   . HOH D 4 .   ? 11.433  -5.463  -2.497  1.00 35.48 ? 366 HOH A O   1 
HETATM 769 O  O   . HOH D 4 .   ? -13.797 16.046  10.529  1.00 53.12 ? 367 HOH A O   1 
HETATM 770 O  O   . HOH D 4 .   ? -13.924 4.462   4.854   1.00 51.96 ? 368 HOH A O   1 
HETATM 771 O  O   . HOH D 4 .   ? -8.496  6.501   -5.459  1.00 58.34 ? 369 HOH A O   1 
HETATM 772 O  O   . HOH D 4 .   ? 0.920   8.803   -7.017  1.00 46.98 ? 370 HOH A O   1 
HETATM 773 O  O   . HOH D 4 .   ? -10.789 10.810  -7.177  1.00 65.86 ? 371 HOH A O   1 
HETATM 774 O  O   . HOH D 4 .   ? -1.800  12.597  -7.157  1.00 66.44 ? 372 HOH A O   1 
HETATM 775 O  O   . HOH D 4 .   ? -3.760  25.945  2.553   1.00 48.22 ? 373 HOH A O   1 
HETATM 776 O  O   . HOH D 4 .   ? 7.833   -23.023 -9.237  1.00 64.82 ? 374 HOH A O   1 
HETATM 777 O  O   . HOH D 4 .   ? 6.397   -16.623 5.831   1.00 45.71 ? 375 HOH A O   1 
HETATM 778 O  O   . HOH D 4 .   ? -9.035  0.791   5.546   1.00 53.29 ? 376 HOH A O   1 
HETATM 779 O  O   . HOH D 4 .   ? -8.137  4.848   -0.889  1.00 41.02 ? 377 HOH A O   1 
HETATM 780 O  O   . HOH D 4 .   ? -8.944  26.508  -3.589  1.00 55.02 ? 378 HOH A O   1 
HETATM 781 O  O   . HOH D 4 .   ? -17.922 20.829  7.843   1.00 57.78 ? 379 HOH A O   1 
HETATM 782 O  O   . HOH D 4 .   ? 4.577   -19.489 -8.756  1.00 56.12 ? 380 HOH A O   1 
HETATM 783 O  O   . HOH D 4 .   ? 4.688   -22.945 -2.724  1.00 55.77 ? 381 HOH A O   1 
HETATM 784 O  O   . HOH D 4 .   ? -8.493  1.953   -4.112  1.00 54.69 ? 382 HOH A O   1 
HETATM 785 O  O   . HOH D 4 .   ? -9.043  4.636   -3.312  1.00 53.12 ? 383 HOH A O   1 
HETATM 786 O  O   . HOH D 4 .   ? -17.288 15.794  7.513   1.00 57.75 ? 384 HOH A O   1 
# 
loop_
_atom_site_anisotrop.id 
_atom_site_anisotrop.type_symbol 
_atom_site_anisotrop.pdbx_label_atom_id 
_atom_site_anisotrop.pdbx_label_alt_id 
_atom_site_anisotrop.pdbx_label_comp_id 
_atom_site_anisotrop.pdbx_label_asym_id 
_atom_site_anisotrop.pdbx_label_seq_id 
_atom_site_anisotrop.pdbx_PDB_ins_code 
_atom_site_anisotrop.U[1][1] 
_atom_site_anisotrop.U[2][2] 
_atom_site_anisotrop.U[3][3] 
_atom_site_anisotrop.U[1][2] 
_atom_site_anisotrop.U[1][3] 
_atom_site_anisotrop.U[2][3] 
_atom_site_anisotrop.pdbx_auth_seq_id 
_atom_site_anisotrop.pdbx_auth_comp_id 
_atom_site_anisotrop.pdbx_auth_asym_id 
_atom_site_anisotrop.pdbx_auth_atom_id 
1   N N   . ALA A 15  ? 0.9009 0.8329 1.1255 0.0794 0.1094  0.1246  15  ALA A N   
2   C CA  . ALA A 15  ? 0.9185 0.8528 1.1246 0.0766 0.1079  0.1260  15  ALA A CA  
3   C C   . ALA A 15  ? 0.9010 0.8442 1.0827 0.0857 0.0949  0.1291  15  ALA A C   
4   O O   . ALA A 15  ? 0.9786 0.9150 1.1375 0.0930 0.0986  0.1385  15  ALA A O   
5   C CB  . ALA A 15  ? 0.7775 0.6985 0.9941 0.0767 0.1226  0.1353  15  ALA A CB  
6   N N   . GLN A 16  ? 0.7297 0.6856 0.9227 0.0871 0.0812  0.1195  16  GLN A N   
7   C CA  . GLN A 16  ? 0.5585 0.5274 0.7495 0.0864 0.0673  0.1100  16  GLN A CA  
8   C C   . GLN A 16  ? 0.4890 0.4571 0.6660 0.0731 0.0767  0.1072  16  GLN A C   
9   O O   . GLN A 16  ? 0.4850 0.4604 0.6525 0.0718 0.0687  0.1024  16  GLN A O   
10  C CB  . GLN A 16  ? 0.5668 0.5470 0.8003 0.0833 0.0635  0.0990  16  GLN A CB  
11  N N   . HIS A 17  ? 0.4450 0.4026 0.6242 0.0656 0.0897  0.1068  17  HIS A N   
12  C CA  . HIS A 17  ? 0.5278 0.4800 0.6980 0.0580 0.0933  0.1012  17  HIS A CA  
13  C C   . HIS A 17  ? 0.4716 0.4248 0.6314 0.0595 0.0938  0.1092  17  HIS A C   
14  O O   . HIS A 17  ? 0.4285 0.3863 0.5776 0.0547 0.0898  0.1035  17  HIS A O   
15  C CB  . HIS A 17  ? 0.5533 0.4912 0.7378 0.0563 0.0987  0.0944  17  HIS A CB  
16  C CG  . HIS A 17  ? 0.5648 0.4925 0.7406 0.0600 0.1000  0.0834  17  HIS A CG  
17  N ND1 . HIS A 17  ? 0.6110 0.5314 0.7612 0.0628 0.0990  0.0741  17  HIS A ND1 
18  C CD2 . HIS A 17  ? 0.5921 0.5099 0.7747 0.0656 0.1061  0.0823  17  HIS A CD2 
19  C CE1 . HIS A 17  ? 0.6343 0.5365 0.7700 0.0733 0.1077  0.0696  17  HIS A CE1 
20  N NE2 . HIS A 17  ? 0.6445 0.5461 0.8013 0.0741 0.1117  0.0736  17  HIS A NE2 
21  N N   . TYR A 18  ? 0.4544 0.3992 0.6133 0.0692 0.1025  0.1241  18  TYR A N   
22  C CA  . TYR A 18  ? 0.4551 0.3917 0.5969 0.0773 0.1128  0.1371  18  TYR A CA  
23  C C   . TYR A 18  ? 0.4868 0.4321 0.5966 0.0835 0.0977  0.1332  18  TYR A C   
24  O O   . TYR A 18  ? 0.4587 0.4044 0.5591 0.0808 0.1013  0.1329  18  TYR A O   
25  C CB  . TYR A 18  ? 0.5787 0.4949 0.7062 0.0975 0.1294  0.1591  18  TYR A CB  
26  N N   . ALA A 19  ? 0.4544 0.4068 0.5553 0.0930 0.0789  0.1277  19  ALA A N   
27  C CA  . ALA A 19  ? 0.5081 0.4686 0.5890 0.1021 0.0584  0.1190  19  ALA A CA  
28  C C   . ALA A 19  ? 0.4754 0.4508 0.5724 0.0831 0.0555  0.1063  19  ALA A C   
29  O O   . ALA A 19  ? 0.4748 0.4530 0.5531 0.0868 0.0478  0.1028  19  ALA A O   
30  C CB  . ALA A 19  ? 0.5575 0.5238 0.6475 0.1167 0.0332  0.1089  19  ALA A CB  
31  N N   . GLN A 20  ? 0.4171 0.3972 0.5408 0.0677 0.0624  0.0999  20  GLN A N   
32  C CA  . GLN A 20  ? 0.4309 0.4168 0.5586 0.0560 0.0635  0.0905  20  GLN A CA  
33  C C   . GLN A 20  ? 0.4552 0.4361 0.5671 0.0501 0.0692  0.0912  20  GLN A C   
34  O O   . GLN A 20  ? 0.3583 0.3442 0.4617 0.0463 0.0649  0.0856  20  GLN A O   
35  C CB  . GLN A 20  ? 0.4639 0.4450 0.6083 0.0505 0.0735  0.0857  20  GLN A CB  
36  C CG  . GLN A 20  ? 0.5504 0.5394 0.7282 0.0533 0.0723  0.0824  20  GLN A CG  
37  C CD  . GLN A 20  ? 0.7205 0.7160 0.9094 0.0498 0.0712  0.0760  20  GLN A CD  
38  O OE1 . GLN A 20  ? 0.8309 0.8391 1.0314 0.0534 0.0528  0.0698  20  GLN A OE1 
39  N NE2 . GLN A 20  ? 0.8556 0.8377 1.0342 0.0471 0.0902  0.0768  20  GLN A NE2 
40  N N   . ALA A 21  ? 0.4167 0.3878 0.5351 0.0499 0.0794  0.0973  21  ALA A N   
41  C CA  . ALA A 21  ? 0.4328 0.3998 0.5581 0.0449 0.0853  0.0958  21  ALA A CA  
42  C C   . ALA A 21  ? 0.4613 0.4300 0.5656 0.0515 0.0878  0.1045  21  ALA A C   
43  O O   . ALA A 21  ? 0.4127 0.3857 0.5142 0.0464 0.0851  0.0986  21  ALA A O   
44  C CB  . ALA A 21  ? 0.4846 0.4405 0.6416 0.0445 0.0983  0.1003  21  ALA A CB  
45  N N   . ILE A 22  ? 0.4416 0.4045 0.5228 0.0673 0.0896  0.1166  22  ILE A N   
46  C CA  . ILE A 22  ? 0.4640 0.4189 0.5113 0.0825 0.0935  0.1256  22  ILE A CA  
47  C C   . ILE A 22  ? 0.4515 0.4211 0.4841 0.0809 0.0706  0.1109  22  ILE A C   
48  O O   . ILE A 22  ? 0.4012 0.3703 0.4165 0.0835 0.0709  0.1099  22  ILE A O   
49  C CB  . ILE A 22  ? 0.5454 0.4809 0.5568 0.1102 0.0968  0.1406  22  ILE A CB  
50  C CG1 . ILE A 22  ? 0.6038 0.5204 0.6329 0.1139 0.1264  0.1595  22  ILE A CG1 
51  C CG2 . ILE A 22  ? 0.6119 0.5309 0.5663 0.1378 0.0945  0.1471  22  ILE A CG2 
52  C CD1 . ILE A 22  ? 0.6668 0.5684 0.7160 0.1123 0.1607  0.1740  22  ILE A CD1 
53  N N   . HIS A 23  ? 0.3918 0.3733 0.4385 0.0777 0.0527  0.0992  23  HIS A N   
54  C CA  . HIS A 23  ? 0.4003 0.3957 0.4546 0.0740 0.0346  0.0841  23  HIS A CA  
55  C C   . HIS A 23  ? 0.3710 0.3711 0.4318 0.0571 0.0428  0.0801  23  HIS A C   
56  O O   . HIS A 23  ? 0.3818 0.3869 0.4337 0.0573 0.0355  0.0742  23  HIS A O   
57  C CB  . HIS A 23  ? 0.4041 0.4089 0.4961 0.0699 0.0260  0.0753  23  HIS A CB  
58  C CG  . HIS A 23  ? 0.4104 0.4273 0.5347 0.0626 0.0182  0.0620  23  HIS A CG  
59  N ND1 . HIS A 23  ? 0.4553 0.4811 0.6001 0.0736 -0.0062 0.0477  23  HIS A ND1 
60  C CD2 . HIS A 23  ? 0.4428 0.4604 0.5877 0.0490 0.0334  0.0607  23  HIS A CD2 
61  C CE1 . HIS A 23  ? 0.4514 0.4859 0.6400 0.0625 -0.0024 0.0391  23  HIS A CE1 
62  N NE2 . HIS A 23  ? 0.4500 0.4771 0.6330 0.0490 0.0249  0.0496  23  HIS A NE2 
63  N N   . HIS A 24  ? 0.3756 0.3724 0.4516 0.0457 0.0536  0.0799  24  HIS A N   
64  C CA  . HIS A 24  ? 0.3470 0.3429 0.4232 0.0361 0.0555  0.0722  24  HIS A CA  
65  C C   . HIS A 24  ? 0.3568 0.3506 0.4287 0.0345 0.0594  0.0739  24  HIS A C   
66  O O   . HIS A 24  ? 0.3457 0.3426 0.4120 0.0307 0.0551  0.0673  24  HIS A O   
67  C CB  . HIS A 24  ? 0.3389 0.3238 0.4206 0.0336 0.0605  0.0672  24  HIS A CB  
68  C CG  . HIS A 24  ? 0.3616 0.3443 0.4478 0.0360 0.0654  0.0666  24  HIS A CG  
69  N ND1 . HIS A 24  ? 0.3920 0.3743 0.4775 0.0357 0.0689  0.0639  24  HIS A ND1 
70  C CD2 . HIS A 24  ? 0.3580 0.3375 0.4587 0.0391 0.0722  0.0699  24  HIS A CD2 
71  C CE1 . HIS A 24  ? 0.3773 0.3552 0.4833 0.0389 0.0813  0.0669  24  HIS A CE1 
72  N NE2 . HIS A 24  ? 0.3625 0.3392 0.4768 0.0408 0.0825  0.0699  24  HIS A NE2 
73  N N   . GLU A 25  ? 0.3590 0.3458 0.4388 0.0388 0.0710  0.0841  25  GLU A N   
74  C CA  . GLU A 25  ? 0.3889 0.3708 0.4783 0.0390 0.0835  0.0891  25  GLU A CA  
75  C C   . GLU A 25  ? 0.4250 0.4084 0.4828 0.0478 0.0826  0.0937  25  GLU A C   
76  O O   . GLU A 25  ? 0.4038 0.3887 0.4685 0.0435 0.0862  0.0906  25  GLU A O   
77  C CB  . GLU A 25  ? 0.4295 0.3980 0.5424 0.0444 0.1066  0.1037  25  GLU A CB  
78  C CG  . GLU A 25  ? 0.4191 0.3860 0.5755 0.0353 0.1042  0.0936  25  GLU A CG  
79  C CD  . GLU A 25  ? 0.5251 0.4784 0.7147 0.0403 0.1282  0.1084  25  GLU A CD  
80  O OE1 . GLU A 25  ? 0.5536 0.4936 0.7194 0.0551 0.1508  0.1313  25  GLU A OE1 
81  O OE2 . GLU A 25  ? 0.5374 0.4892 0.7753 0.0329 0.1236  0.0955  25  GLU A OE2 
82  N N   . GLY A 26  ? 0.4053 0.3867 0.4301 0.0628 0.0746  0.0981  26  GLY A N   
83  C CA  . GLY A 26  ? 0.4235 0.4025 0.4122 0.0773 0.0666  0.0970  26  GLY A CA  
84  C C   . GLY A 26  ? 0.4222 0.4180 0.4210 0.0645 0.0490  0.0803  26  GLY A C   
85  O O   . GLY A 26  ? 0.3872 0.3828 0.3708 0.0678 0.0479  0.0779  26  GLY A O   
86  N N   . LEU A 27  ? 0.3840 0.3903 0.4073 0.0525 0.0391  0.0707  27  LEU A N   
87  C CA  . LEU A 27  ? 0.3829 0.3992 0.4196 0.0422 0.0306  0.0589  27  LEU A CA  
88  C C   . LEU A 27  ? 0.3655 0.3794 0.4028 0.0326 0.0384  0.0576  27  LEU A C   
89  O O   . LEU A 27  ? 0.3626 0.3808 0.3961 0.0300 0.0335  0.0514  27  LEU A O   
90  C CB  . LEU A 27  ? 0.3799 0.3996 0.4429 0.0368 0.0294  0.0542  27  LEU A CB  
91  C CG  . LEU A 27  ? 0.3937 0.4205 0.4767 0.0462 0.0141  0.0475  27  LEU A CG  
92  C CD1 . LEU A 27  ? 0.4170 0.4445 0.5401 0.0403 0.0227  0.0465  27  LEU A CD1 
93  C CD2 . LEU A 27  ? 0.3944 0.4290 0.4841 0.0525 -0.0043 0.0346  27  LEU A CD2 
94  N N   . ALA A 28  ? 0.3543 0.3611 0.4017 0.0288 0.0475  0.0606  28  ALA A N   
95  C CA  . ALA A 28  ? 0.3651 0.3689 0.4240 0.0231 0.0481  0.0536  28  ALA A CA  
96  C C   . ALA A 28  ? 0.3947 0.4006 0.4536 0.0249 0.0548  0.0579  28  ALA A C   
97  O O   . ALA A 28  ? 0.3834 0.3922 0.4448 0.0208 0.0490  0.0493  28  ALA A O   
98  C CB  . ALA A 28  ? 0.3325 0.3281 0.4177 0.0214 0.0507  0.0500  28  ALA A CB  
99  N N   . ARG A 29  ? 0.3886 0.3883 0.4409 0.0344 0.0697  0.0720  29  ARG A N   
100 C CA  . ARG A 29  ? 0.3929 0.3866 0.4360 0.0423 0.0840  0.0801  29  ARG A CA  
101 C C   . ARG A 29  ? 0.3701 0.3702 0.3814 0.0468 0.0694  0.0732  29  ARG A C   
102 O O   . ARG A 29  ? 0.4211 0.4214 0.4339 0.0463 0.0745  0.0717  29  ARG A O   
103 C CB  . ARG A 29  ? 0.4441 0.4188 0.4722 0.0603 0.1102  0.1008  29  ARG A CB  
104 C CG  . ARG A 29  ? 0.5906 0.5565 0.6744 0.0545 0.1364  0.1094  29  ARG A CG  
105 C CD  . ARG A 29  ? 0.5629 0.5216 0.6835 0.0544 0.1626  0.1152  29  ARG A CD  
106 N N   . HIS A 30  ? 0.3802 0.3855 0.3720 0.0520 0.0508  0.0670  30  HIS A N   
107 C CA  . HIS A 30  ? 0.3879 0.4005 0.3667 0.0554 0.0333  0.0557  30  HIS A CA  
108 C C   . HIS A 30  ? 0.3795 0.4010 0.3780 0.0395 0.0305  0.0470  30  HIS A C   
109 O O   . HIS A 30  ? 0.3525 0.3757 0.3427 0.0411 0.0284  0.0428  30  HIS A O   
110 C CB  . HIS A 30  ? 0.3835 0.4022 0.3668 0.0607 0.0130  0.0463  30  HIS A CB  
111 C CG  . HIS A 30  ? 0.4415 0.4705 0.4395 0.0587 -0.0050 0.0306  30  HIS A CG  
112 N ND1 . HIS A 30  ? 0.4822 0.5084 0.4573 0.0739 -0.0190 0.0218  30  HIS A ND1 
113 C CD2 . HIS A 30  ? 0.4129 0.4513 0.4494 0.0454 -0.0081 0.0226  30  HIS A CD2 
114 C CE1 . HIS A 30  ? 0.4760 0.5138 0.4846 0.0670 -0.0338 0.0063  30  HIS A CE1 
115 N NE2 . HIS A 30  ? 0.4780 0.5222 0.5258 0.0496 -0.0239 0.0086  30  HIS A NE2 
116 N N   . HIS A 31  ? 0.3565 0.3796 0.3743 0.0283 0.0303  0.0438  31  HIS A N   
117 C CA  . HIS A 31  ? 0.3543 0.3778 0.3784 0.0205 0.0272  0.0359  31  HIS A CA  
118 C C   . HIS A 31  ? 0.3766 0.3980 0.4078 0.0178 0.0305  0.0336  31  HIS A C   
119 O O   . HIS A 31  ? 0.4001 0.4228 0.4290 0.0158 0.0251  0.0268  31  HIS A O   
120 C CB  . HIS A 31  ? 0.3907 0.4057 0.4181 0.0185 0.0284  0.0341  31  HIS A CB  
121 C CG  . HIS A 31  ? 0.3876 0.4039 0.4234 0.0197 0.0303  0.0356  31  HIS A CG  
122 N ND1 . HIS A 31  ? 0.4421 0.4626 0.4907 0.0192 0.0288  0.0318  31  HIS A ND1 
123 C CD2 . HIS A 31  ? 0.4455 0.4600 0.4916 0.0214 0.0344  0.0396  31  HIS A CD2 
124 C CE1 . HIS A 31  ? 0.4666 0.4883 0.5422 0.0202 0.0326  0.0323  31  HIS A CE1 
125 N NE2 . HIS A 31  ? 0.4360 0.4547 0.5080 0.0218 0.0355  0.0374  31  HIS A NE2 
126 N N   . THR A 32  ? 0.3678 0.3853 0.4167 0.0183 0.0406  0.0387  32  THR A N   
127 C CA  . THR A 32  ? 0.4440 0.4603 0.5213 0.0159 0.0465  0.0355  32  THR A CA  
128 C C   . THR A 32  ? 0.4560 0.4744 0.5198 0.0205 0.0554  0.0410  32  THR A C   
129 O O   . THR A 32  ? 0.3646 0.3858 0.4432 0.0170 0.0522  0.0332  32  THR A O   
130 C CB  . THR A 32  ? 0.4573 0.4675 0.5745 0.0159 0.0617  0.0411  32  THR A CB  
131 O OG1 . THR A 32  ? 0.4127 0.4200 0.5405 0.0136 0.0472  0.0304  32  THR A OG1 
132 C CG2 . THR A 32  ? 0.4278 0.4371 0.5976 0.0135 0.0725  0.0375  32  THR A CG2 
133 N N   . THR A 33  ? 0.4028 0.4167 0.4340 0.0321 0.0637  0.0522  33  THR A N   
134 C CA  . THR A 33  ? 0.4379 0.4468 0.4416 0.0443 0.0708  0.0564  33  THR A CA  
135 C C   . THR A 33  ? 0.3946 0.4143 0.3879 0.0395 0.0494  0.0422  33  THR A C   
136 O O   . THR A 33  ? 0.3901 0.4099 0.3809 0.0412 0.0525  0.0396  33  THR A O   
137 C CB  . THR A 33  ? 0.4805 0.4755 0.4365 0.0670 0.0745  0.0664  33  THR A CB  
138 O OG1 . THR A 33  ? 0.4842 0.4649 0.4497 0.0731 0.1003  0.0833  33  THR A OG1 
139 C CG2 . THR A 33  ? 0.5771 0.5594 0.4901 0.0880 0.0786  0.0681  33  THR A CG2 
140 N N   . VAL A 34  ? 0.3576 0.3848 0.3504 0.0343 0.0315  0.0341  34  VAL A N   
141 C CA  . VAL A 34  ? 0.4072 0.4420 0.4028 0.0295 0.0168  0.0222  34  VAL A CA  
142 C C   . VAL A 34  ? 0.3972 0.4322 0.4081 0.0196 0.0187  0.0183  34  VAL A C   
143 O O   . VAL A 34  ? 0.3654 0.4030 0.3746 0.0190 0.0147  0.0125  34  VAL A O   
144 C CB  . VAL A 34  ? 0.3848 0.4233 0.3936 0.0260 0.0076  0.0177  34  VAL A CB  
145 C CG1 . VAL A 34  ? 0.4666 0.5067 0.4905 0.0197 0.0041  0.0103  34  VAL A CG1 
146 C CG2 . VAL A 34  ? 0.4433 0.4832 0.4468 0.0381 -0.0037 0.0145  34  VAL A CG2 
147 N N   . ALA A 35  ? 0.3599 0.3902 0.3853 0.0152 0.0215  0.0186  35  ALA A N   
148 C CA  . ALA A 35  ? 0.3538 0.3799 0.3912 0.0126 0.0146  0.0091  35  ALA A CA  
149 C C   . ALA A 35  ? 0.3846 0.4149 0.4421 0.0119 0.0205  0.0075  35  ALA A C   
150 O O   . ALA A 35  ? 0.3516 0.3826 0.4104 0.0114 0.0126  -0.0006 35  ALA A O   
151 C CB  . ALA A 35  ? 0.3550 0.3725 0.4064 0.0140 0.0092  0.0037  35  ALA A CB  
152 N N   . GLU A 36  ? 0.3628 0.3924 0.4386 0.0138 0.0382  0.0169  36  GLU A N   
153 C CA  . GLU A 36  ? 0.4151 0.4437 0.5137 0.0161 0.0552  0.0206  36  GLU A CA  
154 C C   . GLU A 36  ? 0.4088 0.4387 0.4734 0.0221 0.0561  0.0219  36  GLU A C   
155 O O   . GLU A 36  ? 0.3840 0.4161 0.4684 0.0203 0.0584  0.0166  36  GLU A O   
156 C CB  . GLU A 36  ? 0.4715 0.4906 0.5899 0.0225 0.0855  0.0370  36  GLU A CB  
157 C CG  . GLU A 36  ? 0.5529 0.5719 0.7365 0.0149 0.0861  0.0304  36  GLU A CG  
158 C CD  . GLU A 36  ? 0.6742 0.6819 0.8750 0.0203 0.1149  0.0482  36  GLU A CD  
159 O OE1 . GLU A 36  ? 0.7758 0.7711 0.9287 0.0343 0.1374  0.0684  36  GLU A OE1 
160 O OE2 . GLU A 36  ? 0.7850 0.7931 1.0469 0.0141 0.1138  0.0408  36  GLU A OE2 
161 N N   . ASP A 37  ? 0.3987 0.4272 0.4189 0.0303 0.0507  0.0252  37  ASP A N   
162 C CA  . ASP A 37  ? 0.4470 0.4760 0.4379 0.0383 0.0431  0.0202  37  ASP A CA  
163 C C   . ASP A 37  ? 0.4342 0.4728 0.4398 0.0266 0.0258  0.0070  37  ASP A C   
164 O O   . ASP A 37  ? 0.3711 0.4107 0.3763 0.0281 0.0259  0.0027  37  ASP A O   
165 C CB  . ASP A 37  ? 0.4882 0.5144 0.4443 0.0510 0.0300  0.0181  37  ASP A CB  
166 C CG  . ASP A 37  ? 0.5879 0.6132 0.5193 0.0636 0.0142  0.0059  37  ASP A CG  
167 O OD1 . ASP A 37  ? 0.6550 0.6666 0.5534 0.0825 0.0237  0.0088  37  ASP A OD1 
168 O OD2 . ASP A 37  ? 0.7036 0.7394 0.6524 0.0566 -0.0068 -0.0073 37  ASP A OD2 
169 N N   . HIS A 38  ? 0.3766 0.4176 0.3901 0.0186 0.0145  0.0028  38  HIS A N   
170 C CA  . HIS A 38  ? 0.3766 0.4173 0.3956 0.0138 0.0055  -0.0051 38  HIS A CA  
171 C C   . HIS A 38  ? 0.3713 0.4103 0.4081 0.0122 0.0044  -0.0105 38  HIS A C   
172 O O   . HIS A 38  ? 0.3637 0.4024 0.3991 0.0123 -0.0015 -0.0166 38  HIS A O   
173 C CB  . HIS A 38  ? 0.3901 0.4232 0.4056 0.0126 0.0018  -0.0047 38  HIS A CB  
174 C CG  . HIS A 38  ? 0.3659 0.4017 0.3841 0.0129 0.0021  -0.0031 38  HIS A CG  
175 N ND1 . HIS A 38  ? 0.4329 0.4737 0.4622 0.0135 -0.0026 -0.0093 38  HIS A ND1 
176 C CD2 . HIS A 38  ? 0.3937 0.4278 0.4169 0.0132 0.0051  0.0012  38  HIS A CD2 
177 C CE1 . HIS A 38  ? 0.4135 0.4572 0.4629 0.0142 -0.0048 -0.0113 38  HIS A CE1 
178 N NE2 . HIS A 38  ? 0.4151 0.4546 0.4596 0.0139 0.0010  -0.0038 38  HIS A NE2 
179 N N   . ARG A 39  ? 0.3565 0.3935 0.4181 0.0114 0.0067  -0.0115 39  ARG A N   
180 C CA  . ARG A 39  ? 0.3506 0.3876 0.4470 0.0112 0.0014  -0.0220 39  ARG A CA  
181 C C   . ARG A 39  ? 0.3784 0.4209 0.4876 0.0111 0.0167  -0.0181 39  ARG A C   
182 O O   . ARG A 39  ? 0.3579 0.4020 0.4854 0.0109 0.0093  -0.0275 39  ARG A O   
183 C CB  . ARG A 39  ? 0.3828 0.4173 0.5237 0.0111 -0.0015 -0.0286 39  ARG A CB  
184 C CG  . ARG A 39  ? 0.4313 0.4541 0.5509 0.0176 -0.0234 -0.0383 39  ARG A CG  
185 C CD  . ARG A 39  ? 0.4727 0.4917 0.6432 0.0206 -0.0360 -0.0532 39  ARG A CD  
186 N NE  . ARG A 39  ? 0.6137 0.6163 0.7413 0.0319 -0.0535 -0.0592 39  ARG A NE  
187 C CZ  . ARG A 39  ? 0.6743 0.6564 0.7599 0.0493 -0.0764 -0.0716 39  ARG A CZ  
188 N NH1 . ARG A 39  ? 0.6142 0.5927 0.7020 0.0565 -0.0912 -0.0835 39  ARG A NH1 
189 N NH2 . ARG A 39  ? 0.6901 0.6505 0.7277 0.0640 -0.0829 -0.0718 39  ARG A NH2 
190 N N   . GLN A 40  ? 0.3567 0.3981 0.4515 0.0155 0.0382  -0.0042 40  GLN A N   
191 C CA  . GLN A 40  ? 0.4115 0.4500 0.5059 0.0223 0.0576  0.0016  40  GLN A CA  
192 C C   . GLN A 40  ? 0.3756 0.4179 0.4391 0.0236 0.0421  -0.0067 40  GLN A C   
193 O O   . GLN A 40  ? 0.3636 0.4069 0.4410 0.0244 0.0461  -0.0108 40  GLN A O   
194 C CB  . GLN A 40  ? 0.4921 0.5176 0.5575 0.0364 0.0836  0.0192  40  GLN A CB  
195 C CG  . GLN A 40  ? 0.5996 0.6124 0.6617 0.0501 0.1135  0.0294  40  GLN A CG  
196 C CD  . GLN A 40  ? 0.6900 0.6783 0.6964 0.0757 0.1402  0.0481  40  GLN A CD  
197 O OE1 . GLN A 40  ? 0.6936 0.6782 0.6566 0.0836 0.1264  0.0490  40  GLN A OE1 
198 N NE2 . GLN A 40  ? 0.6867 0.6537 0.6912 0.0935 0.1803  0.0636  40  GLN A NE2 
199 N N   . THR A 41  ? 0.3552 0.3994 0.3867 0.0238 0.0262  -0.0097 41  THR A N   
200 C CA  . THR A 41  ? 0.3890 0.4363 0.4064 0.0242 0.0125  -0.0184 41  THR A CA  
201 C C   . THR A 41  ? 0.4114 0.4601 0.4495 0.0166 0.0034  -0.0259 41  THR A C   
202 O O   . THR A 41  ? 0.3584 0.4085 0.3971 0.0176 0.0008  -0.0315 41  THR A O   
203 C CB  . THR A 41  ? 0.4048 0.4536 0.4095 0.0246 -0.0001 -0.0213 41  THR A CB  
204 O OG1 . THR A 41  ? 0.4040 0.4484 0.3844 0.0375 0.0022  -0.0182 41  THR A OG1 
205 C CG2 . THR A 41  ? 0.4211 0.4723 0.4303 0.0244 -0.0120 -0.0319 41  THR A CG2 
206 N N   . ALA A 42  ? 0.3606 0.4051 0.4086 0.0132 -0.0035 -0.0274 42  ALA A N   
207 C CA  . ALA A 42  ? 0.3547 0.3921 0.4091 0.0152 -0.0167 -0.0363 42  ALA A CA  
208 C C   . ALA A 42  ? 0.3697 0.4122 0.4554 0.0150 -0.0164 -0.0435 42  ALA A C   
209 O O   . ALA A 42  ? 0.3921 0.4322 0.4762 0.0175 -0.0245 -0.0501 42  ALA A O   
210 C CB  . ALA A 42  ? 0.3483 0.3732 0.3987 0.0207 -0.0282 -0.0402 42  ALA A CB  
211 N N   . ASN A 43  ? 0.3661 0.4139 0.4864 0.0131 -0.0031 -0.0411 43  ASN A N   
212 C CA  . ASN A 43  ? 0.3574 0.4090 0.5252 0.0130 0.0028  -0.0473 43  ASN A CA  
213 C C   . ASN A 43  ? 0.3851 0.4390 0.5354 0.0152 0.0175  -0.0419 43  ASN A C   
214 O O   . ASN A 43  ? 0.3606 0.4166 0.5374 0.0155 0.0148  -0.0500 43  ASN A O   
215 C CB  . ASN A 43  ? 0.3858 0.4385 0.6074 0.0115 0.0221  -0.0430 43  ASN A CB  
216 C CG  . ASN A 43  ? 0.4599 0.5155 0.7490 0.0115 0.0377  -0.0470 43  ASN A CG  
217 O OD1 . ASN A 43  ? 0.4551 0.5141 0.7930 0.0112 0.0150  -0.0667 43  ASN A OD1 
218 N ND2 . ASN A 43  ? 0.4841 0.5344 0.7745 0.0159 0.0769  -0.0290 43  ASN A ND2 
219 N N   . LEU A 44  ? 0.3631 0.4144 0.4684 0.0198 0.0286  -0.0315 44  LEU A N   
220 C CA  . LEU A 44  ? 0.3886 0.4377 0.4685 0.0277 0.0363  -0.0310 44  LEU A CA  
221 C C   . LEU A 44  ? 0.4019 0.4551 0.4772 0.0232 0.0150  -0.0425 44  LEU A C   
222 O O   . LEU A 44  ? 0.3879 0.4417 0.4700 0.0257 0.0177  -0.0471 44  LEU A O   
223 C CB  . LEU A 44  ? 0.4242 0.4657 0.4533 0.0401 0.0410  -0.0245 44  LEU A CB  
224 C CG  . LEU A 44  ? 0.4707 0.4985 0.4887 0.0533 0.0705  -0.0085 44  LEU A CG  
225 C CD1 . LEU A 44  ? 0.5406 0.5567 0.4979 0.0718 0.0651  -0.0062 44  LEU A CD1 
226 C CD2 . LEU A 44  ? 0.5433 0.5587 0.5722 0.0651 0.1031  0.0001  44  LEU A CD2 
227 N N   . HIS A 45  ? 0.3704 0.4231 0.4356 0.0184 -0.0017 -0.0452 45  HIS A N   
228 C CA  . HIS A 45  ? 0.3909 0.4402 0.4529 0.0173 -0.0150 -0.0518 45  HIS A CA  
229 C C   . HIS A 45  ? 0.4344 0.4801 0.5180 0.0188 -0.0236 -0.0591 45  HIS A C   
230 O O   . HIS A 45  ? 0.4115 0.4553 0.4966 0.0208 -0.0285 -0.0645 45  HIS A O   
231 C CB  . HIS A 45  ? 0.3167 0.3578 0.3633 0.0168 -0.0204 -0.0482 45  HIS A CB  
232 C CG  . HIS A 45  ? 0.3499 0.3951 0.3922 0.0160 -0.0188 -0.0480 45  HIS A CG  
233 N ND1 . HIS A 45  ? 0.3477 0.3945 0.3989 0.0170 -0.0226 -0.0553 45  HIS A ND1 
234 C CD2 . HIS A 45  ? 0.3991 0.4474 0.4366 0.0163 -0.0181 -0.0451 45  HIS A CD2 
235 C CE1 . HIS A 45  ? 0.3804 0.4311 0.4385 0.0186 -0.0276 -0.0600 45  HIS A CE1 
236 N NE2 . HIS A 45  ? 0.3804 0.4321 0.4272 0.0188 -0.0252 -0.0535 45  HIS A NE2 
237 N N   . ASP A 46  ? 0.3923 0.4366 0.4973 0.0198 -0.0288 -0.0623 46  ASP A N   
238 C CA  . ASP A 46  ? 0.4749 0.5155 0.6115 0.0253 -0.0457 -0.0764 46  ASP A CA  
239 C C   . ASP A 46  ? 0.4743 0.5250 0.6497 0.0227 -0.0359 -0.0805 46  ASP A C   
240 O O   . ASP A 46  ? 0.4474 0.4948 0.6350 0.0278 -0.0505 -0.0917 46  ASP A O   
241 C CB  . ASP A 46  ? 0.5161 0.5553 0.6864 0.0278 -0.0562 -0.0847 46  ASP A CB  
242 C CG  . ASP A 46  ? 0.5356 0.5650 0.7308 0.0410 -0.0881 -0.1069 46  ASP A CG  
243 O OD1 . ASP A 46  ? 0.5296 0.5410 0.6785 0.0549 -0.1056 -0.1108 46  ASP A OD1 
244 O OD2 . ASP A 46  ? 0.5949 0.6319 0.8596 0.0403 -0.0950 -0.1210 46  ASP A OD2 
245 N N   . ASN A 47  ? 0.4424 0.5004 0.6307 0.0186 -0.0088 -0.0705 47  ASN A N   
246 C CA  . ASN A 47  ? 0.4696 0.5314 0.6870 0.0200 0.0077  -0.0712 47  ASN A CA  
247 C C   . ASN A 47  ? 0.4570 0.5178 0.6380 0.0223 0.0037  -0.0727 47  ASN A C   
248 O O   . ASN A 47  ? 0.4562 0.5189 0.6611 0.0240 0.0061  -0.0786 47  ASN A O   
249 C CB  . ASN A 47  ? 0.5235 0.5831 0.7552 0.0229 0.0450  -0.0565 47  ASN A CB  
250 C CG  . ASN A 47  ? 0.5988 0.6603 0.8985 0.0192 0.0520  -0.0578 47  ASN A CG  
251 O OD1 . ASN A 47  ? 0.5638 0.6307 0.9276 0.0165 0.0315  -0.0756 47  ASN A OD1 
252 N ND2 . ASN A 47  ? 0.6644 0.7196 0.9532 0.0216 0.0762  -0.0423 47  ASN A ND2 
253 N N   . ARG A 48  ? 0.3840 0.4418 0.5164 0.0223 -0.0030 -0.0689 48  ARG A N   
254 C CA  . ARG A 48  ? 0.3965 0.4530 0.5076 0.0243 -0.0086 -0.0732 48  ARG A CA  
255 C C   . ARG A 48  ? 0.4243 0.4750 0.5417 0.0244 -0.0272 -0.0803 48  ARG A C   
256 O O   . ARG A 48  ? 0.3904 0.4402 0.5098 0.0260 -0.0295 -0.0852 48  ARG A O   
257 C CB  . ARG A 48  ? 0.3712 0.4262 0.4486 0.0256 -0.0110 -0.0710 48  ARG A CB  
258 C CG  . ARG A 48  ? 0.3853 0.4387 0.4392 0.0346 0.0019  -0.0663 48  ARG A CG  
259 C CD  . ARG A 48  ? 0.4652 0.5131 0.5176 0.0456 0.0226  -0.0642 48  ARG A CD  
260 N NE  . ARG A 48  ? 0.4913 0.5380 0.5359 0.0507 0.0150  -0.0748 48  ARG A NE  
261 C CZ  . ARG A 48  ? 0.5795 0.6208 0.6272 0.0597 0.0315  -0.0750 48  ARG A CZ  
262 N NH1 . ARG A 48  ? 0.5756 0.6154 0.6137 0.0650 0.0210  -0.0869 48  ARG A NH1 
263 N NH2 . ARG A 48  ? 0.5610 0.5971 0.6292 0.0638 0.0608  -0.0633 48  ARG A NH2 
264 N N   . ILE A 49  ? 0.4107 0.4532 0.5260 0.0269 -0.0401 -0.0811 49  ILE A N   
265 C CA  . ILE A 49  ? 0.4180 0.4446 0.5247 0.0373 -0.0583 -0.0875 49  ILE A CA  
266 C C   . ILE A 49  ? 0.4277 0.4602 0.5733 0.0398 -0.0665 -0.1000 49  ILE A C   
267 O O   . ILE A 49  ? 0.4125 0.4385 0.5535 0.0453 -0.0726 -0.1040 49  ILE A O   
268 C CB  . ILE A 49  ? 0.4263 0.4365 0.5159 0.0486 -0.0745 -0.0900 49  ILE A CB  
269 C CG1 . ILE A 49  ? 0.4433 0.4424 0.4934 0.0485 -0.0628 -0.0756 49  ILE A CG1 
270 C CG2 . ILE A 49  ? 0.5095 0.4959 0.5813 0.0697 -0.0976 -0.1003 49  ILE A CG2 
271 C CD1 . ILE A 49  ? 0.4981 0.4805 0.5261 0.0606 -0.0741 -0.0767 49  ILE A CD1 
272 N N   . LYS A 50  ? 0.4454 0.4899 0.6382 0.0357 -0.0627 -0.1054 50  LYS A N   
273 C CA  . LYS A 50  ? 0.4319 0.4834 0.6824 0.0375 -0.0672 -0.1182 50  LYS A CA  
274 C C   . LYS A 50  ? 0.4323 0.4908 0.6871 0.0333 -0.0473 -0.1138 50  LYS A C   
275 O O   . LYS A 50  ? 0.4079 0.4659 0.6870 0.0380 -0.0583 -0.1246 50  LYS A O   
276 C CB  . LYS A 50  ? 0.4591 0.5204 0.7761 0.0333 -0.0587 -0.1227 50  LYS A CB  
277 C CG  . LYS A 50  ? 0.5552 0.6088 0.8756 0.0398 -0.0849 -0.1331 50  LYS A CG  
278 C CD  . LYS A 50  ? 0.5612 0.6257 0.9581 0.0329 -0.0697 -0.1352 50  LYS A CD  
279 C CE  . LYS A 50  ? 0.6084 0.6663 1.0297 0.0417 -0.1031 -0.1543 50  LYS A CE  
280 N NZ  . LYS A 50  ? 0.6774 0.7453 1.1629 0.0309 -0.0750 -0.1471 50  LYS A NZ  
281 N N   . ALA A 51  ? 0.3751 0.4377 0.6060 0.0286 -0.0208 -0.1005 51  ALA A N   
282 C CA  . ALA A 51  ? 0.3845 0.4483 0.6067 0.0305 -0.0043 -0.0985 51  ALA A CA  
283 C C   . ALA A 51  ? 0.3776 0.4366 0.5710 0.0319 -0.0217 -0.1038 51  ALA A C   
284 O O   . ALA A 51  ? 0.3696 0.4295 0.5771 0.0343 -0.0203 -0.1097 51  ALA A O   
285 C CB  . ALA A 51  ? 0.4249 0.4857 0.6090 0.0342 0.0190  -0.0869 51  ALA A CB  
286 N N   . ALA A 52  ? 0.3818 0.4336 0.5393 0.0310 -0.0331 -0.1001 52  ALA A N   
287 C CA  . ALA A 52  ? 0.3884 0.4308 0.5285 0.0334 -0.0417 -0.1015 52  ALA A CA  
288 C C   . ALA A 52  ? 0.3914 0.4241 0.5435 0.0415 -0.0565 -0.1083 52  ALA A C   
289 O O   . ALA A 52  ? 0.3679 0.3968 0.5220 0.0439 -0.0570 -0.1114 52  ALA A O   
290 C CB  . ALA A 52  ? 0.4211 0.4529 0.5345 0.0332 -0.0430 -0.0933 52  ALA A CB  
291 N N   . LYS A 53  ? 0.3843 0.4084 0.5384 0.0495 -0.0724 -0.1121 53  LYS A N   
292 C CA  . LYS A 53  ? 0.4592 0.4707 0.6226 0.0641 -0.0947 -0.1237 53  LYS A CA  
293 C C   . LYS A 53  ? 0.3809 0.4086 0.5987 0.0602 -0.0939 -0.1354 53  LYS A C   
294 O O   . LYS A 53  ? 0.4246 0.4441 0.6461 0.0692 -0.1056 -0.1425 53  LYS A O   
295 C CB  . LYS A 53  ? 0.4670 0.4664 0.6289 0.0783 -0.1197 -0.1335 53  LYS A CB  
296 C CG  . LYS A 53  ? 0.5352 0.5050 0.6303 0.0937 -0.1230 -0.1225 53  LYS A CG  
297 C CD  . LYS A 53  ? 0.6154 0.5724 0.7049 0.1103 -0.1501 -0.1356 53  LYS A CD  
298 C CE  . LYS A 53  ? 0.6707 0.5966 0.6890 0.1263 -0.1449 -0.1212 53  LYS A CE  
299 N NZ  . LYS A 53  ? 0.8065 0.7101 0.8065 0.1536 -0.1806 -0.1398 53  LYS A NZ  
300 N N   . ALA A 54  ? 0.3842 0.4309 0.6454 0.0493 -0.0767 -0.1358 54  ALA A N   
301 C CA  . ALA A 54  ? 0.4322 0.4905 0.7509 0.0474 -0.0667 -0.1438 54  ALA A CA  
302 C C   . ALA A 54  ? 0.4069 0.4655 0.7024 0.0456 -0.0519 -0.1389 54  ALA A C   
303 O O   . ALA A 54  ? 0.3958 0.4563 0.7244 0.0489 -0.0542 -0.1477 54  ALA A O   
304 C CB  . ALA A 54  ? 0.4251 0.4956 0.7940 0.0403 -0.0396 -0.1394 54  ALA A CB  
305 N N   . ARG A 55  ? 0.3550 0.4111 0.6007 0.0418 -0.0397 -0.1284 55  ARG A N   
306 C CA  . ARG A 55  ? 0.3836 0.4378 0.6093 0.0426 -0.0328 -0.1291 55  ARG A CA  
307 C C   . ARG A 55  ? 0.3945 0.4379 0.6145 0.0470 -0.0505 -0.1332 55  ARG A C   
308 O O   . ARG A 55  ? 0.3794 0.4231 0.6127 0.0492 -0.0493 -0.1391 55  ARG A O   
309 C CB  . ARG A 55  ? 0.4138 0.4661 0.5976 0.0408 -0.0271 -0.1239 55  ARG A CB  
310 C CG  . ARG A 55  ? 0.4566 0.5115 0.6248 0.0452 -0.0080 -0.1211 55  ARG A CG  
311 C CD  . ARG A 55  ? 0.4290 0.4797 0.5594 0.0497 -0.0133 -0.1245 55  ARG A CD  
312 N NE  . ARG A 55  ? 0.4267 0.4770 0.5527 0.0423 -0.0271 -0.1225 55  ARG A NE  
313 C CZ  . ARG A 55  ? 0.4256 0.4768 0.5397 0.0395 -0.0262 -0.1148 55  ARG A CZ  
314 N NH1 . ARG A 55  ? 0.3946 0.4477 0.5019 0.0423 -0.0131 -0.1077 55  ARG A NH1 
315 N NH2 . ARG A 55  ? 0.4120 0.4606 0.5266 0.0345 -0.0346 -0.1129 55  ARG A NH2 
316 N N   . TYR A 56  ? 0.3915 0.4210 0.5857 0.0509 -0.0625 -0.1276 56  TYR A N   
317 C CA  . TYR A 56  ? 0.4364 0.4447 0.6128 0.0621 -0.0733 -0.1259 56  TYR A CA  
318 C C   . TYR A 56  ? 0.4565 0.4615 0.6573 0.0732 -0.0910 -0.1381 56  TYR A C   
319 O O   . TYR A 56  ? 0.5026 0.5019 0.7083 0.0774 -0.0915 -0.1408 56  TYR A O   
320 C CB  . TYR A 56  ? 0.4647 0.4513 0.6029 0.0720 -0.0783 -0.1159 56  TYR A CB  
321 C CG  . TYR A 56  ? 0.5328 0.4864 0.6395 0.0917 -0.0823 -0.1094 56  TYR A CG  
322 C CD1 . TYR A 56  ? 0.5107 0.4503 0.6099 0.0907 -0.0618 -0.0968 56  TYR A CD1 
323 C CD2 . TYR A 56  ? 0.6345 0.5663 0.7210 0.1158 -0.1070 -0.1168 56  TYR A CD2 
324 C CE1 . TYR A 56  ? 0.6062 0.5081 0.6744 0.1126 -0.0563 -0.0856 56  TYR A CE1 
325 C CE2 . TYR A 56  ? 0.6563 0.5482 0.6986 0.1425 -0.1090 -0.1089 56  TYR A CE2 
326 C CZ  . TYR A 56  ? 0.7245 0.6002 0.7554 0.1403 -0.0788 -0.0900 56  TYR A CZ  
327 O OH  . TYR A 56  ? 0.8024 0.6313 0.7866 0.1701 -0.0707 -0.0761 56  TYR A OH  
328 N N   . ASN A 57  ? 0.4941 0.5040 0.7201 0.0778 -0.1070 -0.1482 57  ASN A N   
329 C CA  . ASN A 57  ? 0.5321 0.5404 0.7978 0.0905 -0.1313 -0.1661 57  ASN A CA  
330 C C   . ASN A 57  ? 0.5174 0.5455 0.8391 0.0809 -0.1180 -0.1732 57  ASN A C   
331 O O   . ASN A 57  ? 0.6059 0.6294 0.9533 0.0917 -0.1357 -0.1858 57  ASN A O   
332 C CB  . ASN A 57  ? 0.5346 0.5463 0.8354 0.0970 -0.1537 -0.1807 57  ASN A CB  
333 C CG  . ASN A 57  ? 0.5840 0.5678 0.8231 0.1164 -0.1750 -0.1787 57  ASN A CG  
334 O OD1 . ASN A 57  ? 0.7016 0.6888 0.9427 0.1138 -0.1779 -0.1794 57  ASN A OD1 
335 N ND2 . ASN A 57  ? 0.6631 0.6150 0.8422 0.1381 -0.1848 -0.1734 57  ASN A ND2 
336 N N   . ALA A 58  ? 0.5214 0.5667 0.8551 0.0652 -0.0866 -0.1650 58  ALA A N   
337 C CA  . ALA A 58  ? 0.4694 0.5264 0.8440 0.0612 -0.0668 -0.1688 58  ALA A CA  
338 C C   . ALA A 58  ? 0.4590 0.5090 0.7977 0.0620 -0.0622 -0.1657 58  ALA A C   
339 O O   . ALA A 58  ? 0.4479 0.5035 0.8054 0.0612 -0.0457 -0.1687 58  ALA A O   
340 C CB  . ALA A 58  ? 0.4480 0.5157 0.8381 0.0538 -0.0315 -0.1602 58  ALA A CB  
341 N N   . GLY A 59  ? 0.4641 0.4989 0.7560 0.0653 -0.0736 -0.1597 59  GLY A N   
342 C CA  . GLY A 59  ? 0.5086 0.5360 0.7831 0.0657 -0.0686 -0.1582 59  GLY A CA  
343 C C   . GLY A 59  ? 0.4754 0.5113 0.7360 0.0577 -0.0498 -0.1570 59  GLY A C   
344 O O   . GLY A 59  ? 0.4921 0.5247 0.7526 0.0586 -0.0475 -0.1619 59  GLY A O   
345 N N   . LEU A 60  ? 0.4310 0.4737 0.6775 0.0535 -0.0406 -0.1527 60  LEU A N   
346 C CA  . LEU A 60  ? 0.4179 0.4627 0.6400 0.0540 -0.0305 -0.1550 60  LEU A CA  
347 C C   . LEU A 60  ? 0.4362 0.4759 0.6397 0.0504 -0.0387 -0.1533 60  LEU A C   
348 O O   . LEU A 60  ? 0.4582 0.4980 0.6502 0.0541 -0.0403 -0.1626 60  LEU A O   
349 C CB  . LEU A 60  ? 0.4028 0.4527 0.6182 0.0573 -0.0124 -0.1504 60  LEU A CB  
350 C CG  . LEU A 60  ? 0.4108 0.4643 0.6645 0.0607 0.0042  -0.1505 60  LEU A CG  
351 C CD1 . LEU A 60  ? 0.4673 0.5199 0.7204 0.0657 0.0314  -0.1408 60  LEU A CD1 
352 C CD2 . LEU A 60  ? 0.4508 0.4998 0.7055 0.0694 0.0127  -0.1588 60  LEU A CD2 
353 N N   . ASP A 61  ? 0.4097 0.4419 0.6116 0.0468 -0.0443 -0.1431 61  ASP A N   
354 C CA  . ASP A 61  ? 0.3667 0.3932 0.5616 0.0433 -0.0446 -0.1384 61  ASP A CA  
355 C C   . ASP A 61  ? 0.3910 0.3981 0.5829 0.0463 -0.0429 -0.1252 61  ASP A C   
356 O O   . ASP A 61  ? 0.4062 0.4068 0.5776 0.0495 -0.0445 -0.1157 61  ASP A O   
357 C CB  . ASP A 61  ? 0.3751 0.4097 0.5513 0.0408 -0.0427 -0.1345 61  ASP A CB  
358 C CG  . ASP A 61  ? 0.3714 0.4041 0.5484 0.0375 -0.0441 -0.1338 61  ASP A CG  
359 O OD1 . ASP A 61  ? 0.3926 0.4179 0.5952 0.0364 -0.0447 -0.1374 61  ASP A OD1 
360 O OD2 . ASP A 61  ? 0.3986 0.4364 0.5585 0.0364 -0.0433 -0.1300 61  ASP A OD2 
361 N N   . PRO A 62  ? 0.4224 0.4154 0.6322 0.0487 -0.0373 -0.1237 62  PRO A N   
362 C CA  . PRO A 62  ? 0.4891 0.4526 0.6864 0.0584 -0.0257 -0.1052 62  PRO A CA  
363 C C   . PRO A 62  ? 0.5145 0.4700 0.7058 0.0565 -0.0141 -0.0932 62  PRO A C   
364 O O   . PRO A 62  ? 0.4896 0.4151 0.6562 0.0699 -0.0007 -0.0751 62  PRO A O   
365 C CB  . PRO A 62  ? 0.5076 0.4579 0.7404 0.0597 -0.0138 -0.1052 62  PRO A CB  
366 C CG  . PRO A 62  ? 0.4998 0.4714 0.7483 0.0548 -0.0280 -0.1251 62  PRO A CG  
367 C CD  . PRO A 62  ? 0.4549 0.4520 0.6958 0.0469 -0.0381 -0.1371 62  PRO A CD  
368 N N   . ASN A 63  ? 0.4719 0.4491 0.6812 0.0444 -0.0183 -0.1030 63  ASN A N   
369 C CA  . ASN A 63  ? 0.4691 0.4405 0.6810 0.0420 -0.0079 -0.0929 63  ASN A CA  
370 C C   . ASN A 63  ? 0.4685 0.4466 0.6375 0.0431 -0.0163 -0.0886 63  ASN A C   
371 O O   . ASN A 63  ? 0.4169 0.3938 0.5821 0.0406 -0.0106 -0.0817 63  ASN A O   
372 C CB  . ASN A 63  ? 0.4561 0.4458 0.7130 0.0322 -0.0142 -0.1093 63  ASN A CB  
373 C CG  . ASN A 63  ? 0.5332 0.5198 0.8533 0.0305 -0.0117 -0.1216 63  ASN A CG  
374 O OD1 . ASN A 63  ? 0.5932 0.5746 0.9699 0.0272 -0.0020 -0.1229 63  ASN A OD1 
375 N ND2 . ASN A 63  ? 0.5426 0.5336 0.8627 0.0326 -0.0208 -0.1328 63  ASN A ND2 
376 N N   . GLY A 64  ? 0.4273 0.4158 0.5775 0.0450 -0.0301 -0.0955 64  GLY A N   
377 C CA  . GLY A 64  ? 0.3987 0.3971 0.5284 0.0442 -0.0381 -0.0953 64  GLY A CA  
378 C C   . GLY A 64  ? 0.4498 0.4262 0.5480 0.0553 -0.0379 -0.0830 64  GLY A C   
379 O O   . GLY A 64  ? 0.4043 0.3870 0.4929 0.0517 -0.0391 -0.0806 64  GLY A O   
380 N N   . LEU A 65  ? 0.4574 0.4027 0.5323 0.0728 -0.0350 -0.0742 65  LEU A N   
381 C CA  . LEU A 65  ? 0.5191 0.4330 0.5483 0.0919 -0.0327 -0.0617 65  LEU A CA  
382 C C   . LEU A 65  ? 0.5076 0.4129 0.5383 0.0873 -0.0083 -0.0465 65  LEU A C   
383 O O   . LEU A 65  ? 0.4766 0.3713 0.4782 0.0947 -0.0082 -0.0403 65  LEU A O   
384 C CB  . LEU A 65  ? 0.6329 0.5028 0.6181 0.1225 -0.0325 -0.0534 65  LEU A CB  
385 C CG  . LEU A 65  ? 0.7324 0.6041 0.7133 0.1348 -0.0645 -0.0716 65  LEU A CG  
386 C CD1 . LEU A 65  ? 0.8145 0.6328 0.7306 0.1767 -0.0726 -0.0656 65  LEU A CD1 
387 C CD2 . LEU A 65  ? 0.7214 0.6195 0.7215 0.1274 -0.0913 -0.0901 65  LEU A CD2 
388 N N   . THR A 66  ? 0.4584 0.3673 0.5311 0.0764 0.0116  -0.0424 66  THR A N   
389 C CA  . THR A 66  ? 0.4945 0.3973 0.5912 0.0710 0.0352  -0.0310 66  THR A CA  
390 C C   . THR A 66  ? 0.4197 0.3550 0.5274 0.0545 0.0205  -0.0419 66  THR A C   
391 O O   . THR A 66  ? 0.4333 0.3613 0.5283 0.0565 0.0293  -0.0324 66  THR A O   
392 C CB  . THR A 66  ? 0.4955 0.4020 0.6595 0.0611 0.0514  -0.0334 66  THR A CB  
393 O OG1 . THR A 66  ? 0.5574 0.4285 0.7101 0.0784 0.0716  -0.0188 66  THR A OG1 
394 C CG2 . THR A 66  ? 0.5453 0.4474 0.7575 0.0552 0.0747  -0.0254 66  THR A CG2 
395 N N   . SER A 67  ? 0.3910 0.3583 0.5169 0.0418 0.0005  -0.0606 67  SER A N   
396 C CA  . SER A 67  ? 0.3933 0.3859 0.5196 0.0319 -0.0118 -0.0699 67  SER A CA  
397 C C   . SER A 67  ? 0.4056 0.3949 0.4941 0.0366 -0.0170 -0.0635 67  SER A C   
398 O O   . SER A 67  ? 0.3978 0.3940 0.4829 0.0322 -0.0162 -0.0611 67  SER A O   
399 C CB  . SER A 67  ? 0.3969 0.4124 0.5303 0.0272 -0.0263 -0.0866 67  SER A CB  
400 O OG  . SER A 67  ? 0.4177 0.4375 0.5858 0.0251 -0.0286 -0.0987 67  SER A OG  
401 N N   . ALA A 68  ? 0.4080 0.3878 0.4752 0.0463 -0.0262 -0.0647 68  ALA A N   
402 C CA  . ALA A 68  ? 0.4333 0.4071 0.4751 0.0547 -0.0384 -0.0651 68  ALA A CA  
403 C C   . ALA A 68  ? 0.4486 0.3951 0.4577 0.0667 -0.0274 -0.0508 68  ALA A C   
404 O O   . ALA A 68  ? 0.4342 0.3855 0.4355 0.0644 -0.0302 -0.0499 68  ALA A O   
405 C CB  . ALA A 68  ? 0.4267 0.3897 0.4602 0.0690 -0.0569 -0.0745 68  ALA A CB  
406 N N   . GLN A 69  ? 0.4789 0.3950 0.4723 0.0799 -0.0093 -0.0375 69  GLN A N   
407 C CA  . GLN A 69  ? 0.5422 0.4243 0.5021 0.0960 0.0113  -0.0194 69  GLN A CA  
408 C C   . GLN A 69  ? 0.5138 0.4154 0.5074 0.0776 0.0246  -0.0154 69  GLN A C   
409 O O   . GLN A 69  ? 0.4792 0.3686 0.4476 0.0846 0.0298  -0.0079 69  GLN A O   
410 C CB  . GLN A 69  ? 0.5811 0.4222 0.5262 0.1152 0.0408  -0.0008 69  GLN A CB  
411 C CG  . GLN A 69  ? 0.7043 0.5090 0.5901 0.1469 0.0289  -0.0005 69  GLN A CG  
412 C CD  . GLN A 69  ? 0.8103 0.5746 0.6874 0.1649 0.0638  0.0203  69  GLN A CD  
413 O OE1 . GLN A 69  ? 0.9620 0.6934 0.8347 0.1759 0.1050  0.0443  69  GLN A OE1 
414 N NE2 . GLN A 69  ? 0.8166 0.5796 0.6949 0.1698 0.0520  0.0131  69  GLN A NE2 
415 N N   . LYS A 70  ? 0.4420 0.3702 0.4907 0.0579 0.0278  -0.0221 70  LYS A N   
416 C CA  . LYS A 70  ? 0.4396 0.3870 0.5253 0.0435 0.0324  -0.0240 70  LYS A CA  
417 C C   . LYS A 70  ? 0.4189 0.3886 0.4869 0.0364 0.0132  -0.0322 70  LYS A C   
418 O O   . LYS A 70  ? 0.3737 0.3425 0.4412 0.0350 0.0196  -0.0262 70  LYS A O   
419 C CB  . LYS A 70  ? 0.4676 0.4349 0.6160 0.0306 0.0304  -0.0371 70  LYS A CB  
420 C CG  . LYS A 70  ? 0.5604 0.5034 0.7536 0.0353 0.0606  -0.0249 70  LYS A CG  
421 C CD  . LYS A 70  ? 0.6225 0.5754 0.8755 0.0286 0.0572  -0.0390 70  LYS A CD  
422 C CE  . LYS A 70  ? 0.5980 0.5866 0.8741 0.0180 0.0227  -0.0675 70  LYS A CE  
423 N NZ  . LYS A 70  ? 0.6417 0.6316 0.9930 0.0152 0.0238  -0.0812 70  LYS A NZ  
424 N N   . HIS A 71  ? 0.3789 0.3656 0.4369 0.0332 -0.0057 -0.0436 71  HIS A N   
425 C CA  . HIS A 71  ? 0.4150 0.4173 0.4626 0.0289 -0.0166 -0.0481 71  HIS A CA  
426 C C   . HIS A 71  ? 0.4778 0.4614 0.4941 0.0399 -0.0192 -0.0420 71  HIS A C   
427 O O   . HIS A 71  ? 0.4370 0.4283 0.4511 0.0363 -0.0220 -0.0417 71  HIS A O   
428 C CB  . HIS A 71  ? 0.4222 0.4404 0.4773 0.0260 -0.0270 -0.0587 71  HIS A CB  
429 C CG  . HIS A 71  ? 0.4606 0.4953 0.5306 0.0205 -0.0268 -0.0664 71  HIS A CG  
430 N ND1 . HIS A 71  ? 0.4046 0.4488 0.4723 0.0190 -0.0268 -0.0677 71  HIS A ND1 
431 C CD2 . HIS A 71  ? 0.5080 0.5474 0.5886 0.0213 -0.0292 -0.0750 71  HIS A CD2 
432 C CE1 . HIS A 71  ? 0.4541 0.5047 0.5236 0.0230 -0.0315 -0.0782 71  HIS A CE1 
433 N NE2 . HIS A 71  ? 0.4250 0.4737 0.5043 0.0233 -0.0323 -0.0829 71  HIS A NE2 
434 N N   . GLN A 72  ? 0.4621 0.4178 0.4503 0.0574 -0.0205 -0.0387 72  GLN A N   
435 C CA  . GLN A 72  ? 0.5524 0.4800 0.4975 0.0774 -0.0259 -0.0353 72  GLN A CA  
436 C C   . GLN A 72  ? 0.5140 0.4247 0.4438 0.0813 -0.0037 -0.0195 72  GLN A C   
437 O O   . GLN A 72  ? 0.5278 0.4326 0.4379 0.0870 -0.0091 -0.0197 72  GLN A O   
438 C CB  . GLN A 72  ? 0.5968 0.4868 0.4981 0.1057 -0.0325 -0.0352 72  GLN A CB  
439 C CG  . GLN A 72  ? 0.7234 0.5806 0.5710 0.1351 -0.0506 -0.0405 72  GLN A CG  
440 C CD  . GLN A 72  ? 0.8909 0.7270 0.7126 0.1617 -0.0820 -0.0577 72  GLN A CD  
441 O OE1 . GLN A 72  ? 0.9659 0.7530 0.7177 0.2010 -0.0901 -0.0568 72  GLN A OE1 
442 N NE2 . GLN A 72  ? 0.8863 0.7551 0.7617 0.1446 -0.1001 -0.0743 72  GLN A NE2 
443 N N   . ILE A 73  ? 0.4863 0.3853 0.4297 0.0808 0.0232  -0.0059 73  ILE A N   
444 C CA  . ILE A 73  ? 0.5364 0.4243 0.4896 0.0803 0.0497  0.0090  73  ILE A CA  
445 C C   . ILE A 73  ? 0.5035 0.4267 0.4875 0.0595 0.0387  0.0009  73  ILE A C   
446 O O   . ILE A 73  ? 0.4448 0.3585 0.4127 0.0644 0.0457  0.0079  73  ILE A O   
447 C CB  . ILE A 73  ? 0.5528 0.4310 0.5505 0.0774 0.0804  0.0205  73  ILE A CB  
448 C CG1 . ILE A 73  ? 0.6299 0.4574 0.5782 0.1073 0.1024  0.0373  73  ILE A CG1 
449 C CG2 . ILE A 73  ? 0.5286 0.4073 0.5704 0.0700 0.1055  0.0303  73  ILE A CG2 
450 C CD1 . ILE A 73  ? 0.7084 0.5260 0.7110 0.1039 0.1340  0.0480  73  ILE A CD1 
451 N N   . GLU A 74  ? 0.4105 0.3690 0.4307 0.0412 0.0228  -0.0130 74  GLU A N   
452 C CA  . GLU A 74  ? 0.4620 0.4481 0.5028 0.0277 0.0130  -0.0200 74  GLU A CA  
453 C C   . GLU A 74  ? 0.4502 0.4396 0.4632 0.0296 0.0009  -0.0221 74  GLU A C   
454 O O   . GLU A 74  ? 0.4228 0.4163 0.4354 0.0270 0.0028  -0.0187 74  GLU A O   
455 C CB  . GLU A 74  ? 0.4479 0.4600 0.5148 0.0181 -0.0006 -0.0344 74  GLU A CB  
456 C CG  . GLU A 74  ? 0.5255 0.5402 0.6379 0.0150 0.0034  -0.0403 74  GLU A CG  
457 C CD  . GLU A 74  ? 0.6861 0.7007 0.8341 0.0127 0.0117  -0.0377 74  GLU A CD  
458 O OE1 . GLU A 74  ? 0.8119 0.8182 1.0118 0.0122 0.0260  -0.0366 74  GLU A OE1 
459 O OE2 . GLU A 74  ? 0.7660 0.7873 0.8987 0.0118 0.0067  -0.0361 74  GLU A OE2 
460 N N   . ARG A 75  ? 0.4168 0.4053 0.4175 0.0343 -0.0121 -0.0293 75  ARG A N   
461 C CA  . ARG A 75  ? 0.4376 0.4269 0.4303 0.0376 -0.0249 -0.0351 75  ARG A CA  
462 C C   . ARG A 75  ? 0.4467 0.4111 0.4075 0.0515 -0.0232 -0.0292 75  ARG A C   
463 O O   . ARG A 75  ? 0.4232 0.3938 0.3878 0.0477 -0.0244 -0.0288 75  ARG A O   
464 C CB  . ARG A 75  ? 0.4277 0.4140 0.4246 0.0448 -0.0419 -0.0475 75  ARG A CB  
465 C CG  . ARG A 75  ? 0.4060 0.3962 0.4214 0.0476 -0.0584 -0.0594 75  ARG A CG  
466 C CD  . ARG A 75  ? 0.4381 0.4195 0.4652 0.0608 -0.0825 -0.0772 75  ARG A CD  
467 N NE  . ARG A 75  ? 0.5540 0.4994 0.5242 0.0867 -0.0934 -0.0777 75  ARG A NE  
468 C CZ  . ARG A 75  ? 0.5987 0.5242 0.5547 0.1081 -0.1173 -0.0923 75  ARG A CZ  
469 N NH1 . ARG A 75  ? 0.5514 0.4957 0.5602 0.1020 -0.1333 -0.1090 75  ARG A NH1 
470 N NH2 . ARG A 75  ? 0.5953 0.4783 0.4828 0.1396 -0.1233 -0.0896 75  ARG A NH2 
471 N N   . ASP A 76  ? 0.4905 0.4223 0.4153 0.0708 -0.0171 -0.0231 76  ASP A N   
472 C CA  . ASP A 76  ? 0.5561 0.4536 0.4342 0.0930 -0.0134 -0.0170 76  ASP A CA  
473 C C   . ASP A 76  ? 0.5236 0.4248 0.4140 0.0835 0.0108  -0.0025 76  ASP A C   
474 O O   . ASP A 76  ? 0.5154 0.4042 0.3838 0.0924 0.0101  -0.0010 76  ASP A O   
475 C CB  . ASP A 76  ? 0.5964 0.4467 0.4178 0.1251 -0.0059 -0.0096 76  ASP A CB  
476 C CG  . ASP A 76  ? 0.6755 0.5178 0.4806 0.1410 -0.0389 -0.0289 76  ASP A CG  
477 O OD1 . ASP A 76  ? 0.5906 0.4622 0.4352 0.1285 -0.0677 -0.0496 76  ASP A OD1 
478 O OD2 . ASP A 76  ? 0.7744 0.5785 0.5320 0.1681 -0.0331 -0.0225 76  ASP A OD2 
479 N N   . HIS A 77  ? 0.4691 0.3875 0.4009 0.0667 0.0286  0.0048  77  HIS A N   
480 C CA  . HIS A 77  ? 0.5078 0.4311 0.4668 0.0585 0.0481  0.0145  77  HIS A CA  
481 C C   . HIS A 77  ? 0.4374 0.3890 0.4099 0.0447 0.0312  0.0062  77  HIS A C   
482 O O   . HIS A 77  ? 0.4292 0.3735 0.3924 0.0481 0.0372  0.0116  77  HIS A O   
483 C CB  . HIS A 77  ? 0.4995 0.4370 0.5152 0.0456 0.0610  0.0155  77  HIS A CB  
484 C CG  . HIS A 77  ? 0.5430 0.4852 0.6030 0.0391 0.0774  0.0211  77  HIS A CG  
485 N ND1 . HIS A 77  ? 0.5687 0.5417 0.6872 0.0238 0.0648  0.0081  77  HIS A ND1 
486 C CD2 . HIS A 77  ? 0.5893 0.5067 0.6453 0.0493 0.1043  0.0366  77  HIS A CD2 
487 C CE1 . HIS A 77  ? 0.5610 0.5320 0.7191 0.0224 0.0797  0.0131  77  HIS A CE1 
488 N NE2 . HIS A 77  ? 0.6356 0.5732 0.7596 0.0361 0.1079  0.0324  77  HIS A NE2 
489 N N   . HIS A 78  ? 0.3835 0.3624 0.3731 0.0326 0.0132  -0.0054 78  HIS A N   
490 C CA  . HIS A 78  ? 0.4016 0.3998 0.3985 0.0246 0.0029  -0.0101 78  HIS A CA  
491 C C   . HIS A 78  ? 0.4356 0.4219 0.4123 0.0328 -0.0055 -0.0127 78  HIS A C   
492 O O   . HIS A 78  ? 0.4079 0.3990 0.3887 0.0296 -0.0043 -0.0103 78  HIS A O   
493 C CB  . HIS A 78  ? 0.3592 0.3792 0.3723 0.0167 -0.0053 -0.0179 78  HIS A CB  
494 C CG  . HIS A 78  ? 0.4280 0.4598 0.4586 0.0130 -0.0048 -0.0204 78  HIS A CG  
495 N ND1 . HIS A 78  ? 0.3690 0.4086 0.4070 0.0124 -0.0066 -0.0204 78  HIS A ND1 
496 C CD2 . HIS A 78  ? 0.4207 0.4549 0.4673 0.0125 -0.0067 -0.0265 78  HIS A CD2 
497 C CE1 . HIS A 78  ? 0.4280 0.4747 0.4870 0.0138 -0.0143 -0.0298 78  HIS A CE1 
498 N NE2 . HIS A 78  ? 0.4286 0.4727 0.4963 0.0128 -0.0137 -0.0337 78  HIS A NE2 
499 N N   . LEU A 79  ? 0.4158 0.3857 0.3738 0.0456 -0.0176 -0.0203 79  LEU A N   
500 C CA  . LEU A 79  ? 0.4511 0.4051 0.3929 0.0591 -0.0330 -0.0292 79  LEU A CA  
501 C C   . LEU A 79  ? 0.4524 0.3812 0.3579 0.0724 -0.0213 -0.0194 79  LEU A C   
502 O O   . LEU A 79  ? 0.4687 0.3951 0.3729 0.0754 -0.0281 -0.0234 79  LEU A O   
503 C CB  . LEU A 79  ? 0.4887 0.4237 0.4134 0.0779 -0.0551 -0.0443 79  LEU A CB  
504 C CG  . LEU A 79  ? 0.4781 0.4378 0.4493 0.0650 -0.0652 -0.0553 79  LEU A CG  
505 C CD1 . LEU A 79  ? 0.4956 0.4331 0.4493 0.0876 -0.0912 -0.0725 79  LEU A CD1 
506 C CD2 . LEU A 79  ? 0.4519 0.4341 0.4768 0.0517 -0.0690 -0.0625 79  LEU A CD2 
507 N N   . SER A 80  ? 0.4822 0.3896 0.3626 0.0818 0.0007  -0.0051 80  SER A N   
508 C CA  . SER A 80  ? 0.5200 0.3979 0.3683 0.0973 0.0213  0.0083  80  SER A CA  
509 C C   . SER A 80  ? 0.5277 0.4316 0.4166 0.0765 0.0326  0.0148  80  SER A C   
510 O O   . SER A 80  ? 0.4811 0.3731 0.3534 0.0842 0.0355  0.0172  80  SER A O   
511 C CB  . SER A 80  ? 0.5989 0.4456 0.4262 0.1123 0.0522  0.0258  80  SER A CB  
512 O OG  . SER A 80  ? 0.7360 0.5520 0.5413 0.1275 0.0827  0.0428  80  SER A OG  
513 N N   . LEU A 81  ? 0.4656 0.4023 0.4031 0.0541 0.0349  0.0150  81  LEU A N   
514 C CA  . LEU A 81  ? 0.4572 0.4175 0.4289 0.0392 0.0368  0.0166  81  LEU A CA  
515 C C   . LEU A 81  ? 0.4140 0.3874 0.3834 0.0346 0.0202  0.0094  81  LEU A C   
516 O O   . LEU A 81  ? 0.4070 0.3826 0.3817 0.0329 0.0243  0.0134  81  LEU A O   
517 C CB  . LEU A 81  ? 0.4248 0.4106 0.4391 0.0253 0.0346  0.0128  81  LEU A CB  
518 C CG  . LEU A 81  ? 0.4600 0.4343 0.5013 0.0277 0.0541  0.0188  81  LEU A CG  
519 C CD1 . LEU A 81  ? 0.4506 0.4502 0.5334 0.0173 0.0401  0.0063  81  LEU A CD1 
520 C CD2 . LEU A 81  ? 0.5010 0.4603 0.5668 0.0320 0.0797  0.0304  81  LEU A CD2 
521 N N   . ALA A 82  ? 0.4094 0.3905 0.3801 0.0332 0.0044  -0.0007 82  ALA A N   
522 C CA  . ALA A 82  ? 0.4162 0.4040 0.3988 0.0311 -0.0064 -0.0074 82  ALA A CA  
523 C C   . ALA A 82  ? 0.4740 0.4401 0.4355 0.0447 -0.0125 -0.0115 82  ALA A C   
524 O O   . ALA A 82  ? 0.4382 0.4102 0.4137 0.0404 -0.0115 -0.0101 82  ALA A O   
525 C CB  . ALA A 82  ? 0.4095 0.4044 0.4122 0.0298 -0.0188 -0.0189 82  ALA A CB  
526 N N   . ALA A 83  ? 0.4832 0.4200 0.4059 0.0655 -0.0203 -0.0173 83  ALA A N   
527 C CA  . ALA A 83  ? 0.5211 0.4276 0.4070 0.0879 -0.0291 -0.0237 83  ALA A CA  
528 C C   . ALA A 83  ? 0.5114 0.4111 0.3855 0.0872 -0.0051 -0.0071 83  ALA A C   
529 O O   . ALA A 83  ? 0.5269 0.4147 0.3896 0.0964 -0.0106 -0.0116 83  ALA A O   
530 C CB  . ALA A 83  ? 0.6078 0.4721 0.4325 0.1213 -0.0399 -0.0311 83  ALA A CB  
531 N N   . GLN A 84  ? 0.4839 0.3870 0.3642 0.0796 0.0207  0.0098  84  GLN A N   
532 C CA  . GLN A 84  ? 0.5030 0.4004 0.3884 0.0788 0.0454  0.0245  84  GLN A CA  
533 C C   . GLN A 84  ? 0.4911 0.4203 0.4171 0.0589 0.0387  0.0226  84  GLN A C   
534 O O   . GLN A 84  ? 0.4693 0.3920 0.3927 0.0621 0.0453  0.0266  84  GLN A O   
535 C CB  . GLN A 84  ? 0.5670 0.4656 0.4763 0.0732 0.0708  0.0377  84  GLN A CB  
536 C CG  . GLN A 84  ? 0.6275 0.5222 0.5671 0.0709 0.0996  0.0516  84  GLN A CG  
537 C CD  . GLN A 84  ? 0.7561 0.6469 0.7315 0.0688 0.1232  0.0604  84  GLN A CD  
538 O OE1 . GLN A 84  ? 0.9425 0.7959 0.8864 0.0889 0.1482  0.0725  84  GLN A OE1 
539 N NE2 . GLN A 84  ? 0.7134 0.6396 0.7517 0.0482 0.1127  0.0525  84  GLN A NE2 
540 N N   . ALA A 85  ? 0.4174 0.3767 0.3754 0.0419 0.0275  0.0178  85  ALA A N   
541 C CA  . ALA A 85  ? 0.4023 0.3838 0.3869 0.0298 0.0242  0.0187  85  ALA A CA  
542 C C   . ALA A 85  ? 0.4167 0.3926 0.3997 0.0336 0.0142  0.0119  85  ALA A C   
543 O O   . ALA A 85  ? 0.4119 0.3918 0.4052 0.0307 0.0179  0.0160  85  ALA A O   
544 C CB  . ALA A 85  ? 0.3999 0.4037 0.4036 0.0199 0.0184  0.0165  85  ALA A CB  
545 N N   . GLU A 86  ? 0.4107 0.3764 0.3876 0.0416 -0.0012 -0.0013 86  GLU A N   
546 C CA  . GLU A 86  ? 0.4626 0.4222 0.4541 0.0469 -0.0164 -0.0146 86  GLU A CA  
547 C C   . GLU A 86  ? 0.4736 0.4085 0.4327 0.0631 -0.0178 -0.0164 86  GLU A C   
548 O O   . GLU A 86  ? 0.4628 0.3990 0.4430 0.0622 -0.0232 -0.0218 86  GLU A O   
549 C CB  . GLU A 86  ? 0.5055 0.4591 0.5095 0.0552 -0.0398 -0.0349 86  GLU A CB  
550 C CG  . GLU A 86  ? 0.5579 0.5365 0.6155 0.0387 -0.0359 -0.0349 86  GLU A CG  
551 C CD  . GLU A 86  ? 0.6582 0.6341 0.7267 0.0449 -0.0539 -0.0511 86  GLU A CD  
552 O OE1 . GLU A 86  ? 0.6825 0.6762 0.7858 0.0327 -0.0439 -0.0471 86  GLU A OE1 
553 O OE2 . GLU A 86  ? 0.7293 0.6814 0.7663 0.0658 -0.0780 -0.0680 86  GLU A OE2 
554 N N   . ARG A 87  ? 0.4703 0.3785 0.3785 0.0805 -0.0096 -0.0111 87  ARG A N   
555 C CA  . ARG A 87  ? 0.5381 0.4160 0.4050 0.1003 -0.0005 -0.0071 87  ARG A CA  
556 C C   . ARG A 87  ? 0.5417 0.4367 0.4355 0.0842 0.0214  0.0091  87  ARG A C   
557 O O   . ARG A 87  ? 0.4988 0.3830 0.3858 0.0917 0.0196  0.0062  87  ARG A O   
558 C CB  . ARG A 87  ? 0.6183 0.4586 0.4258 0.1250 0.0161  0.0022  87  ARG A CB  
559 C CG  . ARG A 87  ? 0.6951 0.5039 0.4543 0.1549 -0.0126 -0.0181 87  ARG A CG  
560 C CD  . ARG A 87  ? 0.8038 0.5588 0.4816 0.1919 0.0097  -0.0053 87  ARG A CD  
561 N NE  . ARG A 87  ? 0.8154 0.5784 0.5107 0.1779 0.0456  0.0186  87  ARG A NE  
562 C CZ  . ARG A 87  ? 0.8117 0.5763 0.5055 0.1774 0.0413  0.0174  87  ARG A CZ  
563 N NH1 . ARG A 87  ? 0.8270 0.5881 0.5047 0.1892 0.0028  -0.0058 87  ARG A NH1 
564 N NH2 . ARG A 87  ? 0.7718 0.5437 0.4919 0.1644 0.0742  0.0374  87  ARG A NH2 
565 N N   . HIS A 88  ? 0.4960 0.4157 0.4217 0.0652 0.0372  0.0224  88  HIS A N   
566 C CA  . HIS A 88  ? 0.5068 0.4428 0.4626 0.0535 0.0491  0.0322  88  HIS A CA  
567 C C   . HIS A 88  ? 0.4573 0.4107 0.4363 0.0440 0.0362  0.0272  88  HIS A C   
568 O O   . HIS A 88  ? 0.4674 0.4195 0.4529 0.0443 0.0417  0.0313  88  HIS A O   
569 C CB  . HIS A 88  ? 0.5426 0.4999 0.5323 0.0405 0.0577  0.0393  88  HIS A CB  
570 C CG  . HIS A 88  ? 0.6686 0.6095 0.6553 0.0478 0.0768  0.0462  88  HIS A CG  
571 N ND1 . HIS A 88  ? 0.7556 0.7112 0.7702 0.0393 0.0768  0.0452  88  HIS A ND1 
572 C CD2 . HIS A 88  ? 0.7310 0.6362 0.6876 0.0666 0.1001  0.0552  88  HIS A CD2 
573 C CE1 . HIS A 88  ? 0.7289 0.6614 0.7427 0.0491 0.1015  0.0543  88  HIS A CE1 
574 N NE2 . HIS A 88  ? 0.7507 0.6500 0.7250 0.0674 0.1190  0.0626  88  HIS A NE2 
575 N N   . ALA A 89  ? 0.4012 0.3687 0.3974 0.0365 0.0238  0.0202  89  ALA A N   
576 C CA  . ALA A 89  ? 0.3913 0.3689 0.4174 0.0302 0.0198  0.0184  89  ALA A CA  
577 C C   . ALA A 89  ? 0.4457 0.4064 0.4718 0.0398 0.0104  0.0073  89  ALA A C   
578 O O   . ALA A 89  ? 0.4295 0.3931 0.4728 0.0367 0.0159  0.0120  89  ALA A O   
579 C CB  . ALA A 89  ? 0.3767 0.3652 0.4292 0.0241 0.0155  0.0136  89  ALA A CB  
580 N N   . ALA A 90  ? 0.4161 0.3557 0.4187 0.0555 -0.0064 -0.0092 90  ALA A N   
581 C CA  . ALA A 90  ? 0.4734 0.3907 0.4683 0.0724 -0.0236 -0.0264 90  ALA A CA  
582 C C   . ALA A 90  ? 0.4634 0.3671 0.4289 0.0796 -0.0080 -0.0151 90  ALA A C   
583 O O   . ALA A 90  ? 0.4824 0.3810 0.4632 0.0831 -0.0151 -0.0229 90  ALA A O   
584 C CB  . ALA A 90  ? 0.5012 0.3892 0.4573 0.0986 -0.0495 -0.0487 90  ALA A CB  
585 N N   . THR A 91  ? 0.5044 0.3999 0.4355 0.0832 0.0140  0.0017  91  THR A N   
586 C CA  . THR A 91  ? 0.5247 0.4066 0.4383 0.0900 0.0359  0.0149  91  THR A CA  
587 C C   . THR A 91  ? 0.4606 0.3696 0.4215 0.0705 0.0409  0.0227  91  THR A C   
588 O O   . THR A 91  ? 0.4585 0.3582 0.4185 0.0761 0.0432  0.0221  91  THR A O   
589 C CB  . THR A 91  ? 0.5266 0.4019 0.4269 0.0916 0.0637  0.0327  91  THR A CB  
590 O OG1 . THR A 91  ? 0.5584 0.3949 0.3994 0.1189 0.0660  0.0295  91  THR A OG1 
591 C CG2 . THR A 91  ? 0.5088 0.3776 0.4199 0.0931 0.0923  0.0484  91  THR A CG2 
592 N N   . HIS A 92  ? 0.4516 0.3901 0.4470 0.0515 0.0419  0.0296  92  HIS A N   
593 C CA  . HIS A 92  ? 0.4179 0.3750 0.4445 0.0404 0.0467  0.0384  92  HIS A CA  
594 C C   . HIS A 92  ? 0.4524 0.4089 0.5009 0.0393 0.0380  0.0312  92  HIS A C   
595 O O   . HIS A 92  ? 0.4283 0.3862 0.4910 0.0381 0.0436  0.0368  92  HIS A O   
596 C CB  . HIS A 92  ? 0.4147 0.3936 0.4569 0.0305 0.0474  0.0455  92  HIS A CB  
597 C CG  . HIS A 92  ? 0.4066 0.3909 0.4514 0.0301 0.0535  0.0504  92  HIS A CG  
598 N ND1 . HIS A 92  ? 0.3819 0.3703 0.4461 0.0308 0.0596  0.0557  92  HIS A ND1 
599 C CD2 . HIS A 92  ? 0.3729 0.3595 0.4161 0.0291 0.0541  0.0487  92  HIS A CD2 
600 C CE1 . HIS A 92  ? 0.3742 0.3684 0.4579 0.0299 0.0627  0.0551  92  HIS A CE1 
601 N NE2 . HIS A 92  ? 0.3741 0.3674 0.4437 0.0285 0.0598  0.0516  92  HIS A NE2 
602 N N   . ASN A 93  ? 0.4139 0.3686 0.4754 0.0398 0.0250  0.0179  93  ASN A N   
603 C CA  . ASN A 93  ? 0.4237 0.3762 0.5272 0.0394 0.0169  0.0070  93  ASN A CA  
604 C C   . ASN A 93  ? 0.4437 0.3757 0.5377 0.0529 0.0051  -0.0072 93  ASN A C   
605 O O   . ASN A 93  ? 0.4163 0.3497 0.5479 0.0497 0.0072  -0.0081 93  ASN A O   
606 C CB  . ASN A 93  ? 0.4779 0.4337 0.6191 0.0373 0.0043  -0.0080 93  ASN A CB  
607 C CG  . ASN A 93  ? 0.4675 0.4408 0.6354 0.0247 0.0246  0.0096  93  ASN A CG  
608 O OD1 . ASN A 93  ? 0.5428 0.5208 0.7199 0.0207 0.0448  0.0280  93  ASN A OD1 
609 N ND2 . ASN A 93  ? 0.4876 0.4659 0.6548 0.0229 0.0207  0.0056  93  ASN A ND2 
610 N N   . ARG A 94  ? 0.4165 0.3253 0.4572 0.0714 -0.0041 -0.0166 94  ARG A N   
611 C CA  . ARG A 94  ? 0.4795 0.3615 0.4945 0.0914 -0.0133 -0.0291 94  ARG A CA  
612 C C   . ARG A 94  ? 0.4555 0.3426 0.4708 0.0846 0.0109  -0.0090 94  ARG A C   
613 O O   . ARG A 94  ? 0.4541 0.3335 0.4846 0.0892 0.0059  -0.0163 94  ARG A O   
614 C CB  . ARG A 94  ? 0.5417 0.3871 0.4795 0.1210 -0.0190 -0.0369 94  ARG A CB  
615 C CG  . ARG A 94  ? 0.5837 0.4098 0.5106 0.1421 -0.0567 -0.0684 94  ARG A CG  
616 C CD  . ARG A 94  ? 0.6591 0.4371 0.4899 0.1816 -0.0598 -0.0736 94  ARG A CD  
617 N NE  . ARG A 94  ? 0.6277 0.4052 0.4241 0.1782 -0.0319 -0.0496 94  ARG A NE  
618 C CZ  . ARG A 94  ? 0.6542 0.4349 0.4463 0.1785 -0.0431 -0.0550 94  ARG A CZ  
619 N NH1 . ARG A 94  ? 0.6449 0.4340 0.4728 0.1795 -0.0820 -0.0835 94  ARG A NH1 
620 N NH2 . ARG A 94  ? 0.6611 0.4380 0.4247 0.1769 -0.0141 -0.0322 94  ARG A NH2 
621 N N   . GLU A 95  ? 0.4404 0.3399 0.4459 0.0750 0.0338  0.0131  95  GLU A N   
622 C CA  . GLU A 95  ? 0.4430 0.3489 0.4589 0.0697 0.0527  0.0292  95  GLU A CA  
623 C C   . GLU A 95  ? 0.4613 0.3886 0.5243 0.0549 0.0515  0.0343  95  GLU A C   
624 O O   . GLU A 95  ? 0.4411 0.3641 0.5141 0.0569 0.0561  0.0367  95  GLU A O   
625 C CB  . GLU A 95  ? 0.4534 0.3688 0.4674 0.0643 0.0718  0.0454  95  GLU A CB  
626 C CG  . GLU A 95  ? 0.4875 0.4106 0.5258 0.0606 0.0881  0.0581  95  GLU A CG  
627 C CD  . GLU A 95  ? 0.5813 0.4766 0.5992 0.0768 0.1045  0.0599  95  GLU A CD  
628 O OE1 . GLU A 95  ? 0.5449 0.4468 0.5921 0.0737 0.1195  0.0697  95  GLU A OE1 
629 O OE2 . GLU A 95  ? 0.6265 0.4901 0.5970 0.0966 0.1017  0.0503  95  GLU A OE2 
630 N N   . ALA A 96  ? 0.4110 0.3562 0.4986 0.0434 0.0493  0.0381  96  ALA A N   
631 C CA  . ALA A 96  ? 0.4363 0.3907 0.5630 0.0362 0.0554  0.0456  96  ALA A CA  
632 C C   . ALA A 96  ? 0.4479 0.3911 0.6089 0.0391 0.0488  0.0324  96  ALA A C   
633 O O   . ALA A 96  ? 0.3983 0.3414 0.5808 0.0377 0.0591  0.0416  96  ALA A O   
634 C CB  . ALA A 96  ? 0.4330 0.3975 0.5748 0.0302 0.0598  0.0512  96  ALA A CB  
635 N N   . ALA A 97  ? 0.4366 0.3689 0.6063 0.0456 0.0287  0.0087  97  ALA A N   
636 C CA  . ALA A 97  ? 0.4477 0.3693 0.6642 0.0506 0.0146  -0.0118 97  ALA A CA  
637 C C   . ALA A 97  ? 0.4869 0.3946 0.6795 0.0605 0.0136  -0.0138 97  ALA A C   
638 O O   . ALA A 97  ? 0.4824 0.3874 0.7185 0.0592 0.0150  -0.0172 97  ALA A O   
639 C CB  . ALA A 97  ? 0.5069 0.4158 0.7299 0.0630 -0.0173 -0.0443 97  ALA A CB  
640 N N   . TYR A 98  ? 0.5151 0.4106 0.6415 0.0720 0.0154  -0.0106 98  TYR A N   
641 C CA  . TYR A 98  ? 0.5057 0.3841 0.6045 0.0841 0.0209  -0.0097 98  TYR A CA  
642 C C   . TYR A 98  ? 0.4970 0.3922 0.6286 0.0700 0.0412  0.0115  98  TYR A C   
643 O O   . TYR A 98  ? 0.5125 0.4003 0.6668 0.0732 0.0395  0.0063  98  TYR A O   
644 C CB  . TYR A 98  ? 0.5600 0.4180 0.5882 0.1008 0.0313  -0.0038 98  TYR A CB  
645 C CG  . TYR A 98  ? 0.5526 0.3930 0.5589 0.1126 0.0464  0.0025  98  TYR A CG  
646 C CD1 . TYR A 98  ? 0.6164 0.4217 0.5882 0.1397 0.0327  -0.0178 98  TYR A CD1 
647 C CD2 . TYR A 98  ? 0.5548 0.4120 0.5777 0.0998 0.0721  0.0264  98  TYR A CD2 
648 C CE1 . TYR A 98  ? 0.6379 0.4245 0.5881 0.1522 0.0503  -0.0108 98  TYR A CE1 
649 C CE2 . TYR A 98  ? 0.5984 0.4405 0.6119 0.1099 0.0883  0.0323  98  TYR A CE2 
650 C CZ  . TYR A 98  ? 0.6466 0.4530 0.6214 0.1355 0.0806  0.0159  98  TYR A CZ  
651 O OH  . TYR A 98  ? 0.6591 0.4487 0.6231 0.1468 0.1009  0.0237  98  TYR A OH  
652 N N   . HIS A 99  ? 0.4613 0.3767 0.5958 0.0574 0.0566  0.0331  99  HIS A N   
653 C CA  . HIS A 99  ? 0.4620 0.3883 0.6145 0.0513 0.0711  0.0516  99  HIS A CA  
654 C C   . HIS A 99  ? 0.4911 0.4193 0.6912 0.0460 0.0752  0.0547  99  HIS A C   
655 O O   . HIS A 99  ? 0.4783 0.4037 0.6960 0.0471 0.0842  0.0631  99  HIS A O   
656 C CB  . HIS A 99  ? 0.4772 0.4198 0.6157 0.0466 0.0785  0.0678  99  HIS A CB  
657 C CG  . HIS A 99  ? 0.4870 0.4275 0.6038 0.0511 0.0828  0.0683  99  HIS A CG  
658 N ND1 . HIS A 99  ? 0.4610 0.3971 0.5839 0.0557 0.0924  0.0731  99  HIS A ND1 
659 C CD2 . HIS A 99  ? 0.4719 0.4124 0.5705 0.0519 0.0842  0.0667  99  HIS A CD2 
660 C CE1 . HIS A 99  ? 0.4968 0.4288 0.6116 0.0595 0.1027  0.0747  99  HIS A CE1 
661 N NE2 . HIS A 99  ? 0.4565 0.3907 0.5562 0.0573 0.0983  0.0715  99  HIS A NE2 
662 N N   . ARG A 100 ? 0.4977 0.4284 0.7259 0.0413 0.0726  0.0491  100 ARG A N   
663 C CA  . ARG A 100 ? 0.4946 0.4227 0.7861 0.0373 0.0846  0.0527  100 ARG A CA  
664 C C   . ARG A 100 ? 0.5255 0.4419 0.8577 0.0409 0.0739  0.0337  100 ARG A C   
665 O O   . ARG A 100 ? 0.5538 0.4662 0.9249 0.0395 0.0906  0.0450  100 ARG A O   
666 C CB  . ARG A 100 ? 0.5345 0.4658 0.8656 0.0322 0.0858  0.0466  100 ARG A CB  
667 C CG  . ARG A 100 ? 0.5662 0.5056 0.8638 0.0309 0.1024  0.0689  100 ARG A CG  
668 C CD  . ARG A 100 ? 0.6448 0.5765 0.9503 0.0362 0.1345  0.0983  100 ARG A CD  
669 N NE  . ARG A 100 ? 0.6899 0.6222 0.9509 0.0431 0.1475  0.1176  100 ARG A NE  
670 C CZ  . ARG A 100 ? 0.7325 0.6492 0.9908 0.0552 0.1797  0.1437  100 ARG A CZ  
671 N NH1 . ARG A 100 ? 0.6568 0.5704 0.8607 0.0671 0.1846  0.1563  100 ARG A NH1 
672 N NH2 . ARG A 100 ? 0.8124 0.7120 1.1200 0.0592 0.2088  0.1578  100 ARG A NH2 
673 N N   . LEU A 101 ? 0.5475 0.4541 0.8670 0.0494 0.0455  0.0041  101 LEU A N   
674 C CA  . LEU A 101 ? 0.6038 0.4939 0.9434 0.0603 0.0268  -0.0205 101 LEU A CA  
675 C C   . LEU A 101 ? 0.7006 0.5855 1.0129 0.0639 0.0396  -0.0067 101 LEU A C   
676 O O   . LEU A 101 ? 0.7198 0.5927 1.0618 0.0703 0.0311  -0.0215 101 LEU A O   
677 C CB  . LEU A 101 ? 0.6218 0.4939 0.9200 0.0794 -0.0077 -0.0533 101 LEU A CB  
678 C CG  . LEU A 101 ? 0.7292 0.5758 1.0356 0.1010 -0.0400 -0.0901 101 LEU A CG  
679 C CD1 . LEU A 101 ? 0.7288 0.5792 1.1487 0.0954 -0.0568 -0.1153 101 LEU A CD1 
680 C CD2 . LEU A 101 ? 0.7590 0.5796 0.9874 0.1290 -0.0692 -0.1147 101 LEU A CD2 
681 N N   . HIS A 102 ? 0.7073 0.6012 0.9713 0.0606 0.0579  0.0189  102 HIS A N   
682 C CA  . HIS A 102 ? 0.7130 0.6030 0.9599 0.0646 0.0689  0.0301  102 HIS A CA  
683 C C   . HIS A 102 ? 0.6871 0.5905 0.9495 0.0565 0.0906  0.0589  102 HIS A C   
684 O O   . HIS A 102 ? 0.7181 0.6230 0.9623 0.0596 0.0980  0.0700  102 HIS A O   
685 C CB  . HIS A 102 ? 0.7032 0.5854 0.8881 0.0747 0.0697  0.0302  102 HIS A CB  
686 C CG  . HIS A 102 ? 0.7660 0.6211 0.9155 0.0944 0.0516  0.0040  102 HIS A CG  
687 N ND1 . HIS A 102 ? 0.8293 0.6597 0.9556 0.1127 0.0496  -0.0068 102 HIS A ND1 
688 C CD2 . HIS A 102 ? 0.7704 0.6142 0.8969 0.1044 0.0324  -0.0150 102 HIS A CD2 
689 C CE1 . HIS A 102 ? 0.8720 0.6729 0.9532 0.1370 0.0294  -0.0316 102 HIS A CE1 
690 N NE2 . HIS A 102 ? 0.8243 0.6333 0.9065 0.1325 0.0169  -0.0377 102 HIS A NE2 
691 N N   . SER A 103 ? 0.7670 0.6759 1.0611 0.0503 0.1016  0.0706  103 SER A N   
692 C CA  . SER A 103 ? 0.7932 0.7042 1.0875 0.0522 0.1230  0.0989  103 SER A CA  
693 C C   . SER A 103 ? 0.7579 0.6564 1.1037 0.0538 0.1378  0.1044  103 SER A C   
694 O O   . SER A 103 ? 0.8121 0.7039 1.2179 0.0495 0.1438  0.0966  103 SER A O   
695 C CB  . SER A 103 ? 0.8551 0.7686 1.1463 0.0518 0.1354  0.1128  103 SER A CB  
696 O OG  . SER A 103 ? 0.8348 0.7587 1.0732 0.0548 0.1270  0.1178  103 SER A OG  
# 
